data_3S8S
# 
_entry.id   3S8S 
# 
_audit_conform.dict_name       mmcif_pdbx.dic 
_audit_conform.dict_version    5.379 
_audit_conform.dict_location   http://mmcif.pdb.org/dictionaries/ascii/mmcif_pdbx.dic 
# 
loop_
_database_2.database_id 
_database_2.database_code 
_database_2.pdbx_database_accession 
_database_2.pdbx_DOI 
PDB   3S8S         pdb_00003s8s 10.2210/pdb3s8s/pdb 
RCSB  RCSB065904   ?            ?                   
WWPDB D_1000065904 ?            ?                   
# 
_pdbx_database_status.entry_id                        3S8S 
_pdbx_database_status.deposit_site                    RCSB 
_pdbx_database_status.process_site                    RCSB 
_pdbx_database_status.recvd_initial_deposition_date   2011-05-30 
_pdbx_database_status.status_code                     REL 
_pdbx_database_status.status_code_sf                  REL 
_pdbx_database_status.status_code_mr                  ? 
_pdbx_database_status.SG_entry                        Y 
_pdbx_database_status.status_code_cs                  ? 
_pdbx_database_status.pdb_format_compatible           Y 
_pdbx_database_status.status_code_nmr_data            ? 
_pdbx_database_status.methods_development_category    ? 
# 
loop_
_audit_author.name 
_audit_author.pdbx_ordinal 
'Chao, X.'                             1  
'Tempel, W.'                           2  
'Bian, C.'                             3  
'Cerovina, T.'                         4  
'Walker, J.R.'                         5  
'Bountra, C.'                          6  
'Weigelt, J.'                          7  
'Arrowsmith, C.H.'                     8  
'Edwards, A.M.'                        9  
'Min, J.'                              10 
'Structural Genomics Consortium (SGC)' 11 
# 
_citation.id                        primary 
_citation.title                     'Crystal structure of the RRM domain of human SETD1A' 
_citation.journal_abbrev            'to be published' 
_citation.journal_volume            ? 
_citation.page_first                ? 
_citation.page_last                 ? 
_citation.year                      ? 
_citation.journal_id_ASTM           ? 
_citation.country                   ? 
_citation.journal_id_ISSN           ? 
_citation.journal_id_CSD            0353 
_citation.book_publisher            ? 
_citation.pdbx_database_id_PubMed   ? 
_citation.pdbx_database_id_DOI      ? 
# 
loop_
_citation_author.citation_id 
_citation_author.name 
_citation_author.ordinal 
_citation_author.identifier_ORCID 
primary 'Chao, X.'         1  ? 
primary 'Tempel, W.'       2  ? 
primary 'Bian, C.'         3  ? 
primary 'Cerovina, T.'     4  ? 
primary 'Walker, J.R.'     5  ? 
primary 'Bountra, C.'      6  ? 
primary 'Weigelt, J.'      7  ? 
primary 'Arrowsmith, C.H.' 8  ? 
primary 'Edwards, A.M.'    9  ? 
primary 'Min, J.'          10 ? 
# 
_cell.entry_id           3S8S 
_cell.length_a           35.650 
_cell.length_b           31.510 
_cell.length_c           39.320 
_cell.angle_alpha        90.000 
_cell.angle_beta         114.120 
_cell.angle_gamma        90.000 
_cell.pdbx_unique_axis   ? 
_cell.Z_PDB              2 
_cell.length_a_esd       ? 
_cell.length_b_esd       ? 
_cell.length_c_esd       ? 
_cell.angle_alpha_esd    ? 
_cell.angle_beta_esd     ? 
_cell.angle_gamma_esd    ? 
# 
_symmetry.entry_id                         3S8S 
_symmetry.space_group_name_H-M             'P 1 21 1' 
_symmetry.Int_Tables_number                4 
_symmetry.pdbx_full_space_group_name_H-M   ? 
_symmetry.cell_setting                     ? 
_symmetry.space_group_name_Hall            ? 
# 
loop_
_entity.id 
_entity.type 
_entity.src_method 
_entity.pdbx_description 
_entity.formula_weight 
_entity.pdbx_number_of_molecules 
_entity.pdbx_ec 
_entity.pdbx_mutation 
_entity.pdbx_fragment 
_entity.details 
1 polymer     man 'Histone-lysine N-methyltransferase SETD1A' 12486.447 1  ? ? ? ? 
2 non-polymer syn 'UNKNOWN ATOM OR ION'                       ?         17 ? ? ? ? 
3 water       nat water                                       18.015    96 ? ? ? ? 
# 
_entity_name_com.entity_id   1 
_entity_name_com.name        
'Lysine N-methyltransferase 2F, SET domain-containing protein 1A, hSET1A, Set1/Ash2 histone methyltransferase complex subunit SET1' 
# 
_entity_poly.entity_id                      1 
_entity_poly.type                           'polypeptide(L)' 
_entity_poly.nstd_linkage                   no 
_entity_poly.nstd_monomer                   no 
_entity_poly.pdbx_seq_one_letter_code       
;GGQIPLKEVTFARLNDNVRETFLKDMCRKYGEVEEVEILLHPRTRKHLGLARVLFTSTRGAKETVKNLHLTSVMGNIIHA
QLDIKGQQRMKYYELIVNGSYTPQTVPTGG
;
_entity_poly.pdbx_seq_one_letter_code_can   
;GGQIPLKEVTFARLNDNVRETFLKDMCRKYGEVEEVEILLHPRTRKHLGLARVLFTSTRGAKETVKNLHLTSVMGNIIHA
QLDIKGQQRMKYYELIVNGSYTPQTVPTGG
;
_entity_poly.pdbx_strand_id                 A 
_entity_poly.pdbx_target_identifier         ? 
# 
loop_
_entity_poly_seq.entity_id 
_entity_poly_seq.num 
_entity_poly_seq.mon_id 
_entity_poly_seq.hetero 
1 1   GLY n 
1 2   GLY n 
1 3   GLN n 
1 4   ILE n 
1 5   PRO n 
1 6   LEU n 
1 7   LYS n 
1 8   GLU n 
1 9   VAL n 
1 10  THR n 
1 11  PHE n 
1 12  ALA n 
1 13  ARG n 
1 14  LEU n 
1 15  ASN n 
1 16  ASP n 
1 17  ASN n 
1 18  VAL n 
1 19  ARG n 
1 20  GLU n 
1 21  THR n 
1 22  PHE n 
1 23  LEU n 
1 24  LYS n 
1 25  ASP n 
1 26  MET n 
1 27  CYS n 
1 28  ARG n 
1 29  LYS n 
1 30  TYR n 
1 31  GLY n 
1 32  GLU n 
1 33  VAL n 
1 34  GLU n 
1 35  GLU n 
1 36  VAL n 
1 37  GLU n 
1 38  ILE n 
1 39  LEU n 
1 40  LEU n 
1 41  HIS n 
1 42  PRO n 
1 43  ARG n 
1 44  THR n 
1 45  ARG n 
1 46  LYS n 
1 47  HIS n 
1 48  LEU n 
1 49  GLY n 
1 50  LEU n 
1 51  ALA n 
1 52  ARG n 
1 53  VAL n 
1 54  LEU n 
1 55  PHE n 
1 56  THR n 
1 57  SER n 
1 58  THR n 
1 59  ARG n 
1 60  GLY n 
1 61  ALA n 
1 62  LYS n 
1 63  GLU n 
1 64  THR n 
1 65  VAL n 
1 66  LYS n 
1 67  ASN n 
1 68  LEU n 
1 69  HIS n 
1 70  LEU n 
1 71  THR n 
1 72  SER n 
1 73  VAL n 
1 74  MET n 
1 75  GLY n 
1 76  ASN n 
1 77  ILE n 
1 78  ILE n 
1 79  HIS n 
1 80  ALA n 
1 81  GLN n 
1 82  LEU n 
1 83  ASP n 
1 84  ILE n 
1 85  LYS n 
1 86  GLY n 
1 87  GLN n 
1 88  GLN n 
1 89  ARG n 
1 90  MET n 
1 91  LYS n 
1 92  TYR n 
1 93  TYR n 
1 94  GLU n 
1 95  LEU n 
1 96  ILE n 
1 97  VAL n 
1 98  ASN n 
1 99  GLY n 
1 100 SER n 
1 101 TYR n 
1 102 THR n 
1 103 PRO n 
1 104 GLN n 
1 105 THR n 
1 106 VAL n 
1 107 PRO n 
1 108 THR n 
1 109 GLY n 
1 110 GLY n 
# 
_entity_src_gen.entity_id                          1 
_entity_src_gen.pdbx_src_id                        1 
_entity_src_gen.pdbx_alt_source_flag               sample 
_entity_src_gen.pdbx_seq_type                      ? 
_entity_src_gen.pdbx_beg_seq_num                   ? 
_entity_src_gen.pdbx_end_seq_num                   ? 
_entity_src_gen.gene_src_common_name               human 
_entity_src_gen.gene_src_genus                     ? 
_entity_src_gen.pdbx_gene_src_gene                 'SETD1A, KIAA0339, KMT2F, SET1, SET1A' 
_entity_src_gen.gene_src_species                   ? 
_entity_src_gen.gene_src_strain                    ? 
_entity_src_gen.gene_src_tissue                    ? 
_entity_src_gen.gene_src_tissue_fraction           ? 
_entity_src_gen.gene_src_details                   ? 
_entity_src_gen.pdbx_gene_src_fragment             ? 
_entity_src_gen.pdbx_gene_src_scientific_name      'Homo sapiens' 
_entity_src_gen.pdbx_gene_src_ncbi_taxonomy_id     9606 
_entity_src_gen.pdbx_gene_src_variant              ? 
_entity_src_gen.pdbx_gene_src_cell_line            ? 
_entity_src_gen.pdbx_gene_src_atcc                 ? 
_entity_src_gen.pdbx_gene_src_organ                ? 
_entity_src_gen.pdbx_gene_src_organelle            ? 
_entity_src_gen.pdbx_gene_src_cell                 ? 
_entity_src_gen.pdbx_gene_src_cellular_location    ? 
_entity_src_gen.host_org_common_name               ? 
_entity_src_gen.pdbx_host_org_scientific_name      'Escherichia coli' 
_entity_src_gen.pdbx_host_org_ncbi_taxonomy_id     562 
_entity_src_gen.host_org_genus                     ? 
_entity_src_gen.pdbx_host_org_gene                 ? 
_entity_src_gen.pdbx_host_org_organ                ? 
_entity_src_gen.host_org_species                   ? 
_entity_src_gen.pdbx_host_org_tissue               ? 
_entity_src_gen.pdbx_host_org_tissue_fraction      ? 
_entity_src_gen.pdbx_host_org_strain               BL21-V2R-pRARE2 
_entity_src_gen.pdbx_host_org_variant              ? 
_entity_src_gen.pdbx_host_org_cell_line            ? 
_entity_src_gen.pdbx_host_org_atcc                 ? 
_entity_src_gen.pdbx_host_org_culture_collection   ? 
_entity_src_gen.pdbx_host_org_cell                 ? 
_entity_src_gen.pdbx_host_org_organelle            ? 
_entity_src_gen.pdbx_host_org_cellular_location    ? 
_entity_src_gen.pdbx_host_org_vector_type          plasmid 
_entity_src_gen.pdbx_host_org_vector               ? 
_entity_src_gen.host_org_details                   ? 
_entity_src_gen.expression_system_id               ? 
_entity_src_gen.plasmid_name                       pET28-MHL 
_entity_src_gen.plasmid_details                    ? 
_entity_src_gen.pdbx_description                   ? 
# 
_struct_ref.id                         1 
_struct_ref.db_name                    UNP 
_struct_ref.db_code                    SET1A_HUMAN 
_struct_ref.pdbx_db_accession          O15047 
_struct_ref.entity_id                  1 
_struct_ref.pdbx_seq_one_letter_code   
;GQIPLKEVTFARLNDNVRETFLKDMCRKYGEVEEVEILLHPRTRKHLGLARVLFTSTRGAKETVKNLHLTSVMGNIIHAQ
LDIKGQQRMKYYELIVNGSYTPQTVPTGG
;
_struct_ref.pdbx_align_begin           89 
_struct_ref.pdbx_db_isoform            ? 
# 
_struct_ref_seq.align_id                      1 
_struct_ref_seq.ref_id                        1 
_struct_ref_seq.pdbx_PDB_id_code              3S8S 
_struct_ref_seq.pdbx_strand_id                A 
_struct_ref_seq.seq_align_beg                 2 
_struct_ref_seq.pdbx_seq_align_beg_ins_code   ? 
_struct_ref_seq.seq_align_end                 110 
_struct_ref_seq.pdbx_seq_align_end_ins_code   ? 
_struct_ref_seq.pdbx_db_accession             O15047 
_struct_ref_seq.db_align_beg                  89 
_struct_ref_seq.pdbx_db_align_beg_ins_code    ? 
_struct_ref_seq.db_align_end                  197 
_struct_ref_seq.pdbx_db_align_end_ins_code    ? 
_struct_ref_seq.pdbx_auth_seq_align_beg       89 
_struct_ref_seq.pdbx_auth_seq_align_end       197 
# 
_struct_ref_seq_dif.align_id                     1 
_struct_ref_seq_dif.pdbx_pdb_id_code             3S8S 
_struct_ref_seq_dif.mon_id                       GLY 
_struct_ref_seq_dif.pdbx_pdb_strand_id           A 
_struct_ref_seq_dif.seq_num                      1 
_struct_ref_seq_dif.pdbx_pdb_ins_code            ? 
_struct_ref_seq_dif.pdbx_seq_db_name             UNP 
_struct_ref_seq_dif.pdbx_seq_db_accession_code   O15047 
_struct_ref_seq_dif.db_mon_id                    ? 
_struct_ref_seq_dif.pdbx_seq_db_seq_num          ? 
_struct_ref_seq_dif.details                      'expression tag' 
_struct_ref_seq_dif.pdbx_auth_seq_num            88 
_struct_ref_seq_dif.pdbx_ordinal                 1 
# 
loop_
_chem_comp.id 
_chem_comp.type 
_chem_comp.mon_nstd_flag 
_chem_comp.name 
_chem_comp.pdbx_synonyms 
_chem_comp.formula 
_chem_comp.formula_weight 
ALA 'L-peptide linking' y ALANINE               ? 'C3 H7 N O2'     89.093  
ARG 'L-peptide linking' y ARGININE              ? 'C6 H15 N4 O2 1' 175.209 
ASN 'L-peptide linking' y ASPARAGINE            ? 'C4 H8 N2 O3'    132.118 
ASP 'L-peptide linking' y 'ASPARTIC ACID'       ? 'C4 H7 N O4'     133.103 
CYS 'L-peptide linking' y CYSTEINE              ? 'C3 H7 N O2 S'   121.158 
GLN 'L-peptide linking' y GLUTAMINE             ? 'C5 H10 N2 O3'   146.144 
GLU 'L-peptide linking' y 'GLUTAMIC ACID'       ? 'C5 H9 N O4'     147.129 
GLY 'peptide linking'   y GLYCINE               ? 'C2 H5 N O2'     75.067  
HIS 'L-peptide linking' y HISTIDINE             ? 'C6 H10 N3 O2 1' 156.162 
HOH non-polymer         . WATER                 ? 'H2 O'           18.015  
ILE 'L-peptide linking' y ISOLEUCINE            ? 'C6 H13 N O2'    131.173 
LEU 'L-peptide linking' y LEUCINE               ? 'C6 H13 N O2'    131.173 
LYS 'L-peptide linking' y LYSINE                ? 'C6 H15 N2 O2 1' 147.195 
MET 'L-peptide linking' y METHIONINE            ? 'C5 H11 N O2 S'  149.211 
PHE 'L-peptide linking' y PHENYLALANINE         ? 'C9 H11 N O2'    165.189 
PRO 'L-peptide linking' y PROLINE               ? 'C5 H9 N O2'     115.130 
SER 'L-peptide linking' y SERINE                ? 'C3 H7 N O3'     105.093 
THR 'L-peptide linking' y THREONINE             ? 'C4 H9 N O3'     119.119 
TYR 'L-peptide linking' y TYROSINE              ? 'C9 H11 N O3'    181.189 
UNX non-polymer         . 'UNKNOWN ATOM OR ION' ? ?                ?       
VAL 'L-peptide linking' y VALINE                ? 'C5 H11 N O2'    117.146 
# 
_exptl.crystals_number   1 
_exptl.entry_id          3S8S 
_exptl.method            'X-RAY DIFFRACTION' 
# 
_exptl_crystal.id                    1 
_exptl_crystal.density_percent_sol   23.80 
_exptl_crystal.density_Matthews      1.61 
_exptl_crystal.density_meas          ? 
_exptl_crystal.description           ? 
_exptl_crystal.F_000                 ? 
_exptl_crystal.preparation           ? 
# 
_exptl_crystal_grow.crystal_id      1 
_exptl_crystal_grow.method          'VAPOR DIFFUSION' 
_exptl_crystal_grow.pH              7.0 
_exptl_crystal_grow.temp            291 
_exptl_crystal_grow.pdbx_details    '1.5 M ammonium sulfate, 0.1 M bistris propane, pH 7.0, vapor diffusion, temperature 291K' 
_exptl_crystal_grow.temp_details    ? 
_exptl_crystal_grow.pdbx_pH_range   ? 
# 
_diffrn.id                     1 
_diffrn.ambient_temp           100 
_diffrn.ambient_temp_details   ? 
_diffrn.crystal_id             1 
# 
_diffrn_detector.diffrn_id              1 
_diffrn_detector.detector               CCD 
_diffrn_detector.type                   'MARMOSAIC 300 mm CCD' 
_diffrn_detector.pdbx_collection_date   2011-04-08 
_diffrn_detector.details                ? 
# 
_diffrn_radiation.diffrn_id                        1 
_diffrn_radiation.pdbx_diffrn_protocol             'SINGLE WAVELENGTH' 
_diffrn_radiation.monochromator                    ? 
_diffrn_radiation.wavelength_id                    1 
_diffrn_radiation.pdbx_monochromatic_or_laue_m_l   M 
_diffrn_radiation.pdbx_scattering_type             x-ray 
# 
_diffrn_radiation_wavelength.id           1 
_diffrn_radiation_wavelength.wavelength   0.97941 
_diffrn_radiation_wavelength.wt           1.0 
# 
_diffrn_source.diffrn_id                   1 
_diffrn_source.source                      SYNCHROTRON 
_diffrn_source.type                        'APS BEAMLINE 23-ID-B' 
_diffrn_source.pdbx_wavelength_list        0.97941 
_diffrn_source.pdbx_wavelength             ? 
_diffrn_source.pdbx_synchrotron_site       APS 
_diffrn_source.pdbx_synchrotron_beamline   23-ID-B 
# 
_reflns.entry_id                     3S8S 
_reflns.d_resolution_high            1.300 
_reflns.number_obs                   19651 
_reflns.pdbx_Rmerge_I_obs            0.066 
_reflns.pdbx_netI_over_sigmaI        12.390 
_reflns.percent_possible_obs         98.900 
_reflns.B_iso_Wilson_estimate        16.625 
_reflns.observed_criterion_sigma_I   -3.00 
_reflns.observed_criterion_sigma_F   ? 
_reflns.d_resolution_low             31.290 
_reflns.number_all                   ? 
_reflns.pdbx_Rsym_value              ? 
_reflns.pdbx_redundancy              ? 
_reflns.R_free_details               ? 
_reflns.limit_h_max                  ? 
_reflns.limit_h_min                  ? 
_reflns.limit_k_max                  ? 
_reflns.limit_k_min                  ? 
_reflns.limit_l_max                  ? 
_reflns.limit_l_min                  ? 
_reflns.observed_criterion_F_max     ? 
_reflns.observed_criterion_F_min     ? 
_reflns.pdbx_chi_squared             ? 
_reflns.pdbx_scaling_rejects         ? 
_reflns.pdbx_ordinal                 1 
_reflns.pdbx_diffrn_id               1 
# 
loop_
_reflns_shell.d_res_high 
_reflns_shell.d_res_low 
_reflns_shell.number_measured_obs 
_reflns_shell.number_measured_all 
_reflns_shell.number_unique_obs 
_reflns_shell.Rmerge_I_obs 
_reflns_shell.meanI_over_sigI_obs 
_reflns_shell.pdbx_Rsym_value 
_reflns_shell.pdbx_chi_squared 
_reflns_shell.pdbx_redundancy 
_reflns_shell.percent_possible_obs 
_reflns_shell.number_unique_all 
_reflns_shell.percent_possible_all 
_reflns_shell.pdbx_ordinal 
_reflns_shell.pdbx_diffrn_id 
1.30 1.33 4712 ? 1410 0.705 1.9  ? ? ? ? ? 96.30 1  1 
1.33 1.37 5069 ? 1435 0.607 2.3  ? ? ? ? ? 99.60 2  1 
1.37 1.41 4882 ? 1374 0.467 2.9  ? ? ? ? ? 99.40 3  1 
1.41 1.45 4739 ? 1318 0.394 3.6  ? ? ? ? ? 99.50 4  1 
1.45 1.50 4690 ? 1300 0.303 4.7  ? ? ? ? ? 99.30 5  1 
1.50 1.55 4426 ? 1231 0.242 5.5  ? ? ? ? ? 99.60 6  1 
1.55 1.61 4482 ? 1233 0.194 6.7  ? ? ? ? ? 99.80 7  1 
1.61 1.68 4209 ? 1147 0.164 8.1  ? ? ? ? ? 99.70 8  1 
1.68 1.75 4130 ? 1129 0.129 9.6  ? ? ? ? ? 99.40 9  1 
1.75 1.84 3966 ? 1075 0.093 12.6 ? ? ? ? ? 99.30 10 1 
1.84 1.94 3646 ? 1015 0.075 15.7 ? ? ? ? ? 99.70 11 1 
1.94 2.06 3530 ? 964  0.056 19.2 ? ? ? ? ? 98.80 12 1 
2.06 2.20 3248 ? 899  0.050 22.1 ? ? ? ? ? 98.00 13 1 
2.20 2.37 3018 ? 836  0.045 24.6 ? ? ? ? ? 98.20 14 1 
2.37 2.60 2863 ? 781  0.042 26.7 ? ? ? ? ? 98.60 15 1 
2.60 2.91 2555 ? 705  0.039 28.3 ? ? ? ? ? 98.90 16 1 
2.91 3.36 2217 ? 614  0.034 30.5 ? ? ? ? ? 98.20 17 1 
3.36 4.11 1891 ? 528  0.032 33.2 ? ? ? ? ? 96.90 18 1 
4.11 5.81 1501 ? 419  0.031 34.2 ? ? ? ? ? 98.40 19 1 
5.81 ?    797  ? 238  0.030 32.5 ? ? ? ? ? 96.00 20 1 
# 
_refine.entry_id                                 3S8S 
_refine.ls_d_res_high                            1.300 
_refine.ls_d_res_low                             31.290 
_refine.pdbx_ls_sigma_F                          0.00 
_refine.ls_percent_reflns_obs                    98.970 
_refine.ls_number_reflns_obs                     19618 
_refine.pdbx_ls_cross_valid_method               THROUGHOUT 
_refine.pdbx_R_Free_selection_details            RANDOM 
_refine.details                                  
;HYDROGENS HAVE BEEN ADDED IN THE RIDING POSITIONS. Programs BUCCANEER and COOT were also used during refinement. The MOLPROBITY server was used for model geometry validation. Significant difference density remains for the current model around the side chain of residue His-166.
;
_refine.ls_R_factor_obs                          0.170 
_refine.ls_R_factor_R_work                       0.168 
_refine.ls_R_factor_R_free                       0.198 
_refine.ls_percent_reflns_R_free                 5.100 
_refine.ls_number_reflns_R_free                  995 
_refine.B_iso_mean                               8.620 
_refine.aniso_B[1][1]                            0.130 
_refine.aniso_B[2][2]                            -0.070 
_refine.aniso_B[3][3]                            0.100 
_refine.aniso_B[1][2]                            0.000 
_refine.aniso_B[1][3]                            0.200 
_refine.aniso_B[2][3]                            0.000 
_refine.correlation_coeff_Fo_to_Fc               0.969 
_refine.correlation_coeff_Fo_to_Fc_free          0.951 
_refine.pdbx_overall_ESU_R_Free                  0.061 
_refine.overall_SU_ML                            0.040 
_refine.overall_SU_B                             0.950 
_refine.solvent_model_details                    MASK 
_refine.pdbx_solvent_vdw_probe_radii             1.400 
_refine.pdbx_solvent_ion_probe_radii             0.800 
_refine.pdbx_solvent_shrinkage_radii             0.800 
_refine.pdbx_method_to_determine_struct          'MOLECULAR REPLACEMENT' 
_refine.pdbx_stereochemistry_target_values       'MAXIMUM LIKELIHOOD' 
_refine.pdbx_ls_sigma_I                          ? 
_refine.ls_number_reflns_all                     ? 
_refine.ls_R_factor_all                          ? 
_refine.ls_redundancy_reflns_obs                 ? 
_refine.pdbx_data_cutoff_high_absF               ? 
_refine.pdbx_data_cutoff_low_absF                ? 
_refine.ls_number_parameters                     ? 
_refine.ls_number_restraints                     ? 
_refine.ls_R_factor_R_free_error                 ? 
_refine.ls_R_factor_R_free_error_details         ? 
_refine.pdbx_starting_model                      'composite of pdb entries 3LPY and 2J8A' 
_refine.pdbx_stereochem_target_val_spec_case     ? 
_refine.solvent_model_param_bsol                 ? 
_refine.solvent_model_param_ksol                 ? 
_refine.occupancy_max                            ? 
_refine.occupancy_min                            ? 
_refine.pdbx_isotropic_thermal_model             ? 
_refine.B_iso_min                                ? 
_refine.B_iso_max                                ? 
_refine.overall_SU_R_Cruickshank_DPI             ? 
_refine.overall_SU_R_free                        ? 
_refine.pdbx_data_cutoff_high_rms_absF           ? 
_refine.ls_wR_factor_R_free                      ? 
_refine.ls_wR_factor_R_work                      ? 
_refine.overall_FOM_free_R_set                   ? 
_refine.overall_FOM_work_R_set                   ? 
_refine.pdbx_overall_phase_error                 ? 
_refine.pdbx_diffrn_id                           1 
_refine.pdbx_refine_id                           'X-RAY DIFFRACTION' 
_refine.pdbx_overall_ESU_R                       ? 
_refine.pdbx_TLS_residual_ADP_flag               ? 
_refine.pdbx_overall_SU_R_free_Cruickshank_DPI   ? 
_refine.pdbx_overall_SU_R_Blow_DPI               ? 
_refine.pdbx_overall_SU_R_free_Blow_DPI          ? 
# 
_refine_hist.pdbx_refine_id                   'X-RAY DIFFRACTION' 
_refine_hist.cycle_id                         LAST 
_refine_hist.pdbx_number_atoms_protein        850 
_refine_hist.pdbx_number_atoms_nucleic_acid   0 
_refine_hist.pdbx_number_atoms_ligand         17 
_refine_hist.number_atoms_solvent             96 
_refine_hist.number_atoms_total               963 
_refine_hist.d_res_high                       1.300 
_refine_hist.d_res_low                        31.290 
# 
loop_
_refine_ls_restr.type 
_refine_ls_restr.number 
_refine_ls_restr.dev_ideal 
_refine_ls_restr.dev_ideal_target 
_refine_ls_restr.weight 
_refine_ls_restr.pdbx_restraint_function 
_refine_ls_restr.pdbx_refine_id 
r_bond_refined_d       916  0.014  0.022  ? ? 'X-RAY DIFFRACTION' 
r_bond_other_d         631  0.001  0.020  ? ? 'X-RAY DIFFRACTION' 
r_angle_refined_deg    1252 1.425  1.966  ? ? 'X-RAY DIFFRACTION' 
r_angle_other_deg      1554 0.891  3.000  ? ? 'X-RAY DIFFRACTION' 
r_dihedral_angle_1_deg 123  5.657  5.000  ? ? 'X-RAY DIFFRACTION' 
r_dihedral_angle_2_deg 39   39.815 23.333 ? ? 'X-RAY DIFFRACTION' 
r_dihedral_angle_3_deg 177  10.519 15.000 ? ? 'X-RAY DIFFRACTION' 
r_dihedral_angle_4_deg 7    11.439 15.000 ? ? 'X-RAY DIFFRACTION' 
r_chiral_restr         150  0.095  0.200  ? ? 'X-RAY DIFFRACTION' 
r_gen_planes_refined   1007 0.006  0.020  ? ? 'X-RAY DIFFRACTION' 
r_gen_planes_other     180  0.001  0.020  ? ? 'X-RAY DIFFRACTION' 
r_mcbond_it            558  1.158  1.500  ? ? 'X-RAY DIFFRACTION' 
r_mcbond_other         225  0.379  1.500  ? ? 'X-RAY DIFFRACTION' 
r_mcangle_it           923  1.966  2.000  ? ? 'X-RAY DIFFRACTION' 
r_scbond_it            358  2.752  3.000  ? ? 'X-RAY DIFFRACTION' 
r_scangle_it           320  4.342  4.500  ? ? 'X-RAY DIFFRACTION' 
# 
_refine_ls_shell.d_res_high                       1.300 
_refine_ls_shell.d_res_low                        1.33 
_refine_ls_shell.pdbx_total_number_of_bins_used   20 
_refine_ls_shell.percent_reflns_obs               96.370 
_refine_ls_shell.number_reflns_R_work             1345 
_refine_ls_shell.R_factor_all                     ? 
_refine_ls_shell.R_factor_R_work                  0.257 
_refine_ls_shell.R_factor_R_free                  0.264 
_refine_ls_shell.percent_reflns_R_free            ? 
_refine_ls_shell.number_reflns_R_free             62 
_refine_ls_shell.R_factor_R_free_error            ? 
_refine_ls_shell.number_reflns_all                1407 
_refine_ls_shell.number_reflns_obs                ? 
_refine_ls_shell.redundancy_reflns_obs            ? 
_refine_ls_shell.pdbx_refine_id                   'X-RAY DIFFRACTION' 
# 
_struct.entry_id                  3S8S 
_struct.title                     'Crystal structure of the RRM domain of human SETD1A' 
_struct.pdbx_model_details        ? 
_struct.pdbx_CASP_flag            ? 
_struct.pdbx_model_type_details   ? 
# 
_struct_keywords.entry_id        3S8S 
_struct_keywords.pdbx_keywords   TRANSCRIPTION 
_struct_keywords.text            
'chromatin modification, transcription regulation, Structural Genomics, Structural Genomics Consortium, SGC, TRANSCRIPTION' 
# 
loop_
_struct_asym.id 
_struct_asym.pdbx_blank_PDB_chainid_flag 
_struct_asym.pdbx_modified 
_struct_asym.entity_id 
_struct_asym.details 
A N N 1 ? 
B N N 2 ? 
C N N 2 ? 
D N N 2 ? 
E N N 2 ? 
F N N 2 ? 
G N N 2 ? 
H N N 2 ? 
I N N 2 ? 
J N N 2 ? 
K N N 2 ? 
L N N 2 ? 
M N N 2 ? 
N N N 2 ? 
O N N 2 ? 
P N N 2 ? 
Q N N 2 ? 
R N N 2 ? 
S N N 3 ? 
# 
_struct_biol.id        1 
_struct_biol.details   'AUTHORS STATE THAT THE BIOLOGICAL ASSEMBLY IS UNKNOWN.' 
# 
loop_
_struct_conf.conf_type_id 
_struct_conf.id 
_struct_conf.pdbx_PDB_helix_id 
_struct_conf.beg_label_comp_id 
_struct_conf.beg_label_asym_id 
_struct_conf.beg_label_seq_id 
_struct_conf.pdbx_beg_PDB_ins_code 
_struct_conf.end_label_comp_id 
_struct_conf.end_label_asym_id 
_struct_conf.end_label_seq_id 
_struct_conf.pdbx_end_PDB_ins_code 
_struct_conf.beg_auth_comp_id 
_struct_conf.beg_auth_asym_id 
_struct_conf.beg_auth_seq_id 
_struct_conf.end_auth_comp_id 
_struct_conf.end_auth_asym_id 
_struct_conf.end_auth_seq_id 
_struct_conf.pdbx_PDB_helix_class 
_struct_conf.details 
_struct_conf.pdbx_PDB_helix_length 
HELX_P HELX_P1 1 ARG A 19 ? ARG A 28 ? ARG A 106 ARG A 115 1 ? 10 
HELX_P HELX_P2 2 SER A 57 ? HIS A 69 ? SER A 144 HIS A 156 1 ? 13 
HELX_P HELX_P3 3 GLY A 86 ? ASN A 98 ? GLY A 173 ASN A 185 1 ? 13 
# 
_struct_conf_type.id          HELX_P 
_struct_conf_type.criteria    ? 
_struct_conf_type.reference   ? 
# 
loop_
_struct_sheet.id 
_struct_sheet.type 
_struct_sheet.number_strands 
_struct_sheet.details 
A ? 4 ? 
B ? 2 ? 
# 
loop_
_struct_sheet_order.sheet_id 
_struct_sheet_order.range_id_1 
_struct_sheet_order.range_id_2 
_struct_sheet_order.offset 
_struct_sheet_order.sense 
A 1 2 ? anti-parallel 
A 2 3 ? anti-parallel 
A 3 4 ? anti-parallel 
B 1 2 ? anti-parallel 
# 
loop_
_struct_sheet_range.sheet_id 
_struct_sheet_range.id 
_struct_sheet_range.beg_label_comp_id 
_struct_sheet_range.beg_label_asym_id 
_struct_sheet_range.beg_label_seq_id 
_struct_sheet_range.pdbx_beg_PDB_ins_code 
_struct_sheet_range.end_label_comp_id 
_struct_sheet_range.end_label_asym_id 
_struct_sheet_range.end_label_seq_id 
_struct_sheet_range.pdbx_end_PDB_ins_code 
_struct_sheet_range.beg_auth_comp_id 
_struct_sheet_range.beg_auth_asym_id 
_struct_sheet_range.beg_auth_seq_id 
_struct_sheet_range.end_auth_comp_id 
_struct_sheet_range.end_auth_asym_id 
_struct_sheet_range.end_auth_seq_id 
A 1 VAL A 33 ? LEU A 40 ? VAL A 120 LEU A 127 
A 2 HIS A 47 ? PHE A 55 ? HIS A 134 PHE A 142 
A 3 GLU A 8  ? ALA A 12 ? GLU A 95  ALA A 99  
A 4 HIS A 79 ? LEU A 82 ? HIS A 166 LEU A 169 
B 1 SER A 72 ? VAL A 73 ? SER A 159 VAL A 160 
B 2 ASN A 76 ? ILE A 77 ? ASN A 163 ILE A 164 
# 
loop_
_pdbx_struct_sheet_hbond.sheet_id 
_pdbx_struct_sheet_hbond.range_id_1 
_pdbx_struct_sheet_hbond.range_id_2 
_pdbx_struct_sheet_hbond.range_1_label_atom_id 
_pdbx_struct_sheet_hbond.range_1_label_comp_id 
_pdbx_struct_sheet_hbond.range_1_label_asym_id 
_pdbx_struct_sheet_hbond.range_1_label_seq_id 
_pdbx_struct_sheet_hbond.range_1_PDB_ins_code 
_pdbx_struct_sheet_hbond.range_1_auth_atom_id 
_pdbx_struct_sheet_hbond.range_1_auth_comp_id 
_pdbx_struct_sheet_hbond.range_1_auth_asym_id 
_pdbx_struct_sheet_hbond.range_1_auth_seq_id 
_pdbx_struct_sheet_hbond.range_2_label_atom_id 
_pdbx_struct_sheet_hbond.range_2_label_comp_id 
_pdbx_struct_sheet_hbond.range_2_label_asym_id 
_pdbx_struct_sheet_hbond.range_2_label_seq_id 
_pdbx_struct_sheet_hbond.range_2_PDB_ins_code 
_pdbx_struct_sheet_hbond.range_2_auth_atom_id 
_pdbx_struct_sheet_hbond.range_2_auth_comp_id 
_pdbx_struct_sheet_hbond.range_2_auth_asym_id 
_pdbx_struct_sheet_hbond.range_2_auth_seq_id 
A 1 2 N GLU A 34 ? N GLU A 121 O LEU A 54 ? O LEU A 141 
A 2 3 O VAL A 53 ? O VAL A 140 N VAL A 9  ? N VAL A 96  
A 3 4 N THR A 10 ? N THR A 97  O GLN A 81 ? O GLN A 168 
B 1 2 N VAL A 73 ? N VAL A 160 O ASN A 76 ? O ASN A 163 
# 
_atom_sites.entry_id                    3S8S 
_atom_sites.fract_transf_matrix[1][1]   -0.01631831 
_atom_sites.fract_transf_matrix[1][2]   -0.00554209 
_atom_sites.fract_transf_matrix[1][3]   0.02544560 
_atom_sites.fract_transf_matrix[2][1]   0.01822287 
_atom_sites.fract_transf_matrix[2][2]   -0.02523454 
_atom_sites.fract_transf_matrix[2][3]   0.00619023 
_atom_sites.fract_transf_matrix[3][1]   0.00980345 
_atom_sites.fract_transf_matrix[3][2]   0.01267184 
_atom_sites.fract_transf_matrix[3][3]   0.02279735 
_atom_sites.fract_transf_vector[1]      0.240080 
_atom_sites.fract_transf_vector[2]      0.220950 
_atom_sites.fract_transf_vector[3]      0.230321 
# 
loop_
_atom_type.symbol 
C 
N 
O 
S 
X 
# 
loop_
_atom_site.group_PDB 
_atom_site.id 
_atom_site.type_symbol 
_atom_site.label_atom_id 
_atom_site.label_alt_id 
_atom_site.label_comp_id 
_atom_site.label_asym_id 
_atom_site.label_entity_id 
_atom_site.label_seq_id 
_atom_site.pdbx_PDB_ins_code 
_atom_site.Cartn_x 
_atom_site.Cartn_y 
_atom_site.Cartn_z 
_atom_site.occupancy 
_atom_site.B_iso_or_equiv 
_atom_site.pdbx_formal_charge 
_atom_site.auth_seq_id 
_atom_site.auth_comp_id 
_atom_site.auth_asym_id 
_atom_site.auth_atom_id 
_atom_site.pdbx_PDB_model_num 
ATOM   1    N N   . GLY A 1 2   ? 14.774  -6.740  10.749  1.00 25.04 ? 89  GLY A N   1 
ATOM   2    C CA  . GLY A 1 2   ? 14.515  -7.547  9.514   1.00 24.19 ? 89  GLY A CA  1 
ATOM   3    C C   . GLY A 1 2   ? 15.764  -8.213  8.972   1.00 22.66 ? 89  GLY A C   1 
ATOM   4    O O   . GLY A 1 2   ? 16.859  -7.687  9.098   1.00 22.65 ? 89  GLY A O   1 
ATOM   5    N N   . GLN A 1 3   ? 15.590  -9.368  8.351   1.00 19.84 ? 90  GLN A N   1 
ATOM   6    C CA  . GLN A 1 3   ? 16.737  -10.146 7.861   1.00 18.99 ? 90  GLN A CA  1 
ATOM   7    C C   . GLN A 1 3   ? 17.308  -9.605  6.573   1.00 19.84 ? 90  GLN A C   1 
ATOM   8    O O   . GLN A 1 3   ? 18.433  -9.954  6.195   1.00 20.73 ? 90  GLN A O   1 
ATOM   9    C CB  . GLN A 1 3   ? 16.334  -11.598 7.681   1.00 18.30 ? 90  GLN A CB  1 
ATOM   10   C CG  . GLN A 1 3   ? 15.862  -12.228 8.990   1.00 18.13 ? 90  GLN A CG  1 
ATOM   11   C CD  . GLN A 1 3   ? 16.929  -12.298 10.052  1.00 16.43 ? 90  GLN A CD  1 
ATOM   12   O OE1 . GLN A 1 3   ? 18.127  -12.261 9.757   1.00 17.25 ? 90  GLN A OE1 1 
ATOM   13   N NE2 . GLN A 1 3   ? 16.507  -12.429 11.317  1.00 18.82 ? 90  GLN A NE2 1 
ATOM   14   N N   . ILE A 1 4   ? 16.515  -8.780  5.892   1.00 19.40 ? 91  ILE A N   1 
ATOM   15   C CA  . ILE A 1 4   ? 16.934  -8.053  4.691   1.00 19.64 ? 91  ILE A CA  1 
ATOM   16   C C   . ILE A 1 4   ? 16.411  -6.607  4.808   1.00 19.36 ? 91  ILE A C   1 
ATOM   17   O O   . ILE A 1 4   ? 15.589  -6.344  5.677   1.00 18.03 ? 91  ILE A O   1 
ATOM   18   C CB  . ILE A 1 4   ? 16.407  -8.734  3.408   1.00 19.95 ? 91  ILE A CB  1 
ATOM   19   C CG1 . ILE A 1 4   ? 14.876  -8.744  3.365   1.00 21.58 ? 91  ILE A CG1 1 
ATOM   20   C CG2 . ILE A 1 4   ? 16.929  -10.177 3.294   1.00 21.92 ? 91  ILE A CG2 1 
ATOM   21   C CD1 . ILE A 1 4   ? 14.320  -9.637  2.271   1.00 29.00 ? 91  ILE A CD1 1 
ATOM   22   N N   . PRO A 1 5   ? 16.878  -5.680  3.929   1.00 19.46 ? 92  PRO A N   1 
ATOM   23   C CA  . PRO A 1 5   ? 16.426  -4.270  3.912   1.00 18.05 ? 92  PRO A CA  1 
ATOM   24   C C   . PRO A 1 5   ? 14.915  -4.151  3.765   1.00 14.77 ? 92  PRO A C   1 
ATOM   25   O O   . PRO A 1 5   ? 14.364  -4.793  2.897   1.00 17.31 ? 92  PRO A O   1 
ATOM   26   C CB  . PRO A 1 5   ? 17.084  -3.702  2.639   1.00 19.28 ? 92  PRO A CB  1 
ATOM   27   C CG  . PRO A 1 5   ? 18.211  -4.610  2.318   1.00 20.87 ? 92  PRO A CG  1 
ATOM   28   C CD  . PRO A 1 5   ? 17.812  -5.957  2.813   1.00 21.46 ? 92  PRO A CD  1 
ATOM   29   N N   . LEU A 1 6   ? 14.278  -3.344  4.622   1.00 10.83 ? 93  LEU A N   1 
ATOM   30   C CA  . LEU A 1 6   ? 12.824  -3.141  4.589   1.00 9.85  ? 93  LEU A CA  1 
ATOM   31   C C   . LEU A 1 6   ? 12.558  -1.780  3.935   1.00 9.39  ? 93  LEU A C   1 
ATOM   32   O O   . LEU A 1 6   ? 12.528  -0.720  4.578   1.00 10.52 ? 93  LEU A O   1 
ATOM   33   C CB  . LEU A 1 6   ? 12.252  -3.211  5.990   1.00 12.21 ? 93  LEU A CB  1 
ATOM   34   C CG  . LEU A 1 6   ? 12.551  -4.538  6.710   1.00 12.73 ? 93  LEU A CG  1 
ATOM   35   C CD1 . LEU A 1 6   ? 12.134  -4.446  8.177   1.00 16.76 ? 93  LEU A CD1 1 
ATOM   36   C CD2 . LEU A 1 6   ? 11.921  -5.746  6.038   1.00 15.69 ? 93  LEU A CD2 1 
ATOM   37   N N   . LYS A 1 7   ? 12.436  -1.822  2.623   1.00 6.97  ? 94  LYS A N   1 
ATOM   38   C CA  . LYS A 1 7   ? 12.275  -0.601  1.793   1.00 7.93  ? 94  LYS A CA  1 
ATOM   39   C C   . LYS A 1 7   ? 10.904  -0.487  1.142   1.00 6.61  ? 94  LYS A C   1 
ATOM   40   O O   . LYS A 1 7   ? 10.602  0.539   0.511   1.00 7.52  ? 94  LYS A O   1 
ATOM   41   C CB  . LYS A 1 7   ? 13.340  -0.590  0.714   1.00 8.32  ? 94  LYS A CB  1 
ATOM   42   C CG  . LYS A 1 7   ? 14.757  -0.303  1.248   1.00 13.30 ? 94  LYS A CG  1 
ATOM   43   C CD  . LYS A 1 7   ? 15.774  -0.197  0.123   1.00 12.50 ? 94  LYS A CD  1 
ATOM   44   C CE  . LYS A 1 7   ? 17.137  0.121   0.676   1.00 15.50 ? 94  LYS A CE  1 
ATOM   45   N NZ  . LYS A 1 7   ? 18.098  0.164   -0.452  1.00 17.38 ? 94  LYS A NZ  1 
ATOM   46   N N   . GLU A 1 8   ? 10.068  -1.501  1.302   1.00 7.23  ? 95  GLU A N   1 
ATOM   47   C CA  . GLU A 1 8   ? 8.781   -1.519  0.613   1.00 6.80  ? 95  GLU A CA  1 
ATOM   48   C C   . GLU A 1 8   ? 7.616   -1.508  1.583   1.00 6.84  ? 95  GLU A C   1 
ATOM   49   O O   . GLU A 1 8   ? 7.610   -2.252  2.569   1.00 7.86  ? 95  GLU A O   1 
ATOM   50   C CB  . GLU A 1 8   ? 8.675   -2.748  -0.289  1.00 8.28  ? 95  GLU A CB  1 
ATOM   51   C CG  . GLU A 1 8   ? 7.607   -2.614  -1.349  1.00 10.76 ? 95  GLU A CG  1 
ATOM   52   C CD  . GLU A 1 8   ? 7.845   -3.559  -2.544  1.00 14.83 ? 95  GLU A CD  1 
ATOM   53   O OE1 . GLU A 1 8   ? 7.445   -4.755  -2.400  1.00 17.25 ? 95  GLU A OE1 1 
ATOM   54   O OE2 . GLU A 1 8   ? 8.383   -3.119  -3.626  1.00 15.66 ? 95  GLU A OE2 1 
ATOM   55   N N   . VAL A 1 9   ? 6.628   -0.679  1.272   1.00 5.59  ? 96  VAL A N   1 
ATOM   56   C CA  . VAL A 1 9   ? 5.435   -0.498  2.092   1.00 6.22  ? 96  VAL A CA  1 
ATOM   57   C C   . VAL A 1 9   ? 4.225   -1.049  1.347   1.00 5.68  ? 96  VAL A C   1 
ATOM   58   O O   . VAL A 1 9   ? 4.075   -0.805  0.153   1.00 6.01  ? 96  VAL A O   1 
ATOM   59   C CB  . VAL A 1 9   ? 5.206   0.992   2.458   1.00 5.66  ? 96  VAL A CB  1 
ATOM   60   C CG1 . VAL A 1 9   ? 3.916   1.181   3.258   1.00 7.09  ? 96  VAL A CG1 1 
ATOM   61   C CG2 . VAL A 1 9   ? 6.427   1.549   3.260   1.00 7.37  ? 96  VAL A CG2 1 
ATOM   62   N N   . THR A 1 10  ? 3.411   -1.825  2.035   1.00 5.40  ? 97  THR A N   1 
ATOM   63   C CA  . THR A 1 10  ? 2.115   -2.247  1.548   1.00 5.60  ? 97  THR A CA  1 
ATOM   64   C C   . THR A 1 10  ? 1.029   -1.390  2.168   1.00 5.59  ? 97  THR A C   1 
ATOM   65   O O   . THR A 1 10  ? 1.026   -1.187  3.376   1.00 5.80  ? 97  THR A O   1 
ATOM   66   C CB  . THR A 1 10  ? 1.851   -3.728  1.857   1.00 6.81  ? 97  THR A CB  1 
ATOM   67   O OG1 . THR A 1 10  ? 2.644   -4.506  0.966   1.00 7.48  ? 97  THR A OG1 1 
ATOM   68   C CG2 . THR A 1 10  ? 0.362   -4.085  1.691   1.00 8.70  ? 97  THR A CG2 1 
ATOM   69   N N   . PHE A 1 11  ? 0.153   -0.871  1.329   1.00 5.35  ? 98  PHE A N   1 
ATOM   70   C CA  . PHE A 1 11  ? -1.016  -0.125  1.706   1.00 4.64  ? 98  PHE A CA  1 
ATOM   71   C C   . PHE A 1 11  ? -2.238  -0.980  1.467   1.00 5.50  ? 98  PHE A C   1 
ATOM   72   O O   . PHE A 1 11  ? -2.319  -1.734  0.487   1.00 5.93  ? 98  PHE A O   1 
ATOM   73   C CB  . PHE A 1 11  ? -1.204  1.134   0.885   1.00 5.76  ? 98  PHE A CB  1 
ATOM   74   C CG  . PHE A 1 11  ? -0.185  2.207   1.155   1.00 7.01  ? 98  PHE A CG  1 
ATOM   75   C CD1 . PHE A 1 11  ? -0.472  3.224   2.043   1.00 8.26  ? 98  PHE A CD1 1 
ATOM   76   C CD2 . PHE A 1 11  ? 1.081   2.170   0.595   1.00 8.02  ? 98  PHE A CD2 1 
ATOM   77   C CE1 . PHE A 1 11  ? 0.420   4.233   2.294   1.00 11.14 ? 98  PHE A CE1 1 
ATOM   78   C CE2 . PHE A 1 11  ? 2.000   3.171   0.869   1.00 9.90  ? 98  PHE A CE2 1 
ATOM   79   C CZ  . PHE A 1 11  ? 1.644   4.209   1.718   1.00 8.70  ? 98  PHE A CZ  1 
ATOM   80   N N   . ALA A 1 12  ? -3.188  -0.859  2.381   1.00 4.73  ? 99  ALA A N   1 
ATOM   81   C CA  . ALA A 1 12  ? -4.508  -1.471  2.254   1.00 4.78  ? 99  ALA A CA  1 
ATOM   82   C C   . ALA A 1 12  ? -5.559  -0.466  2.699   1.00 5.80  ? 99  ALA A C   1 
ATOM   83   O O   . ALA A 1 12  ? -5.279  0.472   3.443   1.00 6.26  ? 99  ALA A O   1 
ATOM   84   C CB  . ALA A 1 12  ? -4.604  -2.792  3.077   1.00 5.96  ? 99  ALA A CB  1 
ATOM   85   N N   . ARG A 1 13  ? -6.788  -0.701  2.228   1.00 5.83  ? 100 ARG A N   1 
ATOM   86   C CA  . ARG A 1 13  ? -7.946  0.158   2.518   1.00 6.61  ? 100 ARG A CA  1 
ATOM   87   C C   . ARG A 1 13  ? -7.796  1.551   1.915   1.00 6.67  ? 100 ARG A C   1 
ATOM   88   O O   . ARG A 1 13  ? -8.442  2.495   2.356   1.00 7.38  ? 100 ARG A O   1 
ATOM   89   C CB  . ARG A 1 13  ? -8.286  0.187   4.001   1.00 6.93  ? 100 ARG A CB  1 
ATOM   90   C CG  . ARG A 1 13  ? -8.454  -1.218  4.548   1.00 10.68 ? 100 ARG A CG  1 
ATOM   91   C CD  . ARG A 1 13  ? -9.286  -1.236  5.763   1.00 15.56 ? 100 ARG A CD  1 
ATOM   92   N NE  . ARG A 1 13  ? -9.545  -2.592  6.280   1.00 18.51 ? 100 ARG A NE  1 
ATOM   93   C CZ  . ARG A 1 13  ? -10.314 -2.820  7.340   1.00 22.79 ? 100 ARG A CZ  1 
ATOM   94   N NH1 . ARG A 1 13  ? -10.871 -1.793  7.997   1.00 25.43 ? 100 ARG A NH1 1 
ATOM   95   N NH2 . ARG A 1 13  ? -10.514 -4.053  7.763   1.00 23.34 ? 100 ARG A NH2 1 
ATOM   96   N N   . LEU A 1 14  ? -7.010  1.681   0.833   1.00 6.50  ? 101 LEU A N   1 
ATOM   97   C CA  . LEU A 1 14  ? -6.932  2.970   0.130   1.00 7.10  ? 101 LEU A CA  1 
ATOM   98   C C   . LEU A 1 14  ? -8.263  3.328   -0.527  1.00 6.33  ? 101 LEU A C   1 
ATOM   99   O O   . LEU A 1 14  ? -8.891  2.487   -1.162  1.00 7.96  ? 101 LEU A O   1 
ATOM   100  C CB  . LEU A 1 14  ? -5.878  2.936   -0.972  1.00 8.27  ? 101 LEU A CB  1 
ATOM   101  C CG  . LEU A 1 14  ? -4.422  2.848   -0.537  1.00 9.19  ? 101 LEU A CG  1 
ATOM   102  C CD1 . LEU A 1 14  ? -3.599  2.633   -1.780  1.00 9.60  ? 101 LEU A CD1 1 
ATOM   103  C CD2 . LEU A 1 14  ? -4.004  4.109   0.203   1.00 11.11 ? 101 LEU A CD2 1 
ATOM   104  N N   . ASN A 1 15  ? -8.684  4.569   -0.360  1.00 6.40  ? 102 ASN A N   1 
ATOM   105  C CA  . ASN A 1 15  ? -9.767  5.131   -1.153  1.00 6.93  ? 102 ASN A CA  1 
ATOM   106  C C   . ASN A 1 15  ? -9.467  4.929   -2.636  1.00 7.67  ? 102 ASN A C   1 
ATOM   107  O O   . ASN A 1 15  ? -8.315  5.072   -3.051  1.00 7.69  ? 102 ASN A O   1 
ATOM   108  C CB  . ASN A 1 15  ? -9.923  6.629   -0.836  1.00 8.27  ? 102 ASN A CB  1 
ATOM   109  C CG  . ASN A 1 15  ? -11.043 7.271   -1.602  1.00 9.37  ? 102 ASN A CG  1 
ATOM   110  O OD1 . ASN A 1 15  ? -10.824 7.822   -2.678  1.00 11.30 ? 102 ASN A OD1 1 
ATOM   111  N ND2 . ASN A 1 15  ? -12.238 7.150   -1.094  1.00 10.85 ? 102 ASN A ND2 1 
ATOM   112  N N   . ASP A 1 16  ? -10.475 4.627   -3.443  1.00 7.08  ? 103 ASP A N   1 
ATOM   113  C CA  . ASP A 1 16  ? -10.246 4.280   -4.837  1.00 9.25  ? 103 ASP A CA  1 
ATOM   114  C C   . ASP A 1 16  ? -9.801  5.440   -5.722  1.00 8.05  ? 103 ASP A C   1 
ATOM   115  O O   . ASP A 1 16  ? -9.366  5.211   -6.839  1.00 10.12 ? 103 ASP A O   1 
ATOM   116  C CB  . ASP A 1 16  ? -11.395 3.450   -5.440  1.00 10.82 ? 103 ASP A CB  1 
ATOM   117  C CG  . ASP A 1 16  ? -12.691 4.196   -5.572  1.00 13.77 ? 103 ASP A CG  1 
ATOM   118  O OD1 . ASP A 1 16  ? -13.701 3.500   -5.834  1.00 16.68 ? 103 ASP A OD1 1 
ATOM   119  O OD2 . ASP A 1 16  ? -12.730 5.433   -5.442  1.00 17.38 ? 103 ASP A OD2 1 
ATOM   120  N N   . ASN A 1 17  ? -9.808  6.662   -5.200  1.00 8.29  ? 104 ASN A N   1 
ATOM   121  C CA  . ASN A 1 17  ? -9.201  7.799   -5.900  1.00 10.05 ? 104 ASN A CA  1 
ATOM   122  C C   . ASN A 1 17  ? -7.693  7.896   -5.700  1.00 10.15 ? 104 ASN A C   1 
ATOM   123  O O   . ASN A 1 17  ? -7.022  8.682   -6.369  1.00 11.43 ? 104 ASN A O   1 
ATOM   124  C CB  . ASN A 1 17  ? -9.816  9.110   -5.413  1.00 11.84 ? 104 ASN A CB  1 
ATOM   125  C CG  . ASN A 1 17  ? -11.252 9.242   -5.790  1.00 17.57 ? 104 ASN A CG  1 
ATOM   126  O OD1 . ASN A 1 17  ? -11.581 9.444   -6.960  1.00 21.83 ? 104 ASN A OD1 1 
ATOM   127  N ND2 . ASN A 1 17  ? -12.125 9.098   -4.823  1.00 13.63 ? 104 ASN A ND2 1 
ATOM   128  N N   . VAL A 1 18  ? -7.140  7.129   -4.763  1.00 8.51  ? 105 VAL A N   1 
ATOM   129  C CA  . VAL A 1 18  ? -5.705  7.161   -4.477  1.00 8.81  ? 105 VAL A CA  1 
ATOM   130  C C   . VAL A 1 18  ? -5.016  6.167   -5.398  1.00 8.94  ? 105 VAL A C   1 
ATOM   131  O O   . VAL A 1 18  ? -4.842  4.967   -5.059  1.00 9.29  ? 105 VAL A O   1 
ATOM   132  C CB  . VAL A 1 18  ? -5.402  6.855   -3.010  1.00 8.26  ? 105 VAL A CB  1 
ATOM   133  C CG1 . VAL A 1 18  ? -3.901  6.906   -2.721  1.00 9.09  ? 105 VAL A CG1 1 
ATOM   134  C CG2 . VAL A 1 18  ? -6.122  7.841   -2.107  1.00 11.53 ? 105 VAL A CG2 1 
ATOM   135  N N   . ARG A 1 19  ? -4.594  6.647   -6.542  1.00 8.33  ? 106 ARG A N   1 
ATOM   136  C CA  . ARG A 1 19  ? -3.928  5.827   -7.548  1.00 8.91  ? 106 ARG A CA  1 
ATOM   137  C C   . ARG A 1 19  ? -2.480  6.264   -7.628  1.00 7.70  ? 106 ARG A C   1 
ATOM   138  O O   . ARG A 1 19  ? -1.949  6.825   -6.670  1.00 8.76  ? 106 ARG A O   1 
ATOM   139  C CB  . ARG A 1 19  ? -4.696  5.857   -8.877  1.00 10.00 ? 106 ARG A CB  1 
ATOM   140  C CG  . ARG A 1 19  ? -6.109  5.332   -8.698  1.00 11.17 ? 106 ARG A CG  1 
ATOM   141  C CD  . ARG A 1 19  ? -6.869  5.345   -9.977  1.00 13.46 ? 106 ARG A CD  1 
ATOM   142  N NE  . ARG A 1 19  ? -6.415  4.316   -10.904 1.00 16.97 ? 106 ARG A NE  1 
ATOM   143  C CZ  . ARG A 1 19  ? -7.022  3.142   -11.129 1.00 15.41 ? 106 ARG A CZ  1 
ATOM   144  N NH1 . ARG A 1 19  ? -6.511  2.290   -12.005 1.00 16.92 ? 106 ARG A NH1 1 
ATOM   145  N NH2 . ARG A 1 19  ? -8.096  2.811   -10.477 1.00 16.11 ? 106 ARG A NH2 1 
ATOM   146  N N   . GLU A 1 20  ? -1.800  5.934   -8.710  1.00 9.36  ? 107 GLU A N   1 
ATOM   147  C CA  . GLU A 1 20  ? -0.366  6.044   -8.707  1.00 9.02  ? 107 GLU A CA  1 
ATOM   148  C C   . GLU A 1 20  ? 0.154   7.457   -8.538  1.00 8.28  ? 107 GLU A C   1 
ATOM   149  O O   . GLU A 1 20  ? 1.139   7.656   -7.821  1.00 9.66  ? 107 GLU A O   1 
ATOM   150  C CB  . GLU A 1 20  ? 0.231   5.419   -9.974  1.00 9.07  ? 107 GLU A CB  1 
ATOM   151  C CG  . GLU A 1 20  ? -0.072  3.918   -10.185 1.00 12.78 ? 107 GLU A CG  1 
ATOM   152  C CD  . GLU A 1 20  ? -1.372  3.646   -10.986 1.00 12.27 ? 107 GLU A CD  1 
ATOM   153  O OE1 . GLU A 1 20  ? -2.277  4.521   -10.994 1.00 14.78 ? 107 GLU A OE1 1 
ATOM   154  O OE2 . GLU A 1 20  ? -1.477  2.548   -11.633 1.00 16.68 ? 107 GLU A OE2 1 
ATOM   155  N N   . THR A 1 21  ? -0.488  8.439   -9.183  1.00 8.60  ? 108 THR A N   1 
ATOM   156  C CA  . THR A 1 21  ? -0.001  9.814   -9.102  1.00 9.83  ? 108 THR A CA  1 
ATOM   157  C C   . THR A 1 21  ? -0.193  10.372  -7.700  1.00 9.62  ? 108 THR A C   1 
ATOM   158  O O   . THR A 1 21  ? 0.730   11.013  -7.160  1.00 9.73  ? 108 THR A O   1 
ATOM   159  C CB  . THR A 1 21  ? -0.615  10.759  -10.175 1.00 9.89  ? 108 THR A CB  1 
ATOM   160  O OG1 . THR A 1 21  ? -2.041  10.805  -10.054 1.00 13.21 ? 108 THR A OG1 1 
ATOM   161  C CG2 . THR A 1 21  ? -0.235  10.273  -11.552 1.00 12.49 ? 108 THR A CG2 1 
ATOM   162  N N   . PHE A 1 22  ? -1.351  10.163  -7.081  1.00 9.12  ? 109 PHE A N   1 
ATOM   163  C CA  . PHE A 1 22  ? -1.564  10.580  -5.698  1.00 8.23  ? 109 PHE A CA  1 
ATOM   164  C C   . PHE A 1 22  ? -0.574  9.894   -4.760  1.00 8.70  ? 109 PHE A C   1 
ATOM   165  O O   . PHE A 1 22  ? 0.030   10.531  -3.916  1.00 8.99  ? 109 PHE A O   1 
ATOM   166  C CB  . PHE A 1 22  ? -3.015  10.229  -5.267  1.00 9.99  ? 109 PHE A CB  1 
ATOM   167  C CG  . PHE A 1 22  ? -3.492  10.910  -4.022  1.00 11.61 ? 109 PHE A CG  1 
ATOM   168  C CD1 . PHE A 1 22  ? -4.556  11.771  -4.084  1.00 18.41 ? 109 PHE A CD1 1 
ATOM   169  C CD2 . PHE A 1 22  ? -2.960  10.622  -2.770  1.00 13.87 ? 109 PHE A CD2 1 
ATOM   170  C CE1 . PHE A 1 22  ? -5.040  12.383  -2.916  1.00 20.70 ? 109 PHE A CE1 1 
ATOM   171  C CE2 . PHE A 1 22  ? -3.429  11.233  -1.617  1.00 13.53 ? 109 PHE A CE2 1 
ATOM   172  C CZ  . PHE A 1 22  ? -4.451  12.110  -1.688  1.00 16.60 ? 109 PHE A CZ  1 
ATOM   173  N N   . LEU A 1 23  ? -0.451  8.583   -4.849  1.00 9.11  ? 110 LEU A N   1 
ATOM   174  C CA  . LEU A 1 23  ? 0.458   7.875   -3.985  1.00 11.07 ? 110 LEU A CA  1 
ATOM   175  C C   . LEU A 1 23  ? 1.872   8.393   -4.013  1.00 9.50  ? 110 LEU A C   1 
ATOM   176  O O   . LEU A 1 23  ? 2.494   8.553   -2.961  1.00 10.48 ? 110 LEU A O   1 
ATOM   177  C CB  . LEU A 1 23  ? 0.487   6.406   -4.353  1.00 13.94 ? 110 LEU A CB  1 
ATOM   178  C CG  . LEU A 1 23  ? -0.418  5.507   -3.550  1.00 19.18 ? 110 LEU A CG  1 
ATOM   179  C CD1 . LEU A 1 23  ? -0.211  4.089   -4.070  1.00 19.45 ? 110 LEU A CD1 1 
ATOM   180  C CD2 . LEU A 1 23  ? -0.128  5.613   -2.045  1.00 17.91 ? 110 LEU A CD2 1 
ATOM   181  N N   . LYS A 1 24  ? 2.403   8.618   -5.206  1.00 10.31 ? 111 LYS A N   1 
ATOM   182  C CA  . LYS A 1 24  ? 3.732   9.170   -5.360  1.00 10.64 ? 111 LYS A CA  1 
ATOM   183  C C   . LYS A 1 24  ? 3.845   10.566  -4.746  1.00 10.73 ? 111 LYS A C   1 
ATOM   184  O O   . LYS A 1 24  ? 4.804   10.842  -3.988  1.00 11.91 ? 111 LYS A O   1 
ATOM   185  C CB  . LYS A 1 24  ? 4.144   9.157   -6.834  1.00 12.45 ? 111 LYS A CB  1 
ATOM   186  C CG  . LYS A 1 24  ? 5.542   9.723   -7.142  1.00 17.95 ? 111 LYS A CG  1 
ATOM   187  C CD  . LYS A 1 24  ? 6.156   9.087   -8.400  1.00 23.82 ? 111 LYS A CD  1 
ATOM   188  N N   . ASP A 1 25  ? 2.863   11.426  -5.007  1.00 9.07  ? 112 ASP A N   1 
ATOM   189  C CA  . ASP A 1 25  ? 2.894   12.799  -4.484  1.00 10.92 ? 112 ASP A CA  1 
ATOM   190  C C   . ASP A 1 25  ? 2.866   12.790  -2.963  1.00 10.46 ? 112 ASP A C   1 
ATOM   191  O O   . ASP A 1 25  ? 3.576   13.544  -2.327  1.00 10.79 ? 112 ASP A O   1 
ATOM   192  C CB  . ASP A 1 25  ? 1.713   13.642  -5.002  1.00 10.95 ? 112 ASP A CB  1 
ATOM   193  C CG  . ASP A 1 25  ? 1.765   13.891  -6.511  1.00 18.26 ? 112 ASP A CG  1 
ATOM   194  O OD1 . ASP A 1 25  ? 2.821   13.581  -7.124  1.00 23.02 ? 112 ASP A OD1 1 
ATOM   195  O OD2 . ASP A 1 25  ? 0.742   14.376  -7.079  1.00 22.30 ? 112 ASP A OD2 1 
ATOM   196  N N   . MET A 1 26  ? 2.016   11.947  -2.391  1.00 8.23  ? 113 MET A N   1 
ATOM   197  C CA  . MET A 1 26  ? 1.864   11.853  -0.953  1.00 7.54  ? 113 MET A CA  1 
ATOM   198  C C   . MET A 1 26  ? 3.094   11.244  -0.329  1.00 8.62  ? 113 MET A C   1 
ATOM   199  O O   . MET A 1 26  ? 3.616   11.792  0.644   1.00 8.90  ? 113 MET A O   1 
ATOM   200  C CB  . MET A 1 26  ? 0.644   10.995  -0.612  1.00 7.54  ? 113 MET A CB  1 
ATOM   201  C CG  . MET A 1 26  ? 0.551   10.647  0.857   1.00 9.35  ? 113 MET A CG  1 
ATOM   202  S SD  . MET A 1 26  ? -1.007  9.848   1.266   1.00 12.54 ? 113 MET A SD  1 
ATOM   203  C CE  . MET A 1 26  ? -0.895  8.359   0.295   1.00 15.74 ? 113 MET A CE  1 
ATOM   204  N N   . CYS A 1 27  ? 3.561   10.107  -0.843  1.00 7.99  ? 114 CYS A N   1 
ATOM   205  C CA  . CYS A 1 27  ? 4.681   9.414   -0.204  1.00 9.23  ? 114 CYS A CA  1 
ATOM   206  C C   . CYS A 1 27  ? 6.008   10.166  -0.304  1.00 8.63  ? 114 CYS A C   1 
ATOM   207  O O   . CYS A 1 27  ? 6.849   9.995   0.556   1.00 10.11 ? 114 CYS A O   1 
ATOM   208  C CB  . CYS A 1 27  ? 4.815   7.980   -0.704  1.00 7.58  ? 114 CYS A CB  1 
ATOM   209  S SG  . CYS A 1 27  ? 3.472   6.915   -0.212  1.00 10.15 ? 114 CYS A SG  1 
ATOM   210  N N   . ARG A 1 28  ? 6.171   11.044  -1.300  1.00 9.32  ? 115 ARG A N   1 
ATOM   211  C CA  A ARG A 1 28  ? 7.367   11.898  -1.428  0.50 10.40 ? 115 ARG A CA  1 
ATOM   212  C CA  B ARG A 1 28  ? 7.417   11.800  -1.394  0.50 10.42 ? 115 ARG A CA  1 
ATOM   213  C C   . ARG A 1 28  ? 7.533   12.867  -0.265  1.00 11.12 ? 115 ARG A C   1 
ATOM   214  O O   . ARG A 1 28  ? 8.635   13.437  -0.063  1.00 12.46 ? 115 ARG A O   1 
ATOM   215  C CB  A ARG A 1 28  ? 7.326   12.705  -2.721  0.50 10.25 ? 115 ARG A CB  1 
ATOM   216  C CB  B ARG A 1 28  ? 7.623   12.376  -2.807  0.50 10.54 ? 115 ARG A CB  1 
ATOM   217  C CG  A ARG A 1 28  ? 7.806   11.921  -3.899  0.50 11.59 ? 115 ARG A CG  1 
ATOM   218  C CG  B ARG A 1 28  ? 6.697   13.481  -3.168  0.50 11.23 ? 115 ARG A CG  1 
ATOM   219  N N   . LYS A 1 29  ? 6.458   13.123  0.458   1.00 10.61 ? 116 LYS A N   1 
ATOM   220  C CA  . LYS A 1 29  ? 6.555   13.939  1.667   1.00 13.14 ? 116 LYS A CA  1 
ATOM   221  C C   . LYS A 1 29  ? 7.418   13.194  2.715   1.00 13.92 ? 116 LYS A C   1 
ATOM   222  O O   . LYS A 1 29  ? 8.032   13.833  3.565   1.00 13.58 ? 116 LYS A O   1 
ATOM   223  C CB  . LYS A 1 29  ? 5.174   14.235  2.254   1.00 13.96 ? 116 LYS A CB  1 
ATOM   224  C CG  . LYS A 1 29  ? 4.229   15.068  1.371   1.00 18.30 ? 116 LYS A CG  1 
ATOM   225  C CD  . LYS A 1 29  ? 2.824   15.168  1.980   1.00 24.22 ? 116 LYS A CD  1 
ATOM   226  C CE  . LYS A 1 29  ? 2.829   15.412  3.488   1.00 26.01 ? 116 LYS A CE  1 
ATOM   227  N N   . TYR A 1 30  ? 7.462   11.854  2.659   1.00 13.54 ? 117 TYR A N   1 
ATOM   228  C CA  . TYR A 1 30  ? 8.024   11.035  3.760   1.00 13.84 ? 117 TYR A CA  1 
ATOM   229  C C   . TYR A 1 30  ? 9.334   10.328  3.408   1.00 14.78 ? 117 TYR A C   1 
ATOM   230  O O   . TYR A 1 30  ? 10.090  9.952   4.315   1.00 16.74 ? 117 TYR A O   1 
ATOM   231  C CB  . TYR A 1 30  ? 6.945   10.046  4.292   1.00 12.26 ? 117 TYR A CB  1 
ATOM   232  C CG  . TYR A 1 30  ? 5.661   10.730  4.659   1.00 14.66 ? 117 TYR A CG  1 
ATOM   233  C CD1 . TYR A 1 30  ? 5.556   11.499  5.830   1.00 16.37 ? 117 TYR A CD1 1 
ATOM   234  C CD2 . TYR A 1 30  ? 4.533   10.647  3.828   1.00 13.80 ? 117 TYR A CD2 1 
ATOM   235  C CE1 . TYR A 1 30  ? 4.412   12.160  6.143   1.00 17.76 ? 117 TYR A CE1 1 
ATOM   236  C CE2 . TYR A 1 30  ? 3.382   11.295  4.152   1.00 13.56 ? 117 TYR A CE2 1 
ATOM   237  C CZ  . TYR A 1 30  ? 3.317   12.056  5.319   1.00 15.33 ? 117 TYR A CZ  1 
ATOM   238  O OH  . TYR A 1 30  ? 2.148   12.711  5.617   1.00 18.95 ? 117 TYR A OH  1 
ATOM   239  N N   . GLY A 1 31  ? 9.624   10.147  2.120   1.00 15.72 ? 118 GLY A N   1 
ATOM   240  C CA  . GLY A 1 31  ? 10.871  9.543   1.669   1.00 15.87 ? 118 GLY A CA  1 
ATOM   241  C C   . GLY A 1 31  ? 11.010  9.615   0.170   1.00 14.81 ? 118 GLY A C   1 
ATOM   242  O O   . GLY A 1 31  ? 10.044  9.949   -0.499  1.00 15.90 ? 118 GLY A O   1 
ATOM   243  N N   . GLU A 1 32  ? 12.196  9.339   -0.365  1.00 14.63 ? 119 GLU A N   1 
ATOM   244  C CA  . GLU A 1 32  ? 12.397  9.317   -1.795  1.00 13.12 ? 119 GLU A CA  1 
ATOM   245  C C   . GLU A 1 32  ? 11.747  8.030   -2.322  1.00 11.32 ? 119 GLU A C   1 
ATOM   246  O O   . GLU A 1 32  ? 12.098  6.935   -1.900  1.00 10.79 ? 119 GLU A O   1 
ATOM   247  C CB  . GLU A 1 32  ? 13.875  9.390   -2.190  1.00 15.77 ? 119 GLU A CB  1 
ATOM   248  C CG  . GLU A 1 32  ? 14.107  9.389   -3.692  1.00 18.10 ? 119 GLU A CG  1 
ATOM   249  N N   . VAL A 1 33  ? 10.825  8.187   -3.247  1.00 10.27 ? 120 VAL A N   1 
ATOM   250  C CA  . VAL A 1 33  ? 10.053  7.101   -3.811  1.00 10.30 ? 120 VAL A CA  1 
ATOM   251  C C   . VAL A 1 33  ? 10.689  6.656   -5.105  1.00 10.88 ? 120 VAL A C   1 
ATOM   252  O O   . VAL A 1 33  ? 10.967  7.479   -5.997  1.00 12.47 ? 120 VAL A O   1 
ATOM   253  C CB  . VAL A 1 33  ? 8.601   7.583   -4.078  1.00 9.90  ? 120 VAL A CB  1 
ATOM   254  C CG1 . VAL A 1 33  ? 7.817   6.529   -4.820  1.00 9.69  ? 120 VAL A CG1 1 
ATOM   255  C CG2 . VAL A 1 33  ? 7.921   7.978   -2.789  1.00 7.52  ? 120 VAL A CG2 1 
ATOM   256  N N   . GLU A 1 34  ? 10.924  5.355   -5.212  1.00 8.99  ? 121 GLU A N   1 
ATOM   257  C CA  . GLU A 1 34  ? 11.415  4.696   -6.423  1.00 9.70  ? 121 GLU A CA  1 
ATOM   258  C C   . GLU A 1 34  ? 10.275  4.275   -7.347  1.00 10.63 ? 121 GLU A C   1 
ATOM   259  O O   . GLU A 1 34  ? 10.341  4.499   -8.571  1.00 11.67 ? 121 GLU A O   1 
ATOM   260  C CB  . GLU A 1 34  ? 12.257  3.485   -6.058  1.00 10.85 ? 121 GLU A CB  1 
ATOM   261  C CG  . GLU A 1 34  ? 13.523  3.850   -5.335  1.00 15.40 ? 121 GLU A CG  1 
ATOM   262  C CD  . GLU A 1 34  ? 14.621  4.381   -6.240  1.00 23.61 ? 121 GLU A CD  1 
ATOM   263  O OE1 . GLU A 1 34  ? 14.480  4.346   -7.491  1.00 24.68 ? 121 GLU A OE1 1 
ATOM   264  O OE2 . GLU A 1 34  ? 15.659  4.816   -5.678  1.00 25.91 ? 121 GLU A OE2 1 
ATOM   265  N N   . GLU A 1 35  ? 9.238   3.648   -6.772  1.00 9.41  ? 122 GLU A N   1 
ATOM   266  C CA  . GLU A 1 35  ? 8.135   3.054   -7.536  1.00 10.86 ? 122 GLU A CA  1 
ATOM   267  C C   . GLU A 1 35  ? 6.881   3.021   -6.750  1.00 8.54  ? 122 GLU A C   1 
ATOM   268  O O   . GLU A 1 35  ? 6.904   2.826   -5.534  1.00 8.19  ? 122 GLU A O   1 
ATOM   269  C CB  . GLU A 1 35  ? 8.428   1.581   -7.846  1.00 12.45 ? 122 GLU A CB  1 
ATOM   270  C CG  . GLU A 1 35  ? 9.678   1.359   -8.512  1.00 14.83 ? 122 GLU A CG  1 
ATOM   271  C CD  . GLU A 1 35  ? 10.010  -0.080  -8.774  1.00 13.98 ? 122 GLU A CD  1 
ATOM   272  O OE1 . GLU A 1 35  ? 9.360   -1.067  -8.294  1.00 13.24 ? 122 GLU A OE1 1 
ATOM   273  O OE2 . GLU A 1 35  ? 10.986  -0.217  -9.515  1.00 19.19 ? 122 GLU A OE2 1 
ATOM   274  N N   . VAL A 1 36  ? 5.779   3.151   -7.475  1.00 7.41  ? 123 VAL A N   1 
ATOM   275  C CA  A VAL A 1 36  ? 4.437   2.948   -6.932  0.50 8.19  ? 123 VAL A CA  1 
ATOM   276  C CA  B VAL A 1 36  ? 4.479   2.870   -6.903  0.50 7.93  ? 123 VAL A CA  1 
ATOM   277  C C   . VAL A 1 36  ? 3.667   1.949   -7.822  1.00 7.97  ? 123 VAL A C   1 
ATOM   278  O O   . VAL A 1 36  ? 3.786   1.977   -9.053  1.00 8.71  ? 123 VAL A O   1 
ATOM   279  C CB  A VAL A 1 36  ? 3.662   4.285   -6.873  0.50 8.62  ? 123 VAL A CB  1 
ATOM   280  C CB  B VAL A 1 36  ? 3.687   4.141   -6.633  0.50 8.14  ? 123 VAL A CB  1 
ATOM   281  C CG1 A VAL A 1 36  ? 2.217   4.095   -6.388  0.50 10.22 ? 123 VAL A CG1 1 
ATOM   282  C CG1 B VAL A 1 36  ? 4.511   5.118   -5.775  0.50 9.78  ? 123 VAL A CG1 1 
ATOM   283  C CG2 A VAL A 1 36  ? 4.402   5.285   -5.978  0.50 10.90 ? 123 VAL A CG2 1 
ATOM   284  C CG2 B VAL A 1 36  ? 3.257   4.770   -7.943  0.50 8.99  ? 123 VAL A CG2 1 
ATOM   285  N N   . GLU A 1 37  ? 2.848   1.085   -7.221  1.00 6.83  ? 124 GLU A N   1 
ATOM   286  C CA  . GLU A 1 37  ? 1.963   0.203   -7.963  1.00 8.06  ? 124 GLU A CA  1 
ATOM   287  C C   . GLU A 1 37  ? 0.657   0.025   -7.208  1.00 7.49  ? 124 GLU A C   1 
ATOM   288  O O   . GLU A 1 37  ? 0.663   -0.139  -6.016  1.00 7.53  ? 124 GLU A O   1 
ATOM   289  C CB  . GLU A 1 37  ? 2.631   -1.153  -8.122  1.00 8.86  ? 124 GLU A CB  1 
ATOM   290  C CG  . GLU A 1 37  ? 1.752   -2.237  -8.792  1.00 12.07 ? 124 GLU A CG  1 
ATOM   291  C CD  . GLU A 1 37  ? 2.255   -3.678  -8.630  1.00 14.58 ? 124 GLU A CD  1 
ATOM   292  O OE1 . GLU A 1 37  ? 3.094   -3.954  -7.731  1.00 12.14 ? 124 GLU A OE1 1 
ATOM   293  O OE2 . GLU A 1 37  ? 1.771   -4.574  -9.402  1.00 15.56 ? 124 GLU A OE2 1 
ATOM   294  N N   . ILE A 1 38  ? -0.473  0.091   -7.911  1.00 7.86  ? 125 ILE A N   1 
ATOM   295  C CA  A ILE A 1 38  ? -1.803  -0.220  -7.347  0.50 9.14  ? 125 ILE A CA  1 
ATOM   296  C CA  B ILE A 1 38  ? -1.741  -0.294  -7.278  0.50 7.61  ? 125 ILE A CA  1 
ATOM   297  C C   . ILE A 1 38  ? -2.197  -1.613  -7.852  1.00 7.28  ? 125 ILE A C   1 
ATOM   298  O O   . ILE A 1 38  ? -1.891  -1.937  -8.998  1.00 8.89  ? 125 ILE A O   1 
ATOM   299  C CB  A ILE A 1 38  ? -2.865  0.853   -7.779  0.50 10.54 ? 125 ILE A CB  1 
ATOM   300  C CB  B ILE A 1 38  ? -2.833  0.751   -7.432  0.50 8.04  ? 125 ILE A CB  1 
ATOM   301  C CG1 A ILE A 1 38  ? -2.830  2.070   -6.843  0.50 13.91 ? 125 ILE A CG1 1 
ATOM   302  C CG1 B ILE A 1 38  ? -3.229  0.917   -8.896  0.50 5.10  ? 125 ILE A CG1 1 
ATOM   303  C CG2 A ILE A 1 38  ? -4.287  0.300   -7.760  0.50 13.84 ? 125 ILE A CG2 1 
ATOM   304  C CG2 B ILE A 1 38  ? -2.376  2.104   -6.820  0.50 8.99  ? 125 ILE A CG2 1 
ATOM   305  C CD1 A ILE A 1 38  ? -1.546  2.802   -6.808  0.50 17.04 ? 125 ILE A CD1 1 
ATOM   306  C CD1 B ILE A 1 38  ? -4.387  1.876   -9.036  0.50 7.70  ? 125 ILE A CD1 1 
ATOM   307  N N   . LEU A 1 39  ? -2.893  -2.415  -7.052  1.00 6.61  ? 126 LEU A N   1 
ATOM   308  C CA  . LEU A 1 39  ? -3.380  -3.730  -7.485  1.00 6.73  ? 126 LEU A CA  1 
ATOM   309  C C   . LEU A 1 39  ? -4.839  -3.637  -7.868  1.00 6.37  ? 126 LEU A C   1 
ATOM   310  O O   . LEU A 1 39  ? -5.641  -2.996  -7.188  1.00 6.50  ? 126 LEU A O   1 
ATOM   311  C CB  . LEU A 1 39  ? -3.221  -4.796  -6.402  1.00 8.84  ? 126 LEU A CB  1 
ATOM   312  C CG  . LEU A 1 39  ? -1.781  -5.155  -6.001  1.00 10.31 ? 126 LEU A CG  1 
ATOM   313  C CD1 . LEU A 1 39  ? -1.706  -6.402  -5.112  1.00 11.42 ? 126 LEU A CD1 1 
ATOM   314  C CD2 . LEU A 1 39  ? -0.866  -5.359  -7.186  1.00 15.38 ? 126 LEU A CD2 1 
ATOM   315  N N   . LEU A 1 40  ? -5.157  -4.268  -8.991  1.00 6.91  ? 127 LEU A N   1 
ATOM   316  C CA  . LEU A 1 40  ? -6.484  -4.241  -9.574  1.00 7.29  ? 127 LEU A CA  1 
ATOM   317  C C   . LEU A 1 40  ? -7.085  -5.622  -9.572  1.00 7.35  ? 127 LEU A C   1 
ATOM   318  O O   . LEU A 1 40  ? -6.370  -6.633  -9.694  1.00 8.01  ? 127 LEU A O   1 
ATOM   319  C CB  . LEU A 1 40  ? -6.435  -3.717  -11.013 1.00 8.65  ? 127 LEU A CB  1 
ATOM   320  C CG  . LEU A 1 40  ? -5.705  -2.382  -11.186 1.00 8.62  ? 127 LEU A CG  1 
ATOM   321  C CD1 . LEU A 1 40  ? -5.634  -1.986  -12.667 1.00 11.97 ? 127 LEU A CD1 1 
ATOM   322  C CD2 . LEU A 1 40  ? -6.317  -1.274  -10.408 1.00 10.40 ? 127 LEU A CD2 1 
ATOM   323  N N   . HIS A 1 41  ? -8.398  -5.681  -9.484  1.00 6.71  ? 128 HIS A N   1 
ATOM   324  C CA  . HIS A 1 41  ? -9.115  -6.928  -9.603  1.00 6.71  ? 128 HIS A CA  1 
ATOM   325  C C   . HIS A 1 41  ? -8.821  -7.563  -10.981 1.00 7.57  ? 128 HIS A C   1 
ATOM   326  O O   . HIS A 1 41  ? -8.829  -6.880  -12.014 1.00 6.89  ? 128 HIS A O   1 
ATOM   327  C CB  . HIS A 1 41  ? -10.608 -6.639  -9.469  1.00 7.37  ? 128 HIS A CB  1 
ATOM   328  C CG  . HIS A 1 41  ? -11.445 -7.863  -9.304  1.00 8.01  ? 128 HIS A CG  1 
ATOM   329  N ND1 . HIS A 1 41  ? -11.781 -8.666  -10.362 1.00 9.70  ? 128 HIS A ND1 1 
ATOM   330  C CD2 . HIS A 1 41  ? -11.980 -8.441  -8.202  1.00 7.28  ? 128 HIS A CD2 1 
ATOM   331  C CE1 . HIS A 1 41  ? -12.505 -9.681  -9.918  1.00 9.41  ? 128 HIS A CE1 1 
ATOM   332  N NE2 . HIS A 1 41  ? -12.631 -9.571  -8.614  1.00 9.67  ? 128 HIS A NE2 1 
ATOM   333  N N   . PRO A 1 42  ? -8.599  -8.884  -11.041 1.00 7.02  ? 129 PRO A N   1 
ATOM   334  C CA  . PRO A 1 42  ? -8.210  -9.466  -12.325 1.00 9.04  ? 129 PRO A CA  1 
ATOM   335  C C   . PRO A 1 42  ? -9.271  -9.373  -13.420 1.00 10.63 ? 129 PRO A C   1 
ATOM   336  O O   . PRO A 1 42  ? -8.909  -9.386  -14.580 1.00 12.04 ? 129 PRO A O   1 
ATOM   337  C CB  . PRO A 1 42  ? -7.892  -10.937 -11.960 1.00 9.24  ? 129 PRO A CB  1 
ATOM   338  C CG  . PRO A 1 42  ? -8.654  -11.180 -10.710 1.00 8.83  ? 129 PRO A CG  1 
ATOM   339  C CD  . PRO A 1 42  ? -8.603  -9.897  -9.961  1.00 8.68  ? 129 PRO A CD  1 
ATOM   340  N N   . ARG A 1 43  ? -10.536 -9.328  -13.054 1.00 9.38  ? 130 ARG A N   1 
ATOM   341  C CA  . ARG A 1 43  ? -11.645 -9.285  -13.998 1.00 10.79 ? 130 ARG A CA  1 
ATOM   342  C C   . ARG A 1 43  ? -12.192 -7.867  -14.204 1.00 10.14 ? 130 ARG A C   1 
ATOM   343  O O   . ARG A 1 43  ? -12.342 -7.427  -15.339 1.00 12.03 ? 130 ARG A O   1 
ATOM   344  C CB  . ARG A 1 43  ? -12.773 -10.208 -13.498 1.00 11.56 ? 130 ARG A CB  1 
ATOM   345  C CG  . ARG A 1 43  ? -13.925 -10.370 -14.456 1.00 16.64 ? 130 ARG A CG  1 
ATOM   346  C CD  . ARG A 1 43  ? -15.073 -9.446  -14.181 1.00 18.09 ? 130 ARG A CD  1 
ATOM   347  N NE  . ARG A 1 43  ? -15.773 -9.750  -12.945 1.00 19.25 ? 130 ARG A NE  1 
ATOM   348  C CZ  . ARG A 1 43  ? -16.909 -9.172  -12.576 1.00 20.98 ? 130 ARG A CZ  1 
ATOM   349  N NH1 . ARG A 1 43  ? -17.455 -9.482  -11.433 1.00 23.70 ? 130 ARG A NH1 1 
ATOM   350  N NH2 . ARG A 1 43  ? -17.497 -8.282  -13.367 1.00 23.54 ? 130 ARG A NH2 1 
ATOM   351  N N   . THR A 1 44  ? -12.539 -7.168  -13.142 1.00 10.06 ? 131 THR A N   1 
ATOM   352  C CA  . THR A 1 44  ? -13.138 -5.858  -13.291 1.00 9.76  ? 131 THR A CA  1 
ATOM   353  C C   . THR A 1 44  ? -12.083 -4.758  -13.520 1.00 8.92  ? 131 THR A C   1 
ATOM   354  O O   . THR A 1 44  ? -12.426 -3.671  -14.052 1.00 9.74  ? 131 THR A O   1 
ATOM   355  C CB  . THR A 1 44  ? -13.956 -5.436  -12.087 1.00 10.83 ? 131 THR A CB  1 
ATOM   356  O OG1 . THR A 1 44  ? -13.078 -5.305  -10.976 1.00 10.50 ? 131 THR A OG1 1 
ATOM   357  C CG2 . THR A 1 44  ? -15.092 -6.421  -11.760 1.00 13.16 ? 131 THR A CG2 1 
ATOM   358  N N   . ARG A 1 45  ? -10.820 -5.026  -13.131 1.00 7.37  ? 132 ARG A N   1 
ATOM   359  C CA  . ARG A 1 45  ? -9.722  -4.059  -13.179 1.00 7.68  ? 132 ARG A CA  1 
ATOM   360  C C   . ARG A 1 45  ? -9.974  -2.887  -12.240 1.00 7.77  ? 132 ARG A C   1 
ATOM   361  O O   . ARG A 1 45  ? -9.329  -1.848  -12.362 1.00 10.79 ? 132 ARG A O   1 
ATOM   362  C CB  . ARG A 1 45  ? -9.472  -3.564  -14.611 1.00 9.74  ? 132 ARG A CB  1 
ATOM   363  C CG  . ARG A 1 45  ? -9.414  -4.638  -15.674 1.00 11.79 ? 132 ARG A CG  1 
ATOM   364  C CD  . ARG A 1 45  ? -8.359  -5.680  -15.394 1.00 13.05 ? 132 ARG A CD  1 
ATOM   365  N NE  . ARG A 1 45  ? -7.014  -5.096  -15.401 1.00 11.64 ? 132 ARG A NE  1 
ATOM   366  C CZ  . ARG A 1 45  ? -5.909  -5.683  -14.973 1.00 14.49 ? 132 ARG A CZ  1 
ATOM   367  N NH1 . ARG A 1 45  ? -5.957  -6.919  -14.455 1.00 18.60 ? 132 ARG A NH1 1 
ATOM   368  N NH2 . ARG A 1 45  ? -4.754  -5.038  -15.034 1.00 14.25 ? 132 ARG A NH2 1 
ATOM   369  N N   . LYS A 1 46  ? -10.867 -3.039  -11.269 1.00 8.16  ? 133 LYS A N   1 
ATOM   370  C CA  . LYS A 1 46  ? -11.097 -2.015  -10.262 1.00 8.90  ? 133 LYS A CA  1 
ATOM   371  C C   . LYS A 1 46  ? -10.044 -2.050  -9.161  1.00 8.27  ? 133 LYS A C   1 
ATOM   372  O O   . LYS A 1 46  ? -9.433  -3.067  -8.896  1.00 8.11  ? 133 LYS A O   1 
ATOM   373  C CB  . LYS A 1 46  ? -12.480 -2.143  -9.665  1.00 10.33 ? 133 LYS A CB  1 
ATOM   374  C CG  . LYS A 1 46  ? -13.582 -1.822  -10.675 1.00 13.35 ? 133 LYS A CG  1 
ATOM   375  C CD  . LYS A 1 46  ? -14.944 -1.852  -10.023 1.00 19.88 ? 133 LYS A CD  1 
ATOM   376  C CE  . LYS A 1 46  ? -16.031 -1.405  -10.967 1.00 26.06 ? 133 LYS A CE  1 
ATOM   377  N NZ  . LYS A 1 46  ? -17.366 -1.789  -10.420 1.00 29.53 ? 133 LYS A NZ  1 
ATOM   378  N N   . HIS A 1 47  ? -9.853  -0.899  -8.540  1.00 7.81  ? 134 HIS A N   1 
ATOM   379  C CA  . HIS A 1 47  ? -8.905  -0.699  -7.417  1.00 7.05  ? 134 HIS A CA  1 
ATOM   380  C C   . HIS A 1 47  ? -9.274  -1.608  -6.226  1.00 7.81  ? 134 HIS A C   1 
ATOM   381  O O   . HIS A 1 47  ? -10.433 -1.611  -5.784  1.00 11.19 ? 134 HIS A O   1 
ATOM   382  C CB  . HIS A 1 47  ? -8.987  0.770   -6.980  1.00 8.22  ? 134 HIS A CB  1 
ATOM   383  C CG  . HIS A 1 47  ? -7.800  1.285   -6.237  1.00 8.06  ? 134 HIS A CG  1 
ATOM   384  N ND1 . HIS A 1 47  ? -7.003  0.493   -5.440  1.00 10.97 ? 134 HIS A ND1 1 
ATOM   385  C CD2 . HIS A 1 47  ? -7.263  2.529   -6.179  1.00 7.50  ? 134 HIS A CD2 1 
ATOM   386  C CE1 . HIS A 1 47  ? -6.037  1.231   -4.916  1.00 13.06 ? 134 HIS A CE1 1 
ATOM   387  N NE2 . HIS A 1 47  ? -6.176  2.475   -5.348  1.00 10.71 ? 134 HIS A NE2 1 
ATOM   388  N N   . LEU A 1 48  ? -8.336  -2.391  -5.735  1.00 6.08  ? 135 LEU A N   1 
ATOM   389  C CA  . LEU A 1 48  ? -8.571  -3.268  -4.599  1.00 5.43  ? 135 LEU A CA  1 
ATOM   390  C C   . LEU A 1 48  ? -8.287  -2.577  -3.271  1.00 6.19  ? 135 LEU A C   1 
ATOM   391  O O   . LEU A 1 48  ? -8.375  -3.192  -2.229  1.00 5.88  ? 135 LEU A O   1 
ATOM   392  C CB  . LEU A 1 48  ? -7.697  -4.487  -4.742  1.00 6.61  ? 135 LEU A CB  1 
ATOM   393  C CG  . LEU A 1 48  ? -8.050  -5.390  -5.918  1.00 5.88  ? 135 LEU A CG  1 
ATOM   394  C CD1 . LEU A 1 48  ? -7.050  -6.511  -6.098  1.00 6.54  ? 135 LEU A CD1 1 
ATOM   395  C CD2 . LEU A 1 48  ? -9.461  -5.999  -5.824  1.00 7.30  ? 135 LEU A CD2 1 
ATOM   396  N N   . GLY A 1 49  ? -7.883  -1.302  -3.316  1.00 5.81  ? 136 GLY A N   1 
ATOM   397  C CA  . GLY A 1 49  ? -7.451  -0.575  -2.133  1.00 4.64  ? 136 GLY A CA  1 
ATOM   398  C C   . GLY A 1 49  ? -6.048  -0.880  -1.683  1.00 4.83  ? 136 GLY A C   1 
ATOM   399  O O   . GLY A 1 49  ? -5.614  -0.438  -0.661  1.00 4.87  ? 136 GLY A O   1 
ATOM   400  N N   . LEU A 1 50  ? -5.348  -1.667  -2.481  1.00 4.80  ? 137 LEU A N   1 
ATOM   401  C CA  . LEU A 1 50  ? -4.005  -2.153  -2.219  1.00 4.16  ? 137 LEU A CA  1 
ATOM   402  C C   . LEU A 1 50  ? -2.974  -1.468  -3.063  1.00 4.18  ? 137 LEU A C   1 
ATOM   403  O O   . LEU A 1 50  ? -3.209  -1.197  -4.242  1.00 5.89  ? 137 LEU A O   1 
ATOM   404  C CB  . LEU A 1 50  ? -3.932  -3.672  -2.451  1.00 5.22  ? 137 LEU A CB  1 
ATOM   405  C CG  . LEU A 1 50  ? -4.946  -4.559  -1.747  1.00 4.31  ? 137 LEU A CG  1 
ATOM   406  C CD1 . LEU A 1 50  ? -4.829  -6.018  -2.232  1.00 7.34  ? 137 LEU A CD1 1 
ATOM   407  C CD2 . LEU A 1 50  ? -4.769  -4.459  -0.238  1.00 8.32  ? 137 LEU A CD2 1 
ATOM   408  N N   . ALA A 1 51  ? -1.799  -1.230  -2.508  1.00 4.56  ? 138 ALA A N   1 
ATOM   409  C CA  . ALA A 1 51  ? -0.698  -0.646  -3.231  1.00 4.51  ? 138 ALA A CA  1 
ATOM   410  C C   . ALA A 1 51  ? 0.632   -1.088  -2.622  1.00 4.34  ? 138 ALA A C   1 
ATOM   411  O O   . ALA A 1 51  ? 0.725   -1.554  -1.471  1.00 5.26  ? 138 ALA A O   1 
ATOM   412  C CB  . ALA A 1 51  ? -0.809  0.882   -3.242  1.00 6.04  ? 138 ALA A CB  1 
ATOM   413  N N   . ARG A 1 52  ? 1.633   -0.983  -3.463  1.00 5.88  ? 139 ARG A N   1 
ATOM   414  C CA  . ARG A 1 52  ? 3.042   -1.170  -3.139  1.00 6.68  ? 139 ARG A CA  1 
ATOM   415  C C   . ARG A 1 52  ? 3.780   0.137   -3.389  1.00 5.21  ? 139 ARG A C   1 
ATOM   416  O O   . ARG A 1 52  ? 3.626   0.716   -4.485  1.00 6.16  ? 139 ARG A O   1 
ATOM   417  C CB  . ARG A 1 52  ? 3.584   -2.263  -4.073  1.00 7.92  ? 139 ARG A CB  1 
ATOM   418  C CG  . ARG A 1 52  ? 5.060   -2.593  -3.971  1.00 8.93  ? 139 ARG A CG  1 
ATOM   419  C CD  . ARG A 1 52  ? 5.473   -3.588  -5.078  1.00 8.85  ? 139 ARG A CD  1 
ATOM   420  N NE  . ARG A 1 52  ? 5.479   -3.025  -6.440  1.00 8.78  ? 139 ARG A NE  1 
ATOM   421  C CZ  . ARG A 1 52  ? 6.472   -2.309  -6.950  1.00 7.96  ? 139 ARG A CZ  1 
ATOM   422  N NH1 . ARG A 1 52  ? 7.572   -2.069  -6.242  1.00 9.65  ? 139 ARG A NH1 1 
ATOM   423  N NH2 . ARG A 1 52  ? 6.389   -1.896  -8.203  1.00 8.68  ? 139 ARG A NH2 1 
ATOM   424  N N   . VAL A 1 53  ? 4.574   0.597   -2.422  1.00 5.19  ? 140 VAL A N   1 
ATOM   425  C CA  . VAL A 1 53  ? 5.432   1.754   -2.631  1.00 6.56  ? 140 VAL A CA  1 
ATOM   426  C C   . VAL A 1 53  ? 6.859   1.388   -2.162  1.00 6.19  ? 140 VAL A C   1 
ATOM   427  O O   . VAL A 1 53  ? 7.071   0.951   -1.041  1.00 6.18  ? 140 VAL A O   1 
ATOM   428  C CB  . VAL A 1 53  ? 4.937   3.036   -1.927  1.00 6.34  ? 140 VAL A CB  1 
ATOM   429  C CG1 . VAL A 1 53  ? 5.870   4.200   -2.237  1.00 7.67  ? 140 VAL A CG1 1 
ATOM   430  C CG2 . VAL A 1 53  ? 3.492   3.356   -2.367  1.00 7.52  ? 140 VAL A CG2 1 
ATOM   431  N N   . LEU A 1 54  ? 7.810   1.500   -3.086  1.00 5.49  ? 141 LEU A N   1 
ATOM   432  C CA  . LEU A 1 54  ? 9.213   1.183   -2.842  1.00 5.30  ? 141 LEU A CA  1 
ATOM   433  C C   . LEU A 1 54  ? 9.974   2.489   -2.624  1.00 5.90  ? 141 LEU A C   1 
ATOM   434  O O   . LEU A 1 54  ? 9.869   3.391   -3.460  1.00 7.66  ? 141 LEU A O   1 
ATOM   435  C CB  . LEU A 1 54  ? 9.763   0.432   -4.025  1.00 6.42  ? 141 LEU A CB  1 
ATOM   436  C CG  . LEU A 1 54  ? 11.243  0.065   -3.934  1.00 6.30  ? 141 LEU A CG  1 
ATOM   437  C CD1 . LEU A 1 54  ? 11.585  -0.793  -2.737  1.00 7.19  ? 141 LEU A CD1 1 
ATOM   438  C CD2 . LEU A 1 54  ? 11.695  -0.624  -5.218  1.00 8.06  ? 141 LEU A CD2 1 
ATOM   439  N N   . PHE A 1 55  ? 10.711  2.574   -1.529  1.00 5.52  ? 142 PHE A N   1 
ATOM   440  C CA  . PHE A 1 55  ? 11.555  3.692   -1.192  1.00 6.51  ? 142 PHE A CA  1 
ATOM   441  C C   . PHE A 1 55  ? 13.030  3.400   -1.455  1.00 6.58  ? 142 PHE A C   1 
ATOM   442  O O   . PHE A 1 55  ? 13.464  2.265   -1.484  1.00 6.39  ? 142 PHE A O   1 
ATOM   443  C CB  . PHE A 1 55  ? 11.320  4.051   0.274   1.00 6.65  ? 142 PHE A CB  1 
ATOM   444  C CG  . PHE A 1 55  ? 9.945   4.572   0.514   1.00 7.07  ? 142 PHE A CG  1 
ATOM   445  C CD1 . PHE A 1 55  ? 9.673   5.917   0.428   1.00 8.30  ? 142 PHE A CD1 1 
ATOM   446  C CD2 . PHE A 1 55  ? 8.881   3.698   0.748   1.00 7.28  ? 142 PHE A CD2 1 
ATOM   447  C CE1 . PHE A 1 55  ? 8.392   6.388   0.625   1.00 7.81  ? 142 PHE A CE1 1 
ATOM   448  C CE2 . PHE A 1 55  ? 7.607   4.175   0.931   1.00 8.58  ? 142 PHE A CE2 1 
ATOM   449  C CZ  . PHE A 1 55  ? 7.375   5.534   0.857   1.00 7.86  ? 142 PHE A CZ  1 
ATOM   450  N N   . THR A 1 56  ? 13.803  4.473   -1.579  1.00 7.76  ? 143 THR A N   1 
ATOM   451  C CA  A THR A 1 56  ? 15.239  4.368   -1.822  0.50 9.57  ? 143 THR A CA  1 
ATOM   452  C CA  B THR A 1 56  ? 15.255  4.418   -1.795  0.50 9.23  ? 143 THR A CA  1 
ATOM   453  C C   . THR A 1 56  ? 15.960  3.950   -0.537  1.00 9.23  ? 143 THR A C   1 
ATOM   454  O O   . THR A 1 56  ? 16.949  3.235   -0.583  1.00 9.85  ? 143 THR A O   1 
ATOM   455  C CB  A THR A 1 56  ? 15.814  5.699   -2.394  0.50 10.87 ? 143 THR A CB  1 
ATOM   456  C CB  B THR A 1 56  ? 15.835  5.821   -2.159  0.50 10.00 ? 143 THR A CB  1 
ATOM   457  O OG1 A THR A 1 56  ? 15.125  6.011   -3.613  0.50 12.66 ? 143 THR A OG1 1 
ATOM   458  O OG1 B THR A 1 56  ? 15.840  6.664   -1.002  0.50 10.34 ? 143 THR A OG1 1 
ATOM   459  C CG2 A THR A 1 56  ? 17.301  5.579   -2.682  0.50 11.04 ? 143 THR A CG2 1 
ATOM   460  C CG2 B THR A 1 56  ? 15.001  6.457   -3.249  0.50 11.23 ? 143 THR A CG2 1 
ATOM   461  N N   . SER A 1 57  ? 15.445  4.380   0.601   1.00 10.19 ? 144 SER A N   1 
ATOM   462  C CA  . SER A 1 57  ? 16.038  4.127   1.912   1.00 11.60 ? 144 SER A CA  1 
ATOM   463  C C   . SER A 1 57  ? 15.045  3.486   2.834   1.00 10.18 ? 144 SER A C   1 
ATOM   464  O O   . SER A 1 57  ? 13.852  3.723   2.730   1.00 9.51  ? 144 SER A O   1 
ATOM   465  C CB  . SER A 1 57  ? 16.529  5.447   2.569   1.00 12.14 ? 144 SER A CB  1 
ATOM   466  O OG  . SER A 1 57  ? 16.895  5.241   3.919   1.00 13.07 ? 144 SER A OG  1 
ATOM   467  N N   . THR A 1 58  ? 15.540  2.711   3.784   1.00 10.11 ? 145 THR A N   1 
ATOM   468  C CA  . THR A 1 58  ? 14.709  2.199   4.862   1.00 10.79 ? 145 THR A CA  1 
ATOM   469  C C   . THR A 1 58  ? 14.062  3.328   5.700   1.00 9.95  ? 145 THR A C   1 
ATOM   470  O O   . THR A 1 58  ? 12.987  3.145   6.269   1.00 9.64  ? 145 THR A O   1 
ATOM   471  C CB  . THR A 1 58  ? 15.527  1.267   5.784   1.00 11.42 ? 145 THR A CB  1 
ATOM   472  O OG1 . THR A 1 58  ? 16.761  1.923   6.119   1.00 14.35 ? 145 THR A OG1 1 
ATOM   473  C CG2 . THR A 1 58  ? 15.793  -0.077  5.085   1.00 12.54 ? 145 THR A CG2 1 
ATOM   474  N N   . ARG A 1 59  ? 14.737  4.472   5.770   1.00 8.96  ? 146 ARG A N   1 
ATOM   475  C CA  . ARG A 1 59  ? 14.180  5.605   6.514   1.00 9.20  ? 146 ARG A CA  1 
ATOM   476  C C   . ARG A 1 59  ? 12.879  6.079   5.877   1.00 7.91  ? 146 ARG A C   1 
ATOM   477  O O   . ARG A 1 59  ? 11.924  6.391   6.590   1.00 8.99  ? 146 ARG A O   1 
ATOM   478  C CB  . ARG A 1 59  ? 15.179  6.782   6.553   1.00 9.58  ? 146 ARG A CB  1 
ATOM   479  C CG  . ARG A 1 59  ? 14.664  8.066   7.251   1.00 11.22 ? 146 ARG A CG  1 
ATOM   480  C CD  . ARG A 1 59  ? 14.490  7.903   8.755   1.00 14.04 ? 146 ARG A CD  1 
ATOM   481  N NE  . ARG A 1 59  ? 15.740  8.009   9.506   1.00 15.62 ? 146 ARG A NE  1 
ATOM   482  C CZ  . ARG A 1 59  ? 15.867  7.774   10.816  1.00 19.11 ? 146 ARG A CZ  1 
ATOM   483  N NH1 . ARG A 1 59  ? 14.827  7.377   11.549  1.00 20.17 ? 146 ARG A NH1 1 
ATOM   484  N NH2 . ARG A 1 59  ? 17.057  7.928   11.385  1.00 20.98 ? 146 ARG A NH2 1 
ATOM   485  N N   . GLY A 1 60  ? 12.831  6.160   4.546   1.00 7.30  ? 147 GLY A N   1 
ATOM   486  C CA  . GLY A 1 60  ? 11.617  6.604   3.853   1.00 7.68  ? 147 GLY A CA  1 
ATOM   487  C C   . GLY A 1 60  ? 10.463  5.652   4.085   1.00 6.64  ? 147 GLY A C   1 
ATOM   488  O O   . GLY A 1 60  ? 9.341   6.090   4.316   1.00 7.24  ? 147 GLY A O   1 
ATOM   489  N N   . ALA A 1 61  ? 10.725  4.337   4.056   1.00 5.74  ? 148 ALA A N   1 
ATOM   490  C CA  . ALA A 1 61  ? 9.658   3.341   4.294   1.00 5.94  ? 148 ALA A CA  1 
ATOM   491  C C   . ALA A 1 61  ? 9.130   3.472   5.723   1.00 6.53  ? 148 ALA A C   1 
ATOM   492  O O   . ALA A 1 61  ? 7.931   3.478   5.969   1.00 7.45  ? 148 ALA A O   1 
ATOM   493  C CB  . ALA A 1 61  ? 10.165  1.914   3.987   1.00 6.23  ? 148 ALA A CB  1 
ATOM   494  N N   . LYS A 1 62  ? 10.045  3.572   6.682   1.00 7.70  ? 149 LYS A N   1 
ATOM   495  C CA  . LYS A 1 62  ? 9.648   3.665   8.086   1.00 10.21 ? 149 LYS A CA  1 
ATOM   496  C C   . LYS A 1 62  ? 8.878   4.938   8.387   1.00 8.82  ? 149 LYS A C   1 
ATOM   497  O O   . LYS A 1 62  ? 7.926   4.913   9.140   1.00 9.77  ? 149 LYS A O   1 
ATOM   498  C CB  . LYS A 1 62  ? 10.861  3.607   9.000   1.00 13.29 ? 149 LYS A CB  1 
ATOM   499  C CG  . LYS A 1 62  ? 11.306  2.213   9.329   1.00 18.68 ? 149 LYS A CG  1 
ATOM   500  C CD  . LYS A 1 62  ? 12.633  2.184   10.098  1.00 23.19 ? 149 LYS A CD  1 
ATOM   501  C CE  . LYS A 1 62  ? 12.740  3.332   11.102  1.00 26.36 ? 149 LYS A CE  1 
ATOM   502  N N   . GLU A 1 63  ? 9.331   6.076   7.859   1.00 7.38  ? 150 GLU A N   1 
ATOM   503  C CA  . GLU A 1 63  ? 8.629   7.342   8.061   1.00 6.61  ? 150 GLU A CA  1 
ATOM   504  C C   . GLU A 1 63  ? 7.250   7.327   7.450   1.00 7.74  ? 150 GLU A C   1 
ATOM   505  O O   . GLU A 1 63  ? 6.313   7.948   7.976   1.00 7.82  ? 150 GLU A O   1 
ATOM   506  C CB  . GLU A 1 63  ? 9.433   8.507   7.468   1.00 8.79  ? 150 GLU A CB  1 
ATOM   507  C CG  . GLU A 1 63  ? 10.673  8.894   8.248   1.00 10.96 ? 150 GLU A CG  1 
ATOM   508  C CD  . GLU A 1 63  ? 10.350  9.715   9.492   1.00 15.66 ? 150 GLU A CD  1 
ATOM   509  O OE1 . GLU A 1 63  ? 9.626   10.746  9.380   1.00 19.22 ? 150 GLU A OE1 1 
ATOM   510  O OE2 . GLU A 1 63  ? 10.825  9.351   10.579  1.00 19.45 ? 150 GLU A OE2 1 
ATOM   511  N N   . THR A 1 64  ? 7.132   6.683   6.299   1.00 6.87  ? 151 THR A N   1 
ATOM   512  C CA  . THR A 1 64  ? 5.834   6.555   5.654   1.00 7.68  ? 151 THR A CA  1 
ATOM   513  C C   . THR A 1 64  ? 4.857   5.758   6.504   1.00 7.31  ? 151 THR A C   1 
ATOM   514  O O   . THR A 1 64  ? 3.713   6.210   6.703   1.00 9.08  ? 151 THR A O   1 
ATOM   515  C CB  . THR A 1 64  ? 5.979   5.963   4.261   1.00 6.19  ? 151 THR A CB  1 
ATOM   516  O OG1 . THR A 1 64  ? 6.745   6.886   3.495   1.00 8.74  ? 151 THR A OG1 1 
ATOM   517  C CG2 . THR A 1 64  ? 4.639   5.741   3.639   1.00 10.11 ? 151 THR A CG2 1 
ATOM   518  N N   . VAL A 1 65  ? 5.306   4.627   7.010   1.00 7.25  ? 152 VAL A N   1 
ATOM   519  C CA  . VAL A 1 65  ? 4.480   3.799   7.859   1.00 7.16  ? 152 VAL A CA  1 
ATOM   520  C C   . VAL A 1 65  ? 4.102   4.605   9.122   1.00 7.72  ? 152 VAL A C   1 
ATOM   521  O O   . VAL A 1 65  ? 2.925   4.622   9.525   1.00 9.45  ? 152 VAL A O   1 
ATOM   522  C CB  . VAL A 1 65  ? 5.167   2.476   8.165   1.00 7.52  ? 152 VAL A CB  1 
ATOM   523  C CG1 . VAL A 1 65  ? 4.416   1.714   9.289   1.00 9.72  ? 152 VAL A CG1 1 
ATOM   524  C CG2 . VAL A 1 65  ? 5.313   1.622   6.874   1.00 8.15  ? 152 VAL A CG2 1 
ATOM   525  N N   . LYS A 1 66  ? 5.083   5.281   9.712   1.00 8.02  ? 153 LYS A N   1 
ATOM   526  C CA  . LYS A 1 66  ? 4.865   6.037   10.974  1.00 9.01  ? 153 LYS A CA  1 
ATOM   527  C C   . LYS A 1 66  ? 3.783   7.062   10.808  1.00 11.32 ? 153 LYS A C   1 
ATOM   528  O O   . LYS A 1 66  ? 2.946   7.253   11.705  1.00 12.52 ? 153 LYS A O   1 
ATOM   529  C CB  . LYS A 1 66  ? 6.153   6.736   11.375  1.00 10.08 ? 153 LYS A CB  1 
ATOM   530  C CG  . LYS A 1 66  ? 5.993   7.646   12.572  1.00 12.62 ? 153 LYS A CG  1 
ATOM   531  C CD  . LYS A 1 66  ? 7.322   8.274   12.945  1.00 15.60 ? 153 LYS A CD  1 
ATOM   532  C CE  . LYS A 1 66  ? 7.143   9.314   14.057  1.00 21.84 ? 153 LYS A CE  1 
ATOM   533  N NZ  . LYS A 1 66  ? 6.414   10.521  13.560  1.00 27.44 ? 153 LYS A NZ  1 
ATOM   534  N N   . ASN A 1 67  ? 3.783   7.729   9.661   1.00 9.56  ? 154 ASN A N   1 
ATOM   535  C CA  . ASN A 1 67  ? 2.911   8.864   9.418   1.00 10.16 ? 154 ASN A CA  1 
ATOM   536  C C   . ASN A 1 67  ? 1.616   8.591   8.690   1.00 9.83  ? 154 ASN A C   1 
ATOM   537  O O   . ASN A 1 67  ? 0.682   9.403   8.773   1.00 10.84 ? 154 ASN A O   1 
ATOM   538  C CB  . ASN A 1 67  ? 3.672   9.939   8.661   1.00 10.91 ? 154 ASN A CB  1 
ATOM   539  C CG  . ASN A 1 67  ? 4.660   10.672  9.542   1.00 13.24 ? 154 ASN A CG  1 
ATOM   540  O OD1 . ASN A 1 67  ? 4.265   11.613  10.261  1.00 20.66 ? 154 ASN A OD1 1 
ATOM   541  N ND2 . ASN A 1 67  ? 5.929   10.258  9.530   1.00 12.73 ? 154 ASN A ND2 1 
ATOM   542  N N   . LEU A 1 68  ? 1.528   7.475   7.986   1.00 8.14  ? 155 LEU A N   1 
ATOM   543  C CA  . LEU A 1 68  ? 0.315   7.188   7.256   1.00 7.89  ? 155 LEU A CA  1 
ATOM   544  C C   . LEU A 1 68  ? -0.503  6.030   7.806   1.00 6.75  ? 155 LEU A C   1 
ATOM   545  O O   . LEU A 1 68  ? -1.690  5.908   7.465   1.00 9.01  ? 155 LEU A O   1 
ATOM   546  C CB  . LEU A 1 68  ? 0.641   6.913   5.806   1.00 8.83  ? 155 LEU A CB  1 
ATOM   547  C CG  . LEU A 1 68  ? 1.135   8.112   5.001   1.00 9.23  ? 155 LEU A CG  1 
ATOM   548  C CD1 . LEU A 1 68  ? 1.401   7.695   3.517   1.00 8.68  ? 155 LEU A CD1 1 
ATOM   549  C CD2 . LEU A 1 68  ? 0.180   9.299   5.026   1.00 10.94 ? 155 LEU A CD2 1 
ATOM   550  N N   . HIS A 1 69  ? 0.084   5.132   8.598   1.00 7.84  ? 156 HIS A N   1 
ATOM   551  C CA  . HIS A 1 69  ? -0.713  4.051   9.131   1.00 6.99  ? 156 HIS A CA  1 
ATOM   552  C C   . HIS A 1 69  ? -1.787  4.649   10.042  1.00 7.06  ? 156 HIS A C   1 
ATOM   553  O O   . HIS A 1 69  ? -1.474  5.434   10.931  1.00 9.80  ? 156 HIS A O   1 
ATOM   554  C CB  . HIS A 1 69  ? 0.138   3.041   9.874   1.00 6.83  ? 156 HIS A CB  1 
ATOM   555  C CG  . HIS A 1 69  ? -0.637  1.889   10.391  1.00 7.28  ? 156 HIS A CG  1 
ATOM   556  N ND1 . HIS A 1 69  ? -1.411  1.090   9.591   1.00 7.62  ? 156 HIS A ND1 1 
ATOM   557  C CD2 . HIS A 1 69  ? -0.735  1.378   11.638  1.00 9.10  ? 156 HIS A CD2 1 
ATOM   558  C CE1 . HIS A 1 69  ? -1.969  0.146   10.322  1.00 8.27  ? 156 HIS A CE1 1 
ATOM   559  N NE2 . HIS A 1 69  ? -1.590  0.307   11.579  1.00 8.84  ? 156 HIS A NE2 1 
ATOM   560  N N   . LEU A 1 70  ? -3.037  4.265   9.788   1.00 7.75  ? 157 LEU A N   1 
ATOM   561  C CA  . LEU A 1 70  ? -4.236  4.722   10.514  1.00 8.33  ? 157 LEU A CA  1 
ATOM   562  C C   . LEU A 1 70  ? -4.560  6.190   10.286  1.00 9.90  ? 157 LEU A C   1 
ATOM   563  O O   . LEU A 1 70  ? -5.320  6.777   11.021  1.00 9.98  ? 157 LEU A O   1 
ATOM   564  C CB  . LEU A 1 70  ? -4.183  4.350   12.004  1.00 9.55  ? 157 LEU A CB  1 
ATOM   565  C CG  . LEU A 1 70  ? -3.976  2.871   12.276  1.00 12.40 ? 157 LEU A CG  1 
ATOM   566  C CD1 . LEU A 1 70  ? -3.793  2.677   13.791  1.00 14.18 ? 157 LEU A CD1 1 
ATOM   567  C CD2 . LEU A 1 70  ? -5.130  2.034   11.732  1.00 14.51 ? 157 LEU A CD2 1 
ATOM   568  N N   . THR A 1 71  ? -4.060  6.748   9.190   1.00 8.54  ? 158 THR A N   1 
ATOM   569  C CA  . THR A 1 71  ? -4.366  8.126   8.784   1.00 9.37  ? 158 THR A CA  1 
ATOM   570  C C   . THR A 1 71  ? -5.475  8.086   7.749   1.00 9.61  ? 158 THR A C   1 
ATOM   571  O O   . THR A 1 71  ? -5.510  7.238   6.846   1.00 9.92  ? 158 THR A O   1 
ATOM   572  C CB  . THR A 1 71  ? -3.102  8.792   8.240   1.00 10.77 ? 158 THR A CB  1 
ATOM   573  O OG1 . THR A 1 71  ? -2.131  8.761   9.291   1.00 13.25 ? 158 THR A OG1 1 
ATOM   574  C CG2 . THR A 1 71  ? -3.318  10.244  7.833   1.00 13.87 ? 158 THR A CG2 1 
ATOM   575  N N   . SER A 1 72  ? -6.395  9.032   7.863   1.00 9.96  ? 159 SER A N   1 
ATOM   576  C CA  . SER A 1 72  ? -7.475  9.173   6.899   1.00 11.50 ? 159 SER A CA  1 
ATOM   577  C C   . SER A 1 72  ? -6.978  9.990   5.707   1.00 10.62 ? 159 SER A C   1 
ATOM   578  O O   . SER A 1 72  ? -6.477  11.105  5.875   1.00 13.69 ? 159 SER A O   1 
ATOM   579  C CB  . SER A 1 72  ? -8.642  9.873   7.555   1.00 12.13 ? 159 SER A CB  1 
ATOM   580  O OG  . SER A 1 72  ? -9.759  9.945   6.690   1.00 17.99 ? 159 SER A OG  1 
ATOM   581  N N   . VAL A 1 73  ? -7.116  9.440   4.500   1.00 8.82  ? 160 VAL A N   1 
ATOM   582  C CA  . VAL A 1 73  ? -6.719  10.073  3.237   1.00 10.33 ? 160 VAL A CA  1 
ATOM   583  C C   . VAL A 1 73  ? -7.898  9.890   2.277   1.00 8.99  ? 160 VAL A C   1 
ATOM   584  O O   . VAL A 1 73  ? -8.381  8.755   2.067   1.00 8.22  ? 160 VAL A O   1 
ATOM   585  C CB  . VAL A 1 73  ? -5.430  9.456   2.669   1.00 9.72  ? 160 VAL A CB  1 
ATOM   586  C CG1 . VAL A 1 73  ? -5.043  10.128  1.358   1.00 12.06 ? 160 VAL A CG1 1 
ATOM   587  C CG2 . VAL A 1 73  ? -4.298  9.583   3.677   1.00 10.99 ? 160 VAL A CG2 1 
ATOM   588  N N   . MET A 1 74  ? -8.422  11.004  1.763   1.00 9.93  ? 161 MET A N   1 
ATOM   589  C CA  A MET A 1 74  ? -9.656  10.976  0.976   0.50 9.93  ? 161 MET A CA  1 
ATOM   590  C CA  B MET A 1 74  ? -9.667  11.027  0.995   0.50 10.16 ? 161 MET A CA  1 
ATOM   591  C C   . MET A 1 74  ? -10.798 10.257  1.700   1.00 10.47 ? 161 MET A C   1 
ATOM   592  O O   . MET A 1 74  ? -11.617 9.595   1.079   1.00 12.39 ? 161 MET A O   1 
ATOM   593  C CB  A MET A 1 74  ? -9.385  10.303  -0.378  0.50 10.89 ? 161 MET A CB  1 
ATOM   594  C CB  B MET A 1 74  ? -9.412  10.538  -0.442  0.50 11.34 ? 161 MET A CB  1 
ATOM   595  C CG  A MET A 1 74  ? -8.278  10.959  -1.159  0.50 11.43 ? 161 MET A CG  1 
ATOM   596  C CG  B MET A 1 74  ? -8.477  11.460  -1.230  0.50 12.69 ? 161 MET A CG  1 
ATOM   597  S SD  A MET A 1 74  ? -8.722  12.646  -1.600  0.50 11.63 ? 161 MET A SD  1 
ATOM   598  S SD  B MET A 1 74  ? -8.417  11.195  -3.028  0.50 15.26 ? 161 MET A SD  1 
ATOM   599  C CE  A MET A 1 74  ? -9.772  12.360  -3.031  0.50 9.00  ? 161 MET A CE  1 
ATOM   600  C CE  B MET A 1 74  ? -9.996  11.898  -3.570  0.50 8.39  ? 161 MET A CE  1 
ATOM   601  N N   . GLY A 1 75  ? -10.862 10.377  3.011   1.00 12.33 ? 162 GLY A N   1 
ATOM   602  C CA  . GLY A 1 75  ? -11.985 9.826   3.767   1.00 13.99 ? 162 GLY A CA  1 
ATOM   603  C C   . GLY A 1 75  ? -11.980 8.333   4.069   1.00 14.69 ? 162 GLY A C   1 
ATOM   604  O O   . GLY A 1 75  ? -13.013 7.784   4.477   1.00 17.99 ? 162 GLY A O   1 
ATOM   605  N N   . ASN A 1 76  ? -10.852 7.653   3.858   1.00 12.14 ? 163 ASN A N   1 
ATOM   606  C CA  . ASN A 1 76  ? -10.712 6.278   4.313   1.00 9.92  ? 163 ASN A CA  1 
ATOM   607  C C   . ASN A 1 76  ? -9.434  6.126   5.153   1.00 10.40 ? 163 ASN A C   1 
ATOM   608  O O   . ASN A 1 76  ? -8.397  6.744   4.849   1.00 9.98  ? 163 ASN A O   1 
ATOM   609  C CB  . ASN A 1 76  ? -10.708 5.315   3.138   1.00 11.06 ? 163 ASN A CB  1 
ATOM   610  C CG  . ASN A 1 76  ? -12.082 5.152   2.496   1.00 11.77 ? 163 ASN A CG  1 
ATOM   611  O OD1 . ASN A 1 76  ? -12.294 5.563   1.365   1.00 12.73 ? 163 ASN A OD1 1 
ATOM   612  N ND2 . ASN A 1 76  ? -13.011 4.530   3.220   1.00 13.87 ? 163 ASN A ND2 1 
ATOM   613  N N   . ILE A 1 77  ? -9.508  5.336   6.215   1.00 9.89  ? 164 ILE A N   1 
ATOM   614  C CA  . ILE A 1 77  ? -8.385  5.111   7.085   1.00 10.47 ? 164 ILE A CA  1 
ATOM   615  C C   . ILE A 1 77  ? -7.411  4.105   6.444   1.00 8.63  ? 164 ILE A C   1 
ATOM   616  O O   . ILE A 1 77  ? -7.756  2.943   6.217   1.00 12.07 ? 164 ILE A O   1 
ATOM   617  C CB  . ILE A 1 77  ? -8.864  4.530   8.458   1.00 9.94  ? 164 ILE A CB  1 
ATOM   618  C CG1 . ILE A 1 77  ? -9.947  5.411   9.114   1.00 13.54 ? 164 ILE A CG1 1 
ATOM   619  C CG2 . ILE A 1 77  ? -7.680  4.370   9.404   1.00 11.05 ? 164 ILE A CG2 1 
ATOM   620  C CD1 . ILE A 1 77  ? -9.493  6.779   9.367   1.00 13.45 ? 164 ILE A CD1 1 
ATOM   621  N N   . ILE A 1 78  ? -6.231  4.575   6.160   1.00 8.42  ? 165 ILE A N   1 
ATOM   622  C CA  . ILE A 1 78  ? -5.202  3.764   5.506   1.00 8.76  ? 165 ILE A CA  1 
ATOM   623  C C   . ILE A 1 78  ? -4.606  2.773   6.487   1.00 8.69  ? 165 ILE A C   1 
ATOM   624  O O   . ILE A 1 78  ? -4.427  3.094   7.678   1.00 8.22  ? 165 ILE A O   1 
ATOM   625  C CB  . ILE A 1 78  ? -4.026  4.674   5.049   1.00 9.88  ? 165 ILE A CB  1 
ATOM   626  C CG1 . ILE A 1 78  ? -4.458  5.621   3.938   1.00 13.47 ? 165 ILE A CG1 1 
ATOM   627  C CG2 . ILE A 1 78  ? -2.782  3.867   4.580   1.00 12.55 ? 165 ILE A CG2 1 
ATOM   628  C CD1 . ILE A 1 78  ? -3.304  6.416   3.372   1.00 14.51 ? 165 ILE A CD1 1 
ATOM   629  N N   . HIS A 1 79  ? -4.286  1.591   5.993   1.00 7.19  ? 166 HIS A N   1 
ATOM   630  C CA  A HIS A 1 79  ? -3.399  0.623   6.656   0.70 8.09  ? 166 HIS A CA  1 
ATOM   631  C CA  B HIS A 1 79  ? -3.407  0.684   6.704   0.30 7.54  ? 166 HIS A CA  1 
ATOM   632  C C   . HIS A 1 79  ? -2.089  0.651   5.914   1.00 8.31  ? 166 HIS A C   1 
ATOM   633  O O   . HIS A 1 79  ? -2.082  0.436   4.727   1.00 9.78  ? 166 HIS A O   1 
ATOM   634  C CB  A HIS A 1 79  ? -3.999  -0.779  6.576   0.70 10.24 ? 166 HIS A CB  1 
ATOM   635  C CB  B HIS A 1 79  ? -4.043  -0.706  6.849   0.30 8.27  ? 166 HIS A CB  1 
ATOM   636  C CG  A HIS A 1 79  ? -3.056  -1.884  6.946   0.70 13.54 ? 166 HIS A CG  1 
ATOM   637  C CG  B HIS A 1 79  ? -5.310  -0.731  7.669   0.30 6.23  ? 166 HIS A CG  1 
ATOM   638  N ND1 A HIS A 1 79  ? -2.968  -2.382  8.227   0.70 18.43 ? 166 HIS A ND1 1 
ATOM   639  N ND1 B HIS A 1 79  ? -5.974  -1.906  7.958   0.30 10.29 ? 166 HIS A ND1 1 
ATOM   640  C CD2 A HIS A 1 79  ? -2.173  -2.599  6.200   0.70 15.14 ? 166 HIS A CD2 1 
ATOM   641  C CD2 B HIS A 1 79  ? -6.033  0.258   8.257   0.30 8.08  ? 166 HIS A CD2 1 
ATOM   642  C CE1 A HIS A 1 79  ? -2.075  -3.357  8.260   0.70 15.78 ? 166 HIS A CE1 1 
ATOM   643  C CE1 B HIS A 1 79  ? -7.049  -1.636  8.676   0.30 8.03  ? 166 HIS A CE1 1 
ATOM   644  N NE2 A HIS A 1 79  ? -1.584  -3.518  7.038   0.70 15.89 ? 166 HIS A NE2 1 
ATOM   645  N NE2 B HIS A 1 79  ? -7.092  -0.333  8.896   0.30 8.77  ? 166 HIS A NE2 1 
ATOM   646  N N   . ALA A 1 80  ? -0.980  0.903   6.580   1.00 6.37  ? 167 ALA A N   1 
ATOM   647  C CA  . ALA A 1 80  ? 0.333   0.930   5.938   1.00 7.36  ? 167 ALA A CA  1 
ATOM   648  C C   . ALA A 1 80  ? 1.345   0.165   6.796   1.00 7.34  ? 167 ALA A C   1 
ATOM   649  O O   . ALA A 1 80  ? 1.500   0.458   7.986   1.00 9.31  ? 167 ALA A O   1 
ATOM   650  C CB  . ALA A 1 80  ? 0.810   2.347   5.760   1.00 8.29  ? 167 ALA A CB  1 
ATOM   651  N N   . GLN A 1 81  ? 2.053   -0.795  6.222   1.00 5.84  ? 168 GLN A N   1 
ATOM   652  C CA  . GLN A 1 81  ? 3.033   -1.583  6.955   1.00 6.34  ? 168 GLN A CA  1 
ATOM   653  C C   . GLN A 1 81  ? 4.193   -1.951  6.048   1.00 5.78  ? 168 GLN A C   1 
ATOM   654  O O   . GLN A 1 81  ? 4.059   -2.057  4.826   1.00 6.38  ? 168 GLN A O   1 
ATOM   655  C CB  . GLN A 1 81  ? 2.398   -2.850  7.534   1.00 7.00  ? 168 GLN A CB  1 
ATOM   656  C CG  . GLN A 1 81  ? 1.313   -2.592  8.643   1.00 10.49 ? 168 GLN A CG  1 
ATOM   657  C CD  . GLN A 1 81  ? 1.868   -1.981  9.944   1.00 10.79 ? 168 GLN A CD  1 
ATOM   658  O OE1 . GLN A 1 81  ? 3.036   -2.077  10.243  1.00 11.46 ? 168 GLN A OE1 1 
ATOM   659  N NE2 . GLN A 1 81  ? 1.003   -1.362  10.711  1.00 16.66 ? 168 GLN A NE2 1 
ATOM   660  N N   . LEU A 1 82  ? 5.352   -2.179  6.637   1.00 6.47  ? 169 LEU A N   1 
ATOM   661  C CA  . LEU A 1 82  ? 6.449   -2.782  5.887   1.00 6.80  ? 169 LEU A CA  1 
ATOM   662  C C   . LEU A 1 82  ? 6.063   -4.196  5.444   1.00 7.06  ? 169 LEU A C   1 
ATOM   663  O O   . LEU A 1 82  ? 5.371   -4.910  6.157   1.00 8.01  ? 169 LEU A O   1 
ATOM   664  C CB  . LEU A 1 82  ? 7.690   -2.815  6.762   1.00 7.28  ? 169 LEU A CB  1 
ATOM   665  C CG  . LEU A 1 82  ? 8.188   -1.506  7.327   1.00 7.28  ? 169 LEU A CG  1 
ATOM   666  C CD1 . LEU A 1 82  ? 9.292   -1.733  8.366   1.00 10.10 ? 169 LEU A CD1 1 
ATOM   667  C CD2 . LEU A 1 82  ? 8.671   -0.595  6.183   1.00 10.91 ? 169 LEU A CD2 1 
ATOM   668  N N   . ASP A 1 83  ? 6.477   -4.607  4.257   1.00 6.65  ? 170 ASP A N   1 
ATOM   669  C CA  . ASP A 1 83  ? 6.102   -5.921  3.731   1.00 8.77  ? 170 ASP A CA  1 
ATOM   670  C C   . ASP A 1 83  ? 7.255   -6.434  2.874   1.00 8.31  ? 170 ASP A C   1 
ATOM   671  O O   . ASP A 1 83  ? 7.812   -5.694  2.112   1.00 10.74 ? 170 ASP A O   1 
ATOM   672  C CB  . ASP A 1 83  ? 4.817   -5.754  2.896   1.00 8.92  ? 170 ASP A CB  1 
ATOM   673  C CG  . ASP A 1 83  ? 4.061   -7.049  2.639   1.00 8.77  ? 170 ASP A CG  1 
ATOM   674  O OD1 . ASP A 1 83  ? 4.360   -8.106  3.244   1.00 10.28 ? 170 ASP A OD1 1 
ATOM   675  O OD2 . ASP A 1 83  ? 3.150   -6.987  1.771   1.00 9.25  ? 170 ASP A OD2 1 
ATOM   676  N N   . ILE A 1 84  ? 7.627   -7.691  3.054   1.00 9.73  ? 171 ILE A N   1 
ATOM   677  C CA  A ILE A 1 84  ? 8.700   -8.316  2.259   0.70 10.42 ? 171 ILE A CA  1 
ATOM   678  C CA  B ILE A 1 84  ? 8.704   -8.285  2.257   0.30 9.73  ? 171 ILE A CA  1 
ATOM   679  C C   . ILE A 1 84  ? 8.081   -9.146  1.176   1.00 9.36  ? 171 ILE A C   1 
ATOM   680  O O   . ILE A 1 84  ? 7.210   -9.995  1.454   1.00 9.10  ? 171 ILE A O   1 
ATOM   681  C CB  A ILE A 1 84  ? 9.610   -9.184  3.098   0.70 11.66 ? 171 ILE A CB  1 
ATOM   682  C CB  B ILE A 1 84  ? 9.730   -9.052  3.130   0.30 10.27 ? 171 ILE A CB  1 
ATOM   683  C CG1 A ILE A 1 84  ? 10.175  -8.372  4.254   0.70 11.50 ? 171 ILE A CG1 1 
ATOM   684  C CG1 B ILE A 1 84  ? 10.790  -8.074  3.655   0.30 9.15  ? 171 ILE A CG1 1 
ATOM   685  C CG2 A ILE A 1 84  ? 10.774  -9.768  2.212   0.70 11.90 ? 171 ILE A CG2 1 
ATOM   686  C CG2 B ILE A 1 84  ? 10.424  -10.185 2.346   0.30 9.84  ? 171 ILE A CG2 1 
ATOM   687  C CD1 A ILE A 1 84  ? 11.259  -9.099  5.035   0.70 13.80 ? 171 ILE A CD1 1 
ATOM   688  C CD1 B ILE A 1 84  ? 11.386  -7.163  2.596   0.30 12.09 ? 171 ILE A CD1 1 
ATOM   689  N N   . LYS A 1 85  ? 8.517   -8.913  -0.060  1.00 10.26 ? 172 LYS A N   1 
ATOM   690  C CA  A LYS A 1 85  ? 8.058   -9.660  -1.233  0.50 11.50 ? 172 LYS A CA  1 
ATOM   691  C CA  B LYS A 1 85  ? 8.059   -9.684  -1.219  0.50 11.14 ? 172 LYS A CA  1 
ATOM   692  C C   . LYS A 1 85  ? 6.532   -9.729  -1.349  1.00 11.48 ? 172 LYS A C   1 
ATOM   693  O O   . LYS A 1 85  ? 5.971   -10.691 -1.877  1.00 13.21 ? 172 LYS A O   1 
ATOM   694  C CB  A LYS A 1 85  ? 8.675   -11.056 -1.247  0.50 12.27 ? 172 LYS A CB  1 
ATOM   695  C CB  B LYS A 1 85  ? 8.629   -11.105 -1.174  0.50 11.69 ? 172 LYS A CB  1 
ATOM   696  C CG  A LYS A 1 85  ? 10.182  -11.039 -1.411  0.50 15.94 ? 172 LYS A CG  1 
ATOM   697  C CG  B LYS A 1 85  ? 10.122  -11.168 -1.411  0.50 13.72 ? 172 LYS A CG  1 
ATOM   698  C CD  A LYS A 1 85  ? 10.760  -12.425 -1.255  0.50 19.15 ? 172 LYS A CD  1 
ATOM   699  C CD  B LYS A 1 85  ? 10.459  -10.768 -2.821  0.50 13.04 ? 172 LYS A CD  1 
ATOM   700  C CE  A LYS A 1 85  ? 12.234  -12.404 -1.499  0.50 20.79 ? 172 LYS A CE  1 
ATOM   701  N NZ  A LYS A 1 85  ? 12.716  -13.778 -1.694  0.50 16.01 ? 172 LYS A NZ  1 
ATOM   702  N N   . GLY A 1 86  ? 5.857   -8.675  -0.874  1.00 9.35  ? 173 GLY A N   1 
ATOM   703  C CA  . GLY A 1 86  ? 4.398   -8.584  -0.956  1.00 10.58 ? 173 GLY A CA  1 
ATOM   704  C C   . GLY A 1 86  ? 3.672   -9.716  -0.313  1.00 9.34  ? 173 GLY A C   1 
ATOM   705  O O   . GLY A 1 86  ? 2.581   -10.071 -0.716  1.00 8.92  ? 173 GLY A O   1 
ATOM   706  N N   . GLN A 1 87  ? 4.245   -10.271 0.730   1.00 8.54  ? 174 GLN A N   1 
ATOM   707  C CA  . GLN A 1 87  ? 3.633   -11.408 1.402   1.00 9.02  ? 174 GLN A CA  1 
ATOM   708  C C   . GLN A 1 87  ? 2.251   -11.077 1.917   1.00 7.93  ? 174 GLN A C   1 
ATOM   709  O O   . GLN A 1 87  ? 1.295   -11.789 1.670   1.00 8.92  ? 174 GLN A O   1 
ATOM   710  C CB  . GLN A 1 87  ? 4.521   -11.825 2.571   1.00 10.06 ? 174 GLN A CB  1 
ATOM   711  C CG  . GLN A 1 87  ? 3.946   -12.970 3.412   1.00 13.38 ? 174 GLN A CG  1 
ATOM   712  C CD  . GLN A 1 87  ? 4.849   -13.316 4.587   1.00 16.42 ? 174 GLN A CD  1 
ATOM   713  O OE1 . GLN A 1 87  ? 5.445   -12.416 5.217   1.00 18.13 ? 174 GLN A OE1 1 
ATOM   714  N NE2 . GLN A 1 87  ? 4.990   -14.601 4.874   1.00 14.37 ? 174 GLN A NE2 1 
ATOM   715  N N   . GLN A 1 88  ? 2.136   -9.995  2.660   1.00 8.01  ? 175 GLN A N   1 
ATOM   716  C CA  . GLN A 1 88  ? 0.853   -9.575  3.172   1.00 8.75  ? 175 GLN A CA  1 
ATOM   717  C C   . GLN A 1 88  ? -0.029  -9.010  2.081   1.00 7.98  ? 175 GLN A C   1 
ATOM   718  O O   . GLN A 1 88  ? -1.213  -9.313  2.017   1.00 6.87  ? 175 GLN A O   1 
ATOM   719  C CB  . GLN A 1 88  ? 1.028   -8.571  4.317   1.00 9.92  ? 175 GLN A CB  1 
ATOM   720  C CG  . GLN A 1 88  ? 1.784   -9.160  5.516   1.00 15.81 ? 175 GLN A CG  1 
ATOM   721  C CD  . GLN A 1 88  ? 1.013   -10.270 6.213   1.00 22.02 ? 175 GLN A CD  1 
ATOM   722  O OE1 . GLN A 1 88  ? -0.164  -10.112 6.546   1.00 24.74 ? 175 GLN A OE1 1 
ATOM   723  N NE2 . GLN A 1 88  ? 1.679   -11.406 6.438   1.00 27.60 ? 175 GLN A NE2 1 
ATOM   724  N N   . ARG A 1 89  ? 0.553   -8.233  1.195   1.00 5.91  ? 176 ARG A N   1 
ATOM   725  C CA  . ARG A 1 89  ? -0.184  -7.634  0.097   1.00 7.13  ? 176 ARG A CA  1 
ATOM   726  C C   . ARG A 1 89  ? -0.891  -8.692  -0.758  1.00 7.10  ? 176 ARG A C   1 
ATOM   727  O O   . ARG A 1 89  ? -2.055  -8.524  -1.134  1.00 6.48  ? 176 ARG A O   1 
ATOM   728  C CB  . ARG A 1 89  ? 0.798   -6.828  -0.752  1.00 7.80  ? 176 ARG A CB  1 
ATOM   729  C CG  . ARG A 1 89  ? 0.184   -6.067  -1.921  1.00 8.63  ? 176 ARG A CG  1 
ATOM   730  C CD  . ARG A 1 89  ? 1.179   -5.053  -2.476  1.00 9.82  ? 176 ARG A CD  1 
ATOM   731  N NE  . ARG A 1 89  ? 2.324   -5.669  -3.103  1.00 11.49 ? 176 ARG A NE  1 
ATOM   732  C CZ  . ARG A 1 89  ? 3.584   -5.647  -2.651  1.00 9.16  ? 176 ARG A CZ  1 
ATOM   733  N NH1 . ARG A 1 89  ? 3.900   -5.045  -1.517  1.00 12.00 ? 176 ARG A NH1 1 
ATOM   734  N NH2 . ARG A 1 89  ? 4.551   -6.265  -3.337  1.00 11.92 ? 176 ARG A NH2 1 
ATOM   735  N N   . MET A 1 90  ? -0.187  -9.781  -1.057  1.00 7.21  ? 177 MET A N   1 
ATOM   736  C CA  A MET A 1 90  ? -0.768  -10.867 -1.852  0.50 7.06  ? 177 MET A CA  1 
ATOM   737  C CA  B MET A 1 90  ? -0.782  -10.832 -1.859  0.50 7.31  ? 177 MET A CA  1 
ATOM   738  C C   . MET A 1 90  ? -1.865  -11.609 -1.097  1.00 7.91  ? 177 MET A C   1 
ATOM   739  O O   . MET A 1 90  ? -2.876  -12.026 -1.694  1.00 7.86  ? 177 MET A O   1 
ATOM   740  C CB  A MET A 1 90  ? 0.303   -11.873 -2.314  0.50 8.06  ? 177 MET A CB  1 
ATOM   741  C CB  B MET A 1 90  ? 0.293   -11.756 -2.432  0.50 8.85  ? 177 MET A CB  1 
ATOM   742  C CG  A MET A 1 90  ? -0.233  -13.015 -3.238  0.50 8.31  ? 177 MET A CG  1 
ATOM   743  C CG  B MET A 1 90  ? 1.140   -11.078 -3.513  0.50 9.21  ? 177 MET A CG  1 
ATOM   744  S SD  A MET A 1 90  ? -1.097  -12.475 -4.737  0.50 13.59 ? 177 MET A SD  1 
ATOM   745  S SD  B MET A 1 90  ? 0.128   -10.296 -4.809  0.50 18.13 ? 177 MET A SD  1 
ATOM   746  C CE  A MET A 1 90  ? 0.298   -11.885 -5.693  0.50 13.74 ? 177 MET A CE  1 
ATOM   747  C CE  B MET A 1 90  ? -0.748  -11.729 -5.418  0.50 17.96 ? 177 MET A CE  1 
ATOM   748  N N   . LYS A 1 91  ? -1.693  -11.793 0.224   1.00 6.15  ? 178 LYS A N   1 
ATOM   749  C CA  . LYS A 1 91  ? -2.769  -12.370 1.004   1.00 5.69  ? 178 LYS A CA  1 
ATOM   750  C C   . LYS A 1 91  ? -4.002  -11.482 0.912   1.00 6.28  ? 178 LYS A C   1 
ATOM   751  O O   . LYS A 1 91  ? -5.136  -12.007 0.752   1.00 6.10  ? 178 LYS A O   1 
ATOM   752  C CB  . LYS A 1 91  ? -2.333  -12.565 2.428   1.00 6.52  ? 178 LYS A CB  1 
ATOM   753  C CG  . LYS A 1 91  ? -3.402  -13.135 3.334   1.00 11.17 ? 178 LYS A CG  1 
ATOM   754  C CD  . LYS A 1 91  ? -2.869  -13.289 4.774   1.00 14.25 ? 178 LYS A CD  1 
ATOM   755  C CE  . LYS A 1 91  ? -2.397  -11.993 5.375   1.00 18.86 ? 178 LYS A CE  1 
ATOM   756  N N   . TYR A 1 92  ? -3.852  -10.162 1.074   1.00 6.46  ? 179 TYR A N   1 
ATOM   757  C CA  . TYR A 1 92  ? -4.994  -9.266  0.997   1.00 6.02  ? 179 TYR A CA  1 
ATOM   758  C C   . TYR A 1 92  ? -5.630  -9.330  -0.373  1.00 5.81  ? 179 TYR A C   1 
ATOM   759  O O   . TYR A 1 92  ? -6.856  -9.350  -0.470  1.00 5.87  ? 179 TYR A O   1 
ATOM   760  C CB  . TYR A 1 92  ? -4.602  -7.824  1.306   1.00 6.80  ? 179 TYR A CB  1 
ATOM   761  C CG  . TYR A 1 92  ? -3.928  -7.590  2.646   1.00 7.99  ? 179 TYR A CG  1 
ATOM   762  C CD1 . TYR A 1 92  ? -4.135  -8.446  3.735   1.00 8.58  ? 179 TYR A CD1 1 
ATOM   763  C CD2 . TYR A 1 92  ? -3.058  -6.526  2.805   1.00 9.39  ? 179 TYR A CD2 1 
ATOM   764  C CE1 . TYR A 1 92  ? -3.465  -8.240  4.934   1.00 11.38 ? 179 TYR A CE1 1 
ATOM   765  C CE2 . TYR A 1 92  ? -2.396  -6.306  3.994   1.00 10.93 ? 179 TYR A CE2 1 
ATOM   766  C CZ  . TYR A 1 92  ? -2.601  -7.180  5.047   1.00 11.67 ? 179 TYR A CZ  1 
ATOM   767  O OH  . TYR A 1 92  ? -1.967  -6.970  6.260   1.00 15.34 ? 179 TYR A OH  1 
ATOM   768  N N   . TYR A 1 93  ? -4.839  -9.418  -1.433  1.00 5.53  ? 180 TYR A N   1 
ATOM   769  C CA  . TYR A 1 93  ? -5.355  -9.576  -2.810  1.00 6.10  ? 180 TYR A CA  1 
ATOM   770  C C   . TYR A 1 93  ? -6.238  -10.816 -2.890  1.00 5.31  ? 180 TYR A C   1 
ATOM   771  O O   . TYR A 1 93  ? -7.352  -10.773 -3.391  1.00 6.83  ? 180 TYR A O   1 
ATOM   772  C CB  . TYR A 1 93  ? -4.190  -9.676  -3.767  1.00 5.68  ? 180 TYR A CB  1 
ATOM   773  C CG  . TYR A 1 93  ? -4.540  -9.963  -5.214  1.00 6.26  ? 180 TYR A CG  1 
ATOM   774  C CD1 . TYR A 1 93  ? -4.743  -8.951  -6.110  1.00 6.16  ? 180 TYR A CD1 1 
ATOM   775  C CD2 . TYR A 1 93  ? -4.652  -11.270 -5.669  1.00 8.78  ? 180 TYR A CD2 1 
ATOM   776  C CE1 . TYR A 1 93  ? -5.018  -9.230  -7.440  1.00 9.16  ? 180 TYR A CE1 1 
ATOM   777  C CE2 . TYR A 1 93  ? -4.934  -11.549 -6.970  1.00 10.50 ? 180 TYR A CE2 1 
ATOM   778  C CZ  . TYR A 1 93  ? -5.125  -10.529 -7.856  1.00 9.80  ? 180 TYR A CZ  1 
ATOM   779  O OH  . TYR A 1 93  ? -5.393  -10.829 -9.188  1.00 10.48 ? 180 TYR A OH  1 
ATOM   780  N N   . GLU A 1 94  ? -5.736  -11.936 -2.371  1.00 5.30  ? 181 GLU A N   1 
ATOM   781  C CA  . GLU A 1 94  ? -6.488  -13.179 -2.411  1.00 6.62  ? 181 GLU A CA  1 
ATOM   782  C C   . GLU A 1 94  ? -7.777  -13.105 -1.596  1.00 6.21  ? 181 GLU A C   1 
ATOM   783  O O   . GLU A 1 94  ? -8.836  -13.580 -2.063  1.00 6.64  ? 181 GLU A O   1 
ATOM   784  C CB  . GLU A 1 94  ? -5.608  -14.331 -1.962  1.00 7.37  ? 181 GLU A CB  1 
ATOM   785  C CG  . GLU A 1 94  ? -4.519  -14.607 -2.980  1.00 10.87 ? 181 GLU A CG  1 
ATOM   786  C CD  . GLU A 1 94  ? -3.371  -15.456 -2.486  1.00 13.49 ? 181 GLU A CD  1 
ATOM   787  O OE1 . GLU A 1 94  ? -3.242  -15.604 -1.271  1.00 15.50 ? 181 GLU A OE1 1 
ATOM   788  O OE2 . GLU A 1 94  ? -2.569  -15.922 -3.332  1.00 21.20 ? 181 GLU A OE2 1 
ATOM   789  N N   . LEU A 1 95  ? -7.729  -12.509 -0.415  1.00 6.01  ? 182 LEU A N   1 
ATOM   790  C CA  . LEU A 1 95  ? -8.910  -12.393 0.421   1.00 7.10  ? 182 LEU A CA  1 
ATOM   791  C C   . LEU A 1 95  ? -10.013 -11.551 -0.199  1.00 6.43  ? 182 LEU A C   1 
ATOM   792  O O   . LEU A 1 95  ? -11.192 -11.839 -0.021  1.00 8.74  ? 182 LEU A O   1 
ATOM   793  C CB  . LEU A 1 95  ? -8.522  -11.842 1.783   1.00 8.25  ? 182 LEU A CB  1 
ATOM   794  C CG  . LEU A 1 95  ? -7.670  -12.772 2.660   1.00 10.05 ? 182 LEU A CG  1 
ATOM   795  C CD1 . LEU A 1 95  ? -7.267  -12.054 3.935   1.00 9.98  ? 182 LEU A CD1 1 
ATOM   796  C CD2 . LEU A 1 95  ? -8.460  -14.075 2.961   1.00 11.25 ? 182 LEU A CD2 1 
ATOM   797  N N   . ILE A 1 96  ? -9.666  -10.473 -0.884  1.00 6.17  ? 183 ILE A N   1 
ATOM   798  C CA  . ILE A 1 96  ? -10.640 -9.619  -1.564  1.00 6.30  ? 183 ILE A CA  1 
ATOM   799  C C   . ILE A 1 96  ? -11.115 -10.251 -2.876  1.00 6.01  ? 183 ILE A C   1 
ATOM   800  O O   . ILE A 1 96  ? -12.332 -10.284 -3.146  1.00 7.80  ? 183 ILE A O   1 
ATOM   801  C CB  . ILE A 1 96  ? -10.035 -8.246  -1.857  1.00 6.61  ? 183 ILE A CB  1 
ATOM   802  C CG1 . ILE A 1 96  ? -9.704  -7.518  -0.562  1.00 6.72  ? 183 ILE A CG1 1 
ATOM   803  C CG2 . ILE A 1 96  ? -11.030 -7.374  -2.635  1.00 7.76  ? 183 ILE A CG2 1 
ATOM   804  C CD1 . ILE A 1 96  ? -8.736  -6.332  -0.711  1.00 5.80  ? 183 ILE A CD1 1 
ATOM   805  N N   . VAL A 1 97  ? -10.188 -10.780 -3.688  1.00 6.55  ? 184 VAL A N   1 
ATOM   806  C CA  . VAL A 1 97  ? -10.569 -11.272 -5.006  1.00 6.52  ? 184 VAL A CA  1 
ATOM   807  C C   . VAL A 1 97  ? -11.268 -12.625 -4.933  1.00 8.17  ? 184 VAL A C   1 
ATOM   808  O O   . VAL A 1 97  ? -12.306 -12.842 -5.583  1.00 9.24  ? 184 VAL A O   1 
ATOM   809  C CB  . VAL A 1 97  ? -9.339  -11.356 -5.926  1.00 5.83  ? 184 VAL A CB  1 
ATOM   810  C CG1 . VAL A 1 97  ? -9.652  -12.079 -7.232  1.00 8.25  ? 184 VAL A CG1 1 
ATOM   811  C CG2 . VAL A 1 97  ? -8.768  -9.967  -6.207  1.00 7.45  ? 184 VAL A CG2 1 
ATOM   812  N N   . ASN A 1 98  ? -10.707 -13.550 -4.161  1.00 8.71  ? 185 ASN A N   1 
ATOM   813  C CA  . ASN A 1 98  ? -11.284 -14.903 -4.036  1.00 9.64  ? 185 ASN A CA  1 
ATOM   814  C C   . ASN A 1 98  ? -12.204 -15.039 -2.855  1.00 9.99  ? 185 ASN A C   1 
ATOM   815  O O   . ASN A 1 98  ? -13.165 -15.819 -2.912  1.00 11.59 ? 185 ASN A O   1 
ATOM   816  C CB  . ASN A 1 98  ? -10.175 -15.946 -3.917  1.00 9.90  ? 185 ASN A CB  1 
ATOM   817  C CG  . ASN A 1 98  ? -9.161  -15.839 -5.024  1.00 11.48 ? 185 ASN A CG  1 
ATOM   818  O OD1 . ASN A 1 98  ? -9.516  -15.686 -6.192  1.00 14.45 ? 185 ASN A OD1 1 
ATOM   819  N ND2 . ASN A 1 98  ? -7.890  -15.914 -4.665  1.00 15.66 ? 185 ASN A ND2 1 
ATOM   820  N N   . GLY A 1 99  ? -11.909 -14.341 -1.774  1.00 9.12  ? 186 GLY A N   1 
ATOM   821  C CA  . GLY A 1 99  ? -12.701 -14.429 -0.560  1.00 10.76 ? 186 GLY A CA  1 
ATOM   822  C C   . GLY A 1 99  ? -13.871 -13.469 -0.524  1.00 10.01 ? 186 GLY A C   1 
ATOM   823  O O   . GLY A 1 99  ? -14.226 -12.845 -1.527  1.00 11.76 ? 186 GLY A O   1 
ATOM   824  N N   . SER A 1 100 ? -14.465 -13.342 0.650   1.00 9.81  ? 187 SER A N   1 
ATOM   825  C CA  . SER A 1 100 ? -15.711 -12.634 0.848   1.00 10.79 ? 187 SER A CA  1 
ATOM   826  C C   . SER A 1 100 ? -15.531 -11.156 1.159   1.00 9.71  ? 187 SER A C   1 
ATOM   827  O O   . SER A 1 100 ? -16.510 -10.463 1.401   1.00 11.75 ? 187 SER A O   1 
ATOM   828  C CB  . SER A 1 100 ? -16.497 -13.263 2.025   1.00 11.78 ? 187 SER A CB  1 
ATOM   829  O OG  . SER A 1 100 ? -15.785 -13.120 3.221   1.00 14.70 ? 187 SER A OG  1 
ATOM   830  N N   . TYR A 1 101 ? -14.303 -10.660 1.147   1.00 8.07  ? 188 TYR A N   1 
ATOM   831  C CA  . TYR A 1 101 ? -14.028 -9.313  1.616   1.00 9.12  ? 188 TYR A CA  1 
ATOM   832  C C   . TYR A 1 101 ? -14.106 -8.321  0.474   1.00 8.02  ? 188 TYR A C   1 
ATOM   833  O O   . TYR A 1 101 ? -14.014 -8.689  -0.696  1.00 7.62  ? 188 TYR A O   1 
ATOM   834  C CB  . TYR A 1 101 ? -12.653 -9.267  2.301   1.00 8.28  ? 188 TYR A CB  1 
ATOM   835  C CG  . TYR A 1 101 ? -12.622 -10.179 3.489   1.00 9.34  ? 188 TYR A CG  1 
ATOM   836  C CD1 . TYR A 1 101 ? -13.190 -9.793  4.699   1.00 11.04 ? 188 TYR A CD1 1 
ATOM   837  C CD2 . TYR A 1 101 ? -12.078 -11.457 3.406   1.00 11.18 ? 188 TYR A CD2 1 
ATOM   838  C CE1 . TYR A 1 101 ? -13.167 -10.660 5.820   1.00 12.61 ? 188 TYR A CE1 1 
ATOM   839  C CE2 . TYR A 1 101 ? -12.062 -12.309 4.500   1.00 13.61 ? 188 TYR A CE2 1 
ATOM   840  C CZ  . TYR A 1 101 ? -12.609 -11.901 5.692   1.00 13.98 ? 188 TYR A CZ  1 
ATOM   841  O OH  . TYR A 1 101 ? -12.598 -12.760 6.772   1.00 17.36 ? 188 TYR A OH  1 
ATOM   842  N N   . THR A 1 102 ? -14.256 -7.060  0.866   1.00 8.93  ? 189 THR A N   1 
ATOM   843  C CA  . THR A 1 102 ? -14.210 -5.913  -0.034  1.00 8.74  ? 189 THR A CA  1 
ATOM   844  C C   . THR A 1 102 ? -12.927 -5.121  0.265   1.00 8.89  ? 189 THR A C   1 
ATOM   845  O O   . THR A 1 102 ? -12.307 -5.332  1.295   1.00 8.91  ? 189 THR A O   1 
ATOM   846  C CB  . THR A 1 102 ? -15.417 -5.009  0.166   1.00 10.22 ? 189 THR A CB  1 
ATOM   847  O OG1 . THR A 1 102 ? -15.363 -4.478  1.486   1.00 11.37 ? 189 THR A OG1 1 
ATOM   848  C CG2 . THR A 1 102 ? -16.730 -5.782  -0.027  1.00 11.29 ? 189 THR A CG2 1 
ATOM   849  N N   . PRO A 1 103 ? -12.560 -4.143  -0.578  1.00 8.13  ? 190 PRO A N   1 
ATOM   850  C CA  . PRO A 1 103 ? -11.395 -3.329  -0.281  1.00 7.64  ? 190 PRO A CA  1 
ATOM   851  C C   . PRO A 1 103 ? -11.396 -2.680  1.096   1.00 8.28  ? 190 PRO A C   1 
ATOM   852  O O   . PRO A 1 103 ? -10.365 -2.624  1.749   1.00 8.84  ? 190 PRO A O   1 
ATOM   853  C CB  . PRO A 1 103 ? -11.425 -2.286  -1.399  1.00 7.86  ? 190 PRO A CB  1 
ATOM   854  C CG  . PRO A 1 103 ? -11.912 -3.024  -2.553  1.00 8.23  ? 190 PRO A CG  1 
ATOM   855  C CD  . PRO A 1 103 ? -13.048 -3.873  -1.943  1.00 8.87  ? 190 PRO A CD  1 
ATOM   856  N N   . GLN A 1 104 ? -12.531 -2.170  1.570   1.00 8.46  ? 191 GLN A N   1 
ATOM   857  C CA  . GLN A 1 104 ? -12.558 -1.539  2.877   1.00 8.77  ? 191 GLN A CA  1 
ATOM   858  C C   . GLN A 1 104 ? -12.734 -2.448  4.071   1.00 9.52  ? 191 GLN A C   1 
ATOM   859  O O   . GLN A 1 104 ? -12.633 -1.976  5.206   1.00 12.00 ? 191 GLN A O   1 
ATOM   860  C CB  . GLN A 1 104 ? -13.622 -0.454  2.915   1.00 10.16 ? 191 GLN A CB  1 
ATOM   861  C CG  . GLN A 1 104 ? -13.279 0.736   2.041   1.00 11.29 ? 191 GLN A CG  1 
ATOM   862  C CD  . GLN A 1 104 ? -12.000 1.442   2.501   1.00 11.89 ? 191 GLN A CD  1 
ATOM   863  O OE1 . GLN A 1 104 ? -11.803 1.670   3.690   1.00 12.91 ? 191 GLN A OE1 1 
ATOM   864  N NE2 . GLN A 1 104 ? -11.101 1.731   1.554   1.00 11.40 ? 191 GLN A NE2 1 
ATOM   865  N N   . THR A 1 105 ? -13.028 -3.718  3.834   1.00 8.62  ? 192 THR A N   1 
ATOM   866  C CA  . THR A 1 105 ? -13.225 -4.693  4.910   1.00 9.27  ? 192 THR A CA  1 
ATOM   867  C C   . THR A 1 105 ? -12.208 -5.803  4.989   1.00 8.49  ? 192 THR A C   1 
ATOM   868  O O   . THR A 1 105 ? -12.292 -6.670  5.872   1.00 10.89 ? 192 THR A O   1 
ATOM   869  C CB  . THR A 1 105 ? -14.629 -5.320  4.880   1.00 10.11 ? 192 THR A CB  1 
ATOM   870  O OG1 . THR A 1 105 ? -14.796 -6.073  3.681   1.00 10.44 ? 192 THR A OG1 1 
ATOM   871  C CG2 . THR A 1 105 ? -15.701 -4.230  4.978   1.00 12.97 ? 192 THR A CG2 1 
ATOM   872  N N   . VAL A 1 106 ? -11.209 -5.792  4.132   1.00 8.87  ? 193 VAL A N   1 
ATOM   873  C CA  . VAL A 1 106 ? -10.173 -6.797  4.195   1.00 8.51  ? 193 VAL A CA  1 
ATOM   874  C C   . VAL A 1 106 ? -9.494  -6.818  5.574   1.00 9.34  ? 193 VAL A C   1 
ATOM   875  O O   . VAL A 1 106 ? -9.190  -5.779  6.101   1.00 10.31 ? 193 VAL A O   1 
ATOM   876  C CB  . VAL A 1 106 ? -9.162  -6.589  3.069   1.00 8.96  ? 193 VAL A CB  1 
ATOM   877  C CG1 . VAL A 1 106 ? -8.365  -5.300  3.219   1.00 10.27 ? 193 VAL A CG1 1 
ATOM   878  C CG2 . VAL A 1 106 ? -8.260  -7.813  2.971   1.00 9.75  ? 193 VAL A CG2 1 
ATOM   879  N N   . PRO A 1 107 ? -9.317  -8.002  6.189   1.00 9.83  ? 194 PRO A N   1 
ATOM   880  C CA  . PRO A 1 107 ? -8.702  -8.029  7.503   1.00 11.33 ? 194 PRO A CA  1 
ATOM   881  C C   . PRO A 1 107 ? -7.204  -7.894  7.369   1.00 14.07 ? 194 PRO A C   1 
ATOM   882  O O   . PRO A 1 107 ? -6.582  -8.541  6.522   1.00 16.69 ? 194 PRO A O   1 
ATOM   883  C CB  . PRO A 1 107 ? -9.083  -9.408  8.058   1.00 12.68 ? 194 PRO A CB  1 
ATOM   884  C CG  . PRO A 1 107 ? -9.344  -10.213 6.898   1.00 12.64 ? 194 PRO A CG  1 
ATOM   885  C CD  . PRO A 1 107 ? -9.816  -9.318  5.795   1.00 10.70 ? 194 PRO A CD  1 
ATOM   886  N N   . THR A 1 108 ? -6.630  -7.032  8.170   1.00 17.55 ? 195 THR A N   1 
ATOM   887  C CA  . THR A 1 108 ? -5.210  -6.769  8.075   1.00 20.58 ? 195 THR A CA  1 
ATOM   888  C C   . THR A 1 108 ? -4.466  -7.323  9.292   1.00 23.49 ? 195 THR A C   1 
ATOM   889  O O   . THR A 1 108 ? -3.250  -7.552  9.207   1.00 26.42 ? 195 THR A O   1 
ATOM   890  C CB  . THR A 1 108 ? -4.956  -5.276  7.912   1.00 21.62 ? 195 THR A CB  1 
ATOM   891  O OG1 . THR A 1 108 ? -5.685  -4.564  8.905   1.00 24.88 ? 195 THR A OG1 1 
ATOM   892  C CG2 . THR A 1 108 ? -5.423  -4.812  6.537   1.00 19.27 ? 195 THR A CG2 1 
HETATM 893  X UNK . UNX B 2 .   ? 8.411   -12.752 10.883  1.00 30.00 ? 2   UNX A UNK 1 
HETATM 894  X UNK . UNX C 2 .   ? 12.648  -10.552 8.575   1.00 30.00 ? 3   UNX A UNK 1 
HETATM 895  X UNK . UNX D 2 .   ? 13.549  6.855   0.981   1.00 30.00 ? 4   UNX A UNK 1 
HETATM 896  X UNK . UNX E 2 .   ? 9.756   -11.167 -4.570  1.00 30.00 ? 5   UNX A UNK 1 
HETATM 897  X UNK . UNX F 2 .   ? -3.101  -7.979  -13.785 1.00 30.00 ? 7   UNX A UNK 1 
HETATM 898  X UNK . UNX G 2 .   ? -14.441 -10.464 -2.249  1.00 9.38  ? 8   UNX A UNK 1 
HETATM 899  X UNK . UNX H 2 .   ? -16.251 -1.900  1.378   1.00 14.59 ? 9   UNX A UNK 1 
HETATM 900  X UNK . UNX I 2 .   ? -14.551 -0.482  -2.491  1.00 19.76 ? 10  UNX A UNK 1 
HETATM 901  X UNK . UNX J 2 .   ? 11.570  12.468  -2.971  1.00 23.14 ? 11  UNX A UNK 1 
HETATM 902  X UNK . UNX K 2 .   ? 10.792  10.752  -4.722  1.00 20.88 ? 12  UNX A UNK 1 
HETATM 903  X UNK . UNX L 2 .   ? 10.712  -7.102  -0.680  1.00 20.08 ? 13  UNX A UNK 1 
HETATM 904  X UNK . UNX M 2 .   ? -14.860 -1.556  -0.091  1.00 30.00 ? 14  UNX A UNK 1 
HETATM 905  X UNK . UNX N 2 .   ? 11.424  -5.488  -1.038  1.00 30.00 ? 15  UNX A UNK 1 
HETATM 906  X UNK . UNX O 2 .   ? -9.381  1.030   10.527  1.00 30.00 ? 17  UNX A UNK 1 
HETATM 907  X UNK . UNX P 2 .   ? 10.053  14.811  -6.693  1.00 30.00 ? 18  UNX A UNK 1 
HETATM 908  X UNK . UNX Q 2 .   ? -4.854  13.158  5.385   1.00 30.00 ? 19  UNX A UNK 1 
HETATM 909  X UNK . UNX R 2 .   ? 6.236   4.132   -10.279 1.00 30.00 ? 20  UNX A UNK 1 
HETATM 910  O O   . HOH S 3 .   ? -7.335  6.205   1.640   1.00 10.46 ? 6   HOH A O   1 
HETATM 911  O O   . HOH S 3 .   ? -4.160  8.500   12.972  1.00 15.88 ? 16  HOH A O   1 
HETATM 912  O O   . HOH S 3 .   ? -3.540  8.570   -10.902 1.00 17.61 ? 21  HOH A O   1 
HETATM 913  O O   . HOH S 3 .   ? -3.996  9.015   -8.174  1.00 13.78 ? 22  HOH A O   1 
HETATM 914  O O   . HOH S 3 .   ? -5.092  -8.933  -10.901 1.00 17.12 ? 23  HOH A O   1 
HETATM 915  O O   . HOH S 3 .   ? -16.543 -10.993 4.635   1.00 17.16 ? 24  HOH A O   1 
HETATM 916  O O   . HOH S 3 .   ? -17.857 -9.854  3.195   1.00 10.81 ? 26  HOH A O   1 
HETATM 917  O O   . HOH S 3 .   ? 10.689  10.707  12.882  1.00 14.97 ? 28  HOH A O   1 
HETATM 918  O O   . HOH S 3 .   ? 12.297  0.516   6.882   1.00 14.52 ? 29  HOH A O   1 
HETATM 919  O O   . HOH S 3 .   ? -1.060  -15.636 0.297   1.00 15.67 ? 30  HOH A O   1 
HETATM 920  O O   . HOH S 3 .   ? -14.997 1.957   -3.367  1.00 13.00 ? 31  HOH A O   1 
HETATM 921  O O   . HOH S 3 .   ? -10.004 3.745   -8.950  1.00 17.02 ? 32  HOH A O   1 
HETATM 922  O O   . HOH S 3 .   ? -14.377 4.979   -0.097  1.00 17.54 ? 34  HOH A O   1 
HETATM 923  O O   . HOH S 3 .   ? 18.251  7.920   7.780   1.00 26.53 ? 35  HOH A O   1 
HETATM 924  O O   . HOH S 3 .   ? 12.127  -13.456 -4.710  1.00 21.32 ? 36  HOH A O   1 
HETATM 925  O O   . HOH S 3 .   ? -10.343 2.214   5.889   1.00 25.47 ? 37  HOH A O   1 
HETATM 926  O O   . HOH S 3 .   ? 6.605   -5.881  -0.425  1.00 11.55 ? 38  HOH A O   1 
HETATM 927  O O   . HOH S 3 .   ? -14.335 7.161   -6.948  1.00 19.20 ? 39  HOH A O   1 
HETATM 928  O O   . HOH S 3 .   ? 6.121   -9.320  5.122   1.00 16.57 ? 40  HOH A O   1 
HETATM 929  O O   . HOH S 3 .   ? 4.822   -2.110  -10.637 1.00 16.25 ? 41  HOH A O   1 
HETATM 930  O O   . HOH S 3 .   ? 5.150   -7.204  -6.238  1.00 20.82 ? 42  HOH A O   1 
HETATM 931  O O   . HOH S 3 .   ? -3.599  -12.854 -10.239 1.00 24.04 ? 44  HOH A O   1 
HETATM 932  O O   . HOH S 3 .   ? -14.488 4.195   -8.586  1.00 22.14 ? 45  HOH A O   1 
HETATM 933  O O   . HOH S 3 .   ? 4.855   15.675  -3.746  1.00 20.95 ? 46  HOH A O   1 
HETATM 934  O O   . HOH S 3 .   ? -13.920 0.991   -6.721  1.00 22.92 ? 47  HOH A O   1 
HETATM 935  O O   . HOH S 3 .   ? -12.589 -3.605  -6.336  1.00 23.58 ? 48  HOH A O   1 
HETATM 936  O O   . HOH S 3 .   ? -11.746 0.089   -3.848  1.00 18.95 ? 49  HOH A O   1 
HETATM 937  O O   . HOH S 3 .   ? 9.831   -4.492  -5.315  1.00 18.77 ? 51  HOH A O   1 
HETATM 938  O O   . HOH S 3 .   ? 12.374  -4.437  1.087   1.00 21.09 ? 52  HOH A O   1 
HETATM 939  O O   . HOH S 3 .   ? -16.011 -6.115  -15.624 1.00 26.46 ? 53  HOH A O   1 
HETATM 940  O O   . HOH S 3 .   ? -6.546  -10.345 -15.427 1.00 23.94 ? 54  HOH A O   1 
HETATM 941  O O   . HOH S 3 .   ? 0.918   5.258   12.566  1.00 23.23 ? 55  HOH A O   1 
HETATM 942  O O   . HOH S 3 .   ? -12.357 4.348   6.516   1.00 21.78 ? 56  HOH A O   1 
HETATM 943  O O   . HOH S 3 .   ? -9.715  -13.769 6.770   1.00 23.46 ? 57  HOH A O   1 
HETATM 944  O O   . HOH S 3 .   ? 2.659   1.368   -11.382 1.00 24.71 ? 59  HOH A O   1 
HETATM 945  O O   . HOH S 3 .   ? 4.034   5.340   -11.349 0.50 13.24 ? 60  HOH A O   1 
HETATM 946  O O   . HOH S 3 .   ? -15.757 6.117   -8.557  1.00 21.95 ? 61  HOH A O   1 
HETATM 947  O O   . HOH S 3 .   ? -1.359  -3.179  11.491  0.50 20.07 ? 62  HOH A O   1 
HETATM 948  O O   . HOH S 3 .   ? 9.433   3.784   -11.456 1.00 26.00 ? 63  HOH A O   1 
HETATM 949  O O   . HOH S 3 .   ? 11.405  12.840  -0.212  0.50 17.30 ? 65  HOH A O   1 
HETATM 950  O O   . HOH S 3 .   ? -9.797  0.971   -11.206 1.00 24.09 ? 69  HOH A O   1 
HETATM 951  O O   A HOH S 3 .   ? 0.271   -5.340  6.278   0.70 18.71 ? 70  HOH A O   1 
HETATM 952  O O   B HOH S 3 .   ? -0.993  -2.633  4.795   0.30 7.00  ? 70  HOH A O   1 
HETATM 953  O O   . HOH S 3 .   ? 4.135   -10.805 -3.860  0.50 20.99 ? 72  HOH A O   1 
HETATM 954  O O   . HOH S 3 .   ? -5.909  -15.849 -6.842  1.00 21.00 ? 73  HOH A O   1 
HETATM 955  O O   . HOH S 3 .   ? -14.549 -12.403 8.439   1.00 22.84 ? 74  HOH A O   1 
HETATM 956  O O   . HOH S 3 .   ? -19.576 -10.024 4.952   1.00 29.94 ? 75  HOH A O   1 
HETATM 957  O O   . HOH S 3 .   ? -13.384 8.425   -8.704  1.00 22.72 ? 76  HOH A O   1 
HETATM 958  O O   . HOH S 3 .   ? -15.027 9.021   -5.128  1.00 25.85 ? 77  HOH A O   1 
HETATM 959  O O   . HOH S 3 .   ? -14.410 8.482   1.586   1.00 26.02 ? 78  HOH A O   1 
HETATM 960  O O   . HOH S 3 .   ? -14.863 -11.696 -4.181  1.00 23.60 ? 79  HOH A O   1 
HETATM 961  O O   . HOH S 3 .   ? -14.226 -5.430  -8.542  1.00 20.36 ? 80  HOH A O   1 
HETATM 962  O O   . HOH S 3 .   ? 12.158  6.833   11.088  1.00 22.16 ? 81  HOH A O   1 
HETATM 963  O O   . HOH S 3 .   ? -0.243  7.826   11.378  1.00 21.91 ? 82  HOH A O   1 
HETATM 964  O O   . HOH S 3 .   ? 2.682   -6.003  -5.965  1.00 20.58 ? 84  HOH A O   1 
HETATM 965  O O   . HOH S 3 .   ? 3.264   7.554   -9.703  1.00 23.58 ? 85  HOH A O   1 
HETATM 966  O O   . HOH S 3 .   ? 2.626   3.661   -12.828 1.00 19.74 ? 86  HOH A O   1 
HETATM 967  O O   . HOH S 3 .   ? -18.003 -9.250  -0.712  1.00 21.50 ? 87  HOH A O   1 
HETATM 968  O O   . HOH S 3 .   ? -7.808  -2.844  0.596   1.00 6.20  ? 198 HOH A O   1 
HETATM 969  O O   . HOH S 3 .   ? -13.021 3.651   -2.032  1.00 11.22 ? 199 HOH A O   1 
HETATM 970  O O   . HOH S 3 .   ? 1.256   -14.149 0.286   1.00 13.63 ? 200 HOH A O   1 
HETATM 971  O O   . HOH S 3 .   ? -7.304  8.816   11.262  1.00 9.16  ? 201 HOH A O   1 
HETATM 972  O O   . HOH S 3 .   ? -11.349 1.453   -1.332  1.00 15.85 ? 202 HOH A O   1 
HETATM 973  O O   . HOH S 3 .   ? -14.595 -3.544  -15.600 1.00 14.37 ? 203 HOH A O   1 
HETATM 974  O O   . HOH S 3 .   ? -2.156  -18.431 -1.571  1.00 13.29 ? 204 HOH A O   1 
HETATM 975  O O   . HOH S 3 .   ? 2.883   -3.951  -11.890 1.00 16.44 ? 205 HOH A O   1 
HETATM 976  O O   . HOH S 3 .   ? 10.008  -3.977  2.917   1.00 16.30 ? 206 HOH A O   1 
HETATM 977  O O   . HOH S 3 .   ? -2.955  -5.728  -10.367 1.00 16.14 ? 207 HOH A O   1 
HETATM 978  O O   . HOH S 3 .   ? -14.683 8.429   -2.466  1.00 14.28 ? 208 HOH A O   1 
HETATM 979  O O   . HOH S 3 .   ? -11.760 1.358   -8.711  1.00 12.43 ? 209 HOH A O   1 
HETATM 980  O O   . HOH S 3 .   ? 0.044   0.473   -10.792 1.00 12.32 ? 210 HOH A O   1 
HETATM 981  O O   . HOH S 3 .   ? -5.228  -1.508  9.542   0.70 19.92 ? 211 HOH A O   1 
HETATM 982  O O   . HOH S 3 .   ? 2.768   -13.912 7.944   1.00 27.62 ? 212 HOH A O   1 
HETATM 983  O O   . HOH S 3 .   ? -14.899 -2.397  -4.762  1.00 28.17 ? 213 HOH A O   1 
HETATM 984  O O   . HOH S 3 .   ? -2.297  -13.596 -8.074  1.00 26.45 ? 214 HOH A O   1 
HETATM 985  O O   . HOH S 3 .   ? -2.155  7.103   -12.367 1.00 22.34 ? 215 HOH A O   1 
HETATM 986  O O   . HOH S 3 .   ? -5.310  -11.005 6.932   1.00 26.63 ? 216 HOH A O   1 
HETATM 987  O O   . HOH S 3 .   ? -6.496  -13.552 7.251   1.00 30.14 ? 217 HOH A O   1 
HETATM 988  O O   . HOH S 3 .   ? 2.465   16.155  -1.109  1.00 24.44 ? 218 HOH A O   1 
HETATM 989  O O   . HOH S 3 .   ? 21.025  -6.642  6.240   1.00 31.87 ? 219 HOH A O   1 
HETATM 990  O O   . HOH S 3 .   ? 5.509   -12.020 7.895   1.00 24.18 ? 220 HOH A O   1 
HETATM 991  O O   . HOH S 3 .   ? 19.772  -2.090  0.903   1.00 25.87 ? 221 HOH A O   1 
HETATM 992  O O   . HOH S 3 .   ? 15.713  -2.496  7.134   1.00 26.87 ? 222 HOH A O   1 
HETATM 993  O O   . HOH S 3 .   ? 13.915  -0.811  8.777   1.00 24.69 ? 223 HOH A O   1 
HETATM 994  O O   . HOH S 3 .   ? 8.085   11.760  11.234  1.00 24.77 ? 224 HOH A O   1 
HETATM 995  O O   . HOH S 3 .   ? 14.659  9.139   1.332   1.00 28.35 ? 225 HOH A O   1 
HETATM 996  O O   . HOH S 3 .   ? 13.181  10.588  4.604   1.00 27.75 ? 226 HOH A O   1 
HETATM 997  O O   . HOH S 3 .   ? 0.098   12.374  7.815   1.00 26.44 ? 227 HOH A O   1 
HETATM 998  O O   . HOH S 3 .   ? 16.236  0.589   9.459   1.00 33.15 ? 228 HOH A O   1 
HETATM 999  O O   . HOH S 3 .   ? -13.539 -8.854  -5.404  1.00 27.11 ? 229 HOH A O   1 
HETATM 1000 O O   . HOH S 3 .   ? 8.093   -6.924  -3.632  1.00 32.66 ? 230 HOH A O   1 
HETATM 1001 O O   . HOH S 3 .   ? -3.030  0.733   -12.703 1.00 25.38 ? 231 HOH A O   1 
HETATM 1002 O O   . HOH S 3 .   ? 2.834   -6.166  6.014   1.00 32.46 ? 232 HOH A O   1 
HETATM 1003 O O   . HOH S 3 .   ? 4.924   -13.270 -1.148  1.00 26.65 ? 233 HOH A O   1 
HETATM 1004 O O   . HOH S 3 .   ? 2.883   -14.648 -1.908  1.00 26.49 ? 234 HOH A O   1 
HETATM 1005 O O   . HOH S 3 .   ? 12.991  4.807   -9.824  1.00 29.86 ? 235 HOH A O   1 
HETATM 1006 O O   . HOH S 3 .   ? -1.487  -19.854 -3.776  1.00 30.48 ? 236 HOH A O   1 
# 
loop_
_pdbx_poly_seq_scheme.asym_id 
_pdbx_poly_seq_scheme.entity_id 
_pdbx_poly_seq_scheme.seq_id 
_pdbx_poly_seq_scheme.mon_id 
_pdbx_poly_seq_scheme.ndb_seq_num 
_pdbx_poly_seq_scheme.pdb_seq_num 
_pdbx_poly_seq_scheme.auth_seq_num 
_pdbx_poly_seq_scheme.pdb_mon_id 
_pdbx_poly_seq_scheme.auth_mon_id 
_pdbx_poly_seq_scheme.pdb_strand_id 
_pdbx_poly_seq_scheme.pdb_ins_code 
_pdbx_poly_seq_scheme.hetero 
A 1 1   GLY 1   88  ?   ?   ?   A . n 
A 1 2   GLY 2   89  89  GLY GLY A . n 
A 1 3   GLN 3   90  90  GLN GLN A . n 
A 1 4   ILE 4   91  91  ILE ILE A . n 
A 1 5   PRO 5   92  92  PRO PRO A . n 
A 1 6   LEU 6   93  93  LEU LEU A . n 
A 1 7   LYS 7   94  94  LYS LYS A . n 
A 1 8   GLU 8   95  95  GLU GLU A . n 
A 1 9   VAL 9   96  96  VAL VAL A . n 
A 1 10  THR 10  97  97  THR THR A . n 
A 1 11  PHE 11  98  98  PHE PHE A . n 
A 1 12  ALA 12  99  99  ALA ALA A . n 
A 1 13  ARG 13  100 100 ARG ARG A . n 
A 1 14  LEU 14  101 101 LEU LEU A . n 
A 1 15  ASN 15  102 102 ASN ASN A . n 
A 1 16  ASP 16  103 103 ASP ASP A . n 
A 1 17  ASN 17  104 104 ASN ASN A . n 
A 1 18  VAL 18  105 105 VAL VAL A . n 
A 1 19  ARG 19  106 106 ARG ARG A . n 
A 1 20  GLU 20  107 107 GLU GLU A . n 
A 1 21  THR 21  108 108 THR THR A . n 
A 1 22  PHE 22  109 109 PHE PHE A . n 
A 1 23  LEU 23  110 110 LEU LEU A . n 
A 1 24  LYS 24  111 111 LYS LYS A . n 
A 1 25  ASP 25  112 112 ASP ASP A . n 
A 1 26  MET 26  113 113 MET MET A . n 
A 1 27  CYS 27  114 114 CYS CYS A . n 
A 1 28  ARG 28  115 115 ARG ARG A . n 
A 1 29  LYS 29  116 116 LYS LYS A . n 
A 1 30  TYR 30  117 117 TYR TYR A . n 
A 1 31  GLY 31  118 118 GLY GLY A . n 
A 1 32  GLU 32  119 119 GLU GLU A . n 
A 1 33  VAL 33  120 120 VAL VAL A . n 
A 1 34  GLU 34  121 121 GLU GLU A . n 
A 1 35  GLU 35  122 122 GLU GLU A . n 
A 1 36  VAL 36  123 123 VAL VAL A . n 
A 1 37  GLU 37  124 124 GLU GLU A . n 
A 1 38  ILE 38  125 125 ILE ILE A . n 
A 1 39  LEU 39  126 126 LEU LEU A . n 
A 1 40  LEU 40  127 127 LEU LEU A . n 
A 1 41  HIS 41  128 128 HIS HIS A . n 
A 1 42  PRO 42  129 129 PRO PRO A . n 
A 1 43  ARG 43  130 130 ARG ARG A . n 
A 1 44  THR 44  131 131 THR THR A . n 
A 1 45  ARG 45  132 132 ARG ARG A . n 
A 1 46  LYS 46  133 133 LYS LYS A . n 
A 1 47  HIS 47  134 134 HIS HIS A . n 
A 1 48  LEU 48  135 135 LEU LEU A . n 
A 1 49  GLY 49  136 136 GLY GLY A . n 
A 1 50  LEU 50  137 137 LEU LEU A . n 
A 1 51  ALA 51  138 138 ALA ALA A . n 
A 1 52  ARG 52  139 139 ARG ARG A . n 
A 1 53  VAL 53  140 140 VAL VAL A . n 
A 1 54  LEU 54  141 141 LEU LEU A . n 
A 1 55  PHE 55  142 142 PHE PHE A . n 
A 1 56  THR 56  143 143 THR THR A . n 
A 1 57  SER 57  144 144 SER SER A . n 
A 1 58  THR 58  145 145 THR THR A . n 
A 1 59  ARG 59  146 146 ARG ARG A . n 
A 1 60  GLY 60  147 147 GLY GLY A . n 
A 1 61  ALA 61  148 148 ALA ALA A . n 
A 1 62  LYS 62  149 149 LYS LYS A . n 
A 1 63  GLU 63  150 150 GLU GLU A . n 
A 1 64  THR 64  151 151 THR THR A . n 
A 1 65  VAL 65  152 152 VAL VAL A . n 
A 1 66  LYS 66  153 153 LYS LYS A . n 
A 1 67  ASN 67  154 154 ASN ASN A . n 
A 1 68  LEU 68  155 155 LEU LEU A . n 
A 1 69  HIS 69  156 156 HIS HIS A . n 
A 1 70  LEU 70  157 157 LEU LEU A . n 
A 1 71  THR 71  158 158 THR THR A . n 
A 1 72  SER 72  159 159 SER SER A . n 
A 1 73  VAL 73  160 160 VAL VAL A . n 
A 1 74  MET 74  161 161 MET MET A . n 
A 1 75  GLY 75  162 162 GLY GLY A . n 
A 1 76  ASN 76  163 163 ASN ASN A . n 
A 1 77  ILE 77  164 164 ILE ILE A . n 
A 1 78  ILE 78  165 165 ILE ILE A . n 
A 1 79  HIS 79  166 166 HIS HIS A . n 
A 1 80  ALA 80  167 167 ALA ALA A . n 
A 1 81  GLN 81  168 168 GLN GLN A . n 
A 1 82  LEU 82  169 169 LEU LEU A . n 
A 1 83  ASP 83  170 170 ASP ASP A . n 
A 1 84  ILE 84  171 171 ILE ILE A . n 
A 1 85  LYS 85  172 172 LYS LYS A . n 
A 1 86  GLY 86  173 173 GLY GLY A . n 
A 1 87  GLN 87  174 174 GLN GLN A . n 
A 1 88  GLN 88  175 175 GLN GLN A . n 
A 1 89  ARG 89  176 176 ARG ARG A . n 
A 1 90  MET 90  177 177 MET MET A . n 
A 1 91  LYS 91  178 178 LYS LYS A . n 
A 1 92  TYR 92  179 179 TYR TYR A . n 
A 1 93  TYR 93  180 180 TYR TYR A . n 
A 1 94  GLU 94  181 181 GLU GLU A . n 
A 1 95  LEU 95  182 182 LEU LEU A . n 
A 1 96  ILE 96  183 183 ILE ILE A . n 
A 1 97  VAL 97  184 184 VAL VAL A . n 
A 1 98  ASN 98  185 185 ASN ASN A . n 
A 1 99  GLY 99  186 186 GLY GLY A . n 
A 1 100 SER 100 187 187 SER SER A . n 
A 1 101 TYR 101 188 188 TYR TYR A . n 
A 1 102 THR 102 189 189 THR THR A . n 
A 1 103 PRO 103 190 190 PRO PRO A . n 
A 1 104 GLN 104 191 191 GLN GLN A . n 
A 1 105 THR 105 192 192 THR THR A . n 
A 1 106 VAL 106 193 193 VAL VAL A . n 
A 1 107 PRO 107 194 194 PRO PRO A . n 
A 1 108 THR 108 195 195 THR THR A . n 
A 1 109 GLY 109 196 ?   ?   ?   A . n 
A 1 110 GLY 110 197 ?   ?   ?   A . n 
# 
_pdbx_SG_project.id                    1 
_pdbx_SG_project.project_name          ? 
_pdbx_SG_project.full_name_of_center   'Structural Genomics Consortium' 
_pdbx_SG_project.initial_of_center     SGC 
# 
loop_
_pdbx_nonpoly_scheme.asym_id 
_pdbx_nonpoly_scheme.entity_id 
_pdbx_nonpoly_scheme.mon_id 
_pdbx_nonpoly_scheme.ndb_seq_num 
_pdbx_nonpoly_scheme.pdb_seq_num 
_pdbx_nonpoly_scheme.auth_seq_num 
_pdbx_nonpoly_scheme.pdb_mon_id 
_pdbx_nonpoly_scheme.auth_mon_id 
_pdbx_nonpoly_scheme.pdb_strand_id 
_pdbx_nonpoly_scheme.pdb_ins_code 
B 2 UNX 1  2   2   UNX UNX A . 
C 2 UNX 1  3   3   UNX UNX A . 
D 2 UNX 1  4   4   UNX UNX A . 
E 2 UNX 1  5   5   UNX UNX A . 
F 2 UNX 1  7   7   UNX UNX A . 
G 2 UNX 1  8   8   UNX UNX A . 
H 2 UNX 1  9   9   UNX UNX A . 
I 2 UNX 1  10  10  UNX UNX A . 
J 2 UNX 1  11  11  UNX UNX A . 
K 2 UNX 1  12  12  UNX UNX A . 
L 2 UNX 1  13  13  UNX UNX A . 
M 2 UNX 1  14  14  UNX UNX A . 
N 2 UNX 1  15  15  UNX UNX A . 
O 2 UNX 1  17  17  UNX UNX A . 
P 2 UNX 1  18  18  UNX UNX A . 
Q 2 UNX 1  19  19  UNX UNX A . 
R 2 UNX 1  20  20  UNX UNX A . 
S 3 HOH 1  6   6   HOH HOH A . 
S 3 HOH 2  16  16  HOH HOH A . 
S 3 HOH 3  21  21  HOH HOH A . 
S 3 HOH 4  22  22  HOH HOH A . 
S 3 HOH 5  23  23  HOH HOH A . 
S 3 HOH 6  24  24  HOH HOH A . 
S 3 HOH 7  26  26  HOH HOH A . 
S 3 HOH 8  28  28  HOH HOH A . 
S 3 HOH 9  29  29  HOH HOH A . 
S 3 HOH 10 30  30  HOH HOH A . 
S 3 HOH 11 31  31  HOH HOH A . 
S 3 HOH 12 32  32  HOH HOH A . 
S 3 HOH 13 34  34  HOH HOH A . 
S 3 HOH 14 35  35  HOH HOH A . 
S 3 HOH 15 36  36  HOH HOH A . 
S 3 HOH 16 37  37  HOH HOH A . 
S 3 HOH 17 38  38  HOH HOH A . 
S 3 HOH 18 39  39  HOH HOH A . 
S 3 HOH 19 40  40  HOH HOH A . 
S 3 HOH 20 41  41  HOH HOH A . 
S 3 HOH 21 42  42  HOH HOH A . 
S 3 HOH 22 44  44  HOH HOH A . 
S 3 HOH 23 45  45  HOH HOH A . 
S 3 HOH 24 46  46  HOH HOH A . 
S 3 HOH 25 47  47  HOH HOH A . 
S 3 HOH 26 48  48  HOH HOH A . 
S 3 HOH 27 49  49  HOH HOH A . 
S 3 HOH 28 51  51  HOH HOH A . 
S 3 HOH 29 52  52  HOH HOH A . 
S 3 HOH 30 53  53  HOH HOH A . 
S 3 HOH 31 54  54  HOH HOH A . 
S 3 HOH 32 55  55  HOH HOH A . 
S 3 HOH 33 56  56  HOH HOH A . 
S 3 HOH 34 57  57  HOH HOH A . 
S 3 HOH 35 59  59  HOH HOH A . 
S 3 HOH 36 60  60  HOH HOH A . 
S 3 HOH 37 61  61  HOH HOH A . 
S 3 HOH 38 62  62  HOH HOH A . 
S 3 HOH 39 63  63  HOH HOH A . 
S 3 HOH 40 65  65  HOH HOH A . 
S 3 HOH 41 69  69  HOH HOH A . 
S 3 HOH 42 70  70  HOH HOH A . 
S 3 HOH 43 72  72  HOH HOH A . 
S 3 HOH 44 73  73  HOH HOH A . 
S 3 HOH 45 74  74  HOH HOH A . 
S 3 HOH 46 75  75  HOH HOH A . 
S 3 HOH 47 76  76  HOH HOH A . 
S 3 HOH 48 77  77  HOH HOH A . 
S 3 HOH 49 78  78  HOH HOH A . 
S 3 HOH 50 79  79  HOH HOH A . 
S 3 HOH 51 80  80  HOH HOH A . 
S 3 HOH 52 81  81  HOH HOH A . 
S 3 HOH 53 82  82  HOH HOH A . 
S 3 HOH 54 84  84  HOH HOH A . 
S 3 HOH 55 85  85  HOH HOH A . 
S 3 HOH 56 86  86  HOH HOH A . 
S 3 HOH 57 87  87  HOH HOH A . 
S 3 HOH 58 198 2   HOH HOH A . 
S 3 HOH 59 199 5   HOH HOH A . 
S 3 HOH 60 200 7   HOH HOH A . 
S 3 HOH 61 201 10  HOH HOH A . 
S 3 HOH 62 202 11  HOH HOH A . 
S 3 HOH 63 203 12  HOH HOH A . 
S 3 HOH 64 204 13  HOH HOH A . 
S 3 HOH 65 205 14  HOH HOH A . 
S 3 HOH 66 206 15  HOH HOH A . 
S 3 HOH 67 207 17  HOH HOH A . 
S 3 HOH 68 208 18  HOH HOH A . 
S 3 HOH 69 209 19  HOH HOH A . 
S 3 HOH 70 210 20  HOH HOH A . 
S 3 HOH 71 211 89  HOH HOH A . 
S 3 HOH 72 212 90  HOH HOH A . 
S 3 HOH 73 213 92  HOH HOH A . 
S 3 HOH 74 214 93  HOH HOH A . 
S 3 HOH 75 215 94  HOH HOH A . 
S 3 HOH 76 216 95  HOH HOH A . 
S 3 HOH 77 217 96  HOH HOH A . 
S 3 HOH 78 218 97  HOH HOH A . 
S 3 HOH 79 219 98  HOH HOH A . 
S 3 HOH 80 220 99  HOH HOH A . 
S 3 HOH 81 221 100 HOH HOH A . 
S 3 HOH 82 222 101 HOH HOH A . 
S 3 HOH 83 223 102 HOH HOH A . 
S 3 HOH 84 224 103 HOH HOH A . 
S 3 HOH 85 225 104 HOH HOH A . 
S 3 HOH 86 226 105 HOH HOH A . 
S 3 HOH 87 227 106 HOH HOH A . 
S 3 HOH 88 228 107 HOH HOH A . 
S 3 HOH 89 229 109 HOH HOH A . 
S 3 HOH 90 230 110 HOH HOH A . 
S 3 HOH 91 231 111 HOH HOH A . 
S 3 HOH 92 232 112 HOH HOH A . 
S 3 HOH 93 233 113 HOH HOH A . 
S 3 HOH 94 234 114 HOH HOH A . 
S 3 HOH 95 235 115 HOH HOH A . 
S 3 HOH 96 236 116 HOH HOH A . 
# 
_pdbx_struct_assembly.id                   1 
_pdbx_struct_assembly.details              software_defined_assembly 
_pdbx_struct_assembly.method_details       PISA 
_pdbx_struct_assembly.oligomeric_details   monomeric 
_pdbx_struct_assembly.oligomeric_count     1 
# 
_pdbx_struct_assembly_gen.assembly_id       1 
_pdbx_struct_assembly_gen.oper_expression   1 
_pdbx_struct_assembly_gen.asym_id_list      A,B,C,D,E,F,G,H,I,J,K,L,M,N,O,P,Q,R,S 
# 
_pdbx_struct_oper_list.id                   1 
_pdbx_struct_oper_list.type                 'identity operation' 
_pdbx_struct_oper_list.name                 1_555 
_pdbx_struct_oper_list.symmetry_operation   x,y,z 
_pdbx_struct_oper_list.matrix[1][1]         1.0000000000 
_pdbx_struct_oper_list.matrix[1][2]         0.0000000000 
_pdbx_struct_oper_list.matrix[1][3]         0.0000000000 
_pdbx_struct_oper_list.vector[1]            0.0000000000 
_pdbx_struct_oper_list.matrix[2][1]         0.0000000000 
_pdbx_struct_oper_list.matrix[2][2]         1.0000000000 
_pdbx_struct_oper_list.matrix[2][3]         0.0000000000 
_pdbx_struct_oper_list.vector[2]            0.0000000000 
_pdbx_struct_oper_list.matrix[3][1]         0.0000000000 
_pdbx_struct_oper_list.matrix[3][2]         0.0000000000 
_pdbx_struct_oper_list.matrix[3][3]         1.0000000000 
_pdbx_struct_oper_list.vector[3]            0.0000000000 
# 
loop_
_pdbx_audit_revision_history.ordinal 
_pdbx_audit_revision_history.data_content_type 
_pdbx_audit_revision_history.major_revision 
_pdbx_audit_revision_history.minor_revision 
_pdbx_audit_revision_history.revision_date 
1 'Structure model' 1 0 2011-06-08 
2 'Structure model' 1 1 2011-07-13 
3 'Structure model' 1 2 2023-09-13 
# 
_pdbx_audit_revision_details.ordinal             1 
_pdbx_audit_revision_details.revision_ordinal    1 
_pdbx_audit_revision_details.data_content_type   'Structure model' 
_pdbx_audit_revision_details.provider            repository 
_pdbx_audit_revision_details.type                'Initial release' 
_pdbx_audit_revision_details.description         ? 
_pdbx_audit_revision_details.details             ? 
# 
loop_
_pdbx_audit_revision_group.ordinal 
_pdbx_audit_revision_group.revision_ordinal 
_pdbx_audit_revision_group.data_content_type 
_pdbx_audit_revision_group.group 
1 2 'Structure model' 'Version format compliance' 
2 3 'Structure model' 'Data collection'           
3 3 'Structure model' 'Database references'       
4 3 'Structure model' 'Refinement description'    
# 
loop_
_pdbx_audit_revision_category.ordinal 
_pdbx_audit_revision_category.revision_ordinal 
_pdbx_audit_revision_category.data_content_type 
_pdbx_audit_revision_category.category 
1 3 'Structure model' chem_comp_atom                
2 3 'Structure model' chem_comp_bond                
3 3 'Structure model' database_2                    
4 3 'Structure model' pdbx_initial_refinement_model 
5 3 'Structure model' struct_ref_seq_dif            
# 
loop_
_pdbx_audit_revision_item.ordinal 
_pdbx_audit_revision_item.revision_ordinal 
_pdbx_audit_revision_item.data_content_type 
_pdbx_audit_revision_item.item 
1 3 'Structure model' '_database_2.pdbx_DOI'                
2 3 'Structure model' '_database_2.pdbx_database_accession' 
3 3 'Structure model' '_struct_ref_seq_dif.details'         
# 
_phasing.method   MR 
# 
loop_
_software.name 
_software.version 
_software.date 
_software.type 
_software.contact_author 
_software.contact_author_email 
_software.classification 
_software.location 
_software.language 
_software.citation_id 
_software.pdbx_ordinal 
XSCALE      .        ?                    package 'Wolfgang Kabsch' ?                           'data scaling'    
http://www.mpimf-heidelberg.mpg.de/~kabsch/xds/xscale_program.html ?          ? 1 
PHASER      .        ?                    other   'R. J. Read'      cimr-phaser@lists.cam.ac.uk phasing           
http://www-structmed.cimr.cam.ac.uk/phaser/                        ?          ? 2 
REFMAC      5.5.0109 ?                    program 'Murshudov, G.N.' ccp4@dl.ac.uk               refinement        
http://www.ccp4.ac.uk/main.html                                    Fortran_77 ? 3 
PDB_EXTRACT 3.005    'September 10, 2007' package PDB               sw-help@rcsb.rutgers.edu    'data extraction' 
http://pdb.rutgers.edu/software/                                   C++        ? 4 
# 
loop_
_pdbx_validate_close_contact.id 
_pdbx_validate_close_contact.PDB_model_num 
_pdbx_validate_close_contact.auth_atom_id_1 
_pdbx_validate_close_contact.auth_asym_id_1 
_pdbx_validate_close_contact.auth_comp_id_1 
_pdbx_validate_close_contact.auth_seq_id_1 
_pdbx_validate_close_contact.PDB_ins_code_1 
_pdbx_validate_close_contact.label_alt_id_1 
_pdbx_validate_close_contact.auth_atom_id_2 
_pdbx_validate_close_contact.auth_asym_id_2 
_pdbx_validate_close_contact.auth_comp_id_2 
_pdbx_validate_close_contact.auth_seq_id_2 
_pdbx_validate_close_contact.PDB_ins_code_2 
_pdbx_validate_close_contact.label_alt_id_2 
_pdbx_validate_close_contact.dist 
1 1 UNK A UNX 13  ? ? UNK A UNX 15 ? ? 1.80 
2 1 CD  A LYS 172 ? B UNK A UNX 5  ? ? 1.93 
3 1 UNK A UNX 9   ? ? UNK A UNX 14 ? ? 2.05 
# 
_pdbx_validate_torsion.id              1 
_pdbx_validate_torsion.PDB_model_num   1 
_pdbx_validate_torsion.auth_comp_id    ARG 
_pdbx_validate_torsion.auth_asym_id    A 
_pdbx_validate_torsion.auth_seq_id     106 
_pdbx_validate_torsion.PDB_ins_code    ? 
_pdbx_validate_torsion.label_alt_id    ? 
_pdbx_validate_torsion.phi             -111.36 
_pdbx_validate_torsion.psi             -161.13 
# 
loop_
_pdbx_unobs_or_zero_occ_atoms.id 
_pdbx_unobs_or_zero_occ_atoms.PDB_model_num 
_pdbx_unobs_or_zero_occ_atoms.polymer_flag 
_pdbx_unobs_or_zero_occ_atoms.occupancy_flag 
_pdbx_unobs_or_zero_occ_atoms.auth_asym_id 
_pdbx_unobs_or_zero_occ_atoms.auth_comp_id 
_pdbx_unobs_or_zero_occ_atoms.auth_seq_id 
_pdbx_unobs_or_zero_occ_atoms.PDB_ins_code 
_pdbx_unobs_or_zero_occ_atoms.auth_atom_id 
_pdbx_unobs_or_zero_occ_atoms.label_alt_id 
_pdbx_unobs_or_zero_occ_atoms.label_asym_id 
_pdbx_unobs_or_zero_occ_atoms.label_comp_id 
_pdbx_unobs_or_zero_occ_atoms.label_seq_id 
_pdbx_unobs_or_zero_occ_atoms.label_atom_id 
1  1 Y 1 A LYS 111 ? CE  ? A LYS 24 CE  
2  1 Y 1 A LYS 111 ? NZ  ? A LYS 24 NZ  
3  1 Y 1 A ARG 115 ? CD  ? A ARG 28 CD  
4  1 Y 1 A ARG 115 ? NE  ? A ARG 28 NE  
5  1 Y 1 A ARG 115 ? CZ  ? A ARG 28 CZ  
6  1 Y 1 A ARG 115 ? NH1 ? A ARG 28 NH1 
7  1 Y 1 A ARG 115 ? NH2 ? A ARG 28 NH2 
8  1 Y 1 A LYS 116 ? NZ  ? A LYS 29 NZ  
9  1 Y 1 A GLU 119 ? CD  ? A GLU 32 CD  
10 1 Y 1 A GLU 119 ? OE1 ? A GLU 32 OE1 
11 1 Y 1 A GLU 119 ? OE2 ? A GLU 32 OE2 
12 1 Y 1 A LYS 149 ? NZ  ? A LYS 62 NZ  
13 1 Y 1 A LYS 178 ? NZ  ? A LYS 91 NZ  
# 
loop_
_pdbx_unobs_or_zero_occ_residues.id 
_pdbx_unobs_or_zero_occ_residues.PDB_model_num 
_pdbx_unobs_or_zero_occ_residues.polymer_flag 
_pdbx_unobs_or_zero_occ_residues.occupancy_flag 
_pdbx_unobs_or_zero_occ_residues.auth_asym_id 
_pdbx_unobs_or_zero_occ_residues.auth_comp_id 
_pdbx_unobs_or_zero_occ_residues.auth_seq_id 
_pdbx_unobs_or_zero_occ_residues.PDB_ins_code 
_pdbx_unobs_or_zero_occ_residues.label_asym_id 
_pdbx_unobs_or_zero_occ_residues.label_comp_id 
_pdbx_unobs_or_zero_occ_residues.label_seq_id 
1 1 Y 1 A GLY 88  ? A GLY 1   
2 1 Y 1 A GLY 196 ? A GLY 109 
3 1 Y 1 A GLY 197 ? A GLY 110 
# 
loop_
_chem_comp_atom.comp_id 
_chem_comp_atom.atom_id 
_chem_comp_atom.type_symbol 
_chem_comp_atom.pdbx_aromatic_flag 
_chem_comp_atom.pdbx_stereo_config 
_chem_comp_atom.pdbx_ordinal 
ALA N    N N N 1   
ALA CA   C N S 2   
ALA C    C N N 3   
ALA O    O N N 4   
ALA CB   C N N 5   
ALA OXT  O N N 6   
ALA H    H N N 7   
ALA H2   H N N 8   
ALA HA   H N N 9   
ALA HB1  H N N 10  
ALA HB2  H N N 11  
ALA HB3  H N N 12  
ALA HXT  H N N 13  
ARG N    N N N 14  
ARG CA   C N S 15  
ARG C    C N N 16  
ARG O    O N N 17  
ARG CB   C N N 18  
ARG CG   C N N 19  
ARG CD   C N N 20  
ARG NE   N N N 21  
ARG CZ   C N N 22  
ARG NH1  N N N 23  
ARG NH2  N N N 24  
ARG OXT  O N N 25  
ARG H    H N N 26  
ARG H2   H N N 27  
ARG HA   H N N 28  
ARG HB2  H N N 29  
ARG HB3  H N N 30  
ARG HG2  H N N 31  
ARG HG3  H N N 32  
ARG HD2  H N N 33  
ARG HD3  H N N 34  
ARG HE   H N N 35  
ARG HH11 H N N 36  
ARG HH12 H N N 37  
ARG HH21 H N N 38  
ARG HH22 H N N 39  
ARG HXT  H N N 40  
ASN N    N N N 41  
ASN CA   C N S 42  
ASN C    C N N 43  
ASN O    O N N 44  
ASN CB   C N N 45  
ASN CG   C N N 46  
ASN OD1  O N N 47  
ASN ND2  N N N 48  
ASN OXT  O N N 49  
ASN H    H N N 50  
ASN H2   H N N 51  
ASN HA   H N N 52  
ASN HB2  H N N 53  
ASN HB3  H N N 54  
ASN HD21 H N N 55  
ASN HD22 H N N 56  
ASN HXT  H N N 57  
ASP N    N N N 58  
ASP CA   C N S 59  
ASP C    C N N 60  
ASP O    O N N 61  
ASP CB   C N N 62  
ASP CG   C N N 63  
ASP OD1  O N N 64  
ASP OD2  O N N 65  
ASP OXT  O N N 66  
ASP H    H N N 67  
ASP H2   H N N 68  
ASP HA   H N N 69  
ASP HB2  H N N 70  
ASP HB3  H N N 71  
ASP HD2  H N N 72  
ASP HXT  H N N 73  
CYS N    N N N 74  
CYS CA   C N R 75  
CYS C    C N N 76  
CYS O    O N N 77  
CYS CB   C N N 78  
CYS SG   S N N 79  
CYS OXT  O N N 80  
CYS H    H N N 81  
CYS H2   H N N 82  
CYS HA   H N N 83  
CYS HB2  H N N 84  
CYS HB3  H N N 85  
CYS HG   H N N 86  
CYS HXT  H N N 87  
GLN N    N N N 88  
GLN CA   C N S 89  
GLN C    C N N 90  
GLN O    O N N 91  
GLN CB   C N N 92  
GLN CG   C N N 93  
GLN CD   C N N 94  
GLN OE1  O N N 95  
GLN NE2  N N N 96  
GLN OXT  O N N 97  
GLN H    H N N 98  
GLN H2   H N N 99  
GLN HA   H N N 100 
GLN HB2  H N N 101 
GLN HB3  H N N 102 
GLN HG2  H N N 103 
GLN HG3  H N N 104 
GLN HE21 H N N 105 
GLN HE22 H N N 106 
GLN HXT  H N N 107 
GLU N    N N N 108 
GLU CA   C N S 109 
GLU C    C N N 110 
GLU O    O N N 111 
GLU CB   C N N 112 
GLU CG   C N N 113 
GLU CD   C N N 114 
GLU OE1  O N N 115 
GLU OE2  O N N 116 
GLU OXT  O N N 117 
GLU H    H N N 118 
GLU H2   H N N 119 
GLU HA   H N N 120 
GLU HB2  H N N 121 
GLU HB3  H N N 122 
GLU HG2  H N N 123 
GLU HG3  H N N 124 
GLU HE2  H N N 125 
GLU HXT  H N N 126 
GLY N    N N N 127 
GLY CA   C N N 128 
GLY C    C N N 129 
GLY O    O N N 130 
GLY OXT  O N N 131 
GLY H    H N N 132 
GLY H2   H N N 133 
GLY HA2  H N N 134 
GLY HA3  H N N 135 
GLY HXT  H N N 136 
HIS N    N N N 137 
HIS CA   C N S 138 
HIS C    C N N 139 
HIS O    O N N 140 
HIS CB   C N N 141 
HIS CG   C Y N 142 
HIS ND1  N Y N 143 
HIS CD2  C Y N 144 
HIS CE1  C Y N 145 
HIS NE2  N Y N 146 
HIS OXT  O N N 147 
HIS H    H N N 148 
HIS H2   H N N 149 
HIS HA   H N N 150 
HIS HB2  H N N 151 
HIS HB3  H N N 152 
HIS HD1  H N N 153 
HIS HD2  H N N 154 
HIS HE1  H N N 155 
HIS HE2  H N N 156 
HIS HXT  H N N 157 
HOH O    O N N 158 
HOH H1   H N N 159 
HOH H2   H N N 160 
ILE N    N N N 161 
ILE CA   C N S 162 
ILE C    C N N 163 
ILE O    O N N 164 
ILE CB   C N S 165 
ILE CG1  C N N 166 
ILE CG2  C N N 167 
ILE CD1  C N N 168 
ILE OXT  O N N 169 
ILE H    H N N 170 
ILE H2   H N N 171 
ILE HA   H N N 172 
ILE HB   H N N 173 
ILE HG12 H N N 174 
ILE HG13 H N N 175 
ILE HG21 H N N 176 
ILE HG22 H N N 177 
ILE HG23 H N N 178 
ILE HD11 H N N 179 
ILE HD12 H N N 180 
ILE HD13 H N N 181 
ILE HXT  H N N 182 
LEU N    N N N 183 
LEU CA   C N S 184 
LEU C    C N N 185 
LEU O    O N N 186 
LEU CB   C N N 187 
LEU CG   C N N 188 
LEU CD1  C N N 189 
LEU CD2  C N N 190 
LEU OXT  O N N 191 
LEU H    H N N 192 
LEU H2   H N N 193 
LEU HA   H N N 194 
LEU HB2  H N N 195 
LEU HB3  H N N 196 
LEU HG   H N N 197 
LEU HD11 H N N 198 
LEU HD12 H N N 199 
LEU HD13 H N N 200 
LEU HD21 H N N 201 
LEU HD22 H N N 202 
LEU HD23 H N N 203 
LEU HXT  H N N 204 
LYS N    N N N 205 
LYS CA   C N S 206 
LYS C    C N N 207 
LYS O    O N N 208 
LYS CB   C N N 209 
LYS CG   C N N 210 
LYS CD   C N N 211 
LYS CE   C N N 212 
LYS NZ   N N N 213 
LYS OXT  O N N 214 
LYS H    H N N 215 
LYS H2   H N N 216 
LYS HA   H N N 217 
LYS HB2  H N N 218 
LYS HB3  H N N 219 
LYS HG2  H N N 220 
LYS HG3  H N N 221 
LYS HD2  H N N 222 
LYS HD3  H N N 223 
LYS HE2  H N N 224 
LYS HE3  H N N 225 
LYS HZ1  H N N 226 
LYS HZ2  H N N 227 
LYS HZ3  H N N 228 
LYS HXT  H N N 229 
MET N    N N N 230 
MET CA   C N S 231 
MET C    C N N 232 
MET O    O N N 233 
MET CB   C N N 234 
MET CG   C N N 235 
MET SD   S N N 236 
MET CE   C N N 237 
MET OXT  O N N 238 
MET H    H N N 239 
MET H2   H N N 240 
MET HA   H N N 241 
MET HB2  H N N 242 
MET HB3  H N N 243 
MET HG2  H N N 244 
MET HG3  H N N 245 
MET HE1  H N N 246 
MET HE2  H N N 247 
MET HE3  H N N 248 
MET HXT  H N N 249 
PHE N    N N N 250 
PHE CA   C N S 251 
PHE C    C N N 252 
PHE O    O N N 253 
PHE CB   C N N 254 
PHE CG   C Y N 255 
PHE CD1  C Y N 256 
PHE CD2  C Y N 257 
PHE CE1  C Y N 258 
PHE CE2  C Y N 259 
PHE CZ   C Y N 260 
PHE OXT  O N N 261 
PHE H    H N N 262 
PHE H2   H N N 263 
PHE HA   H N N 264 
PHE HB2  H N N 265 
PHE HB3  H N N 266 
PHE HD1  H N N 267 
PHE HD2  H N N 268 
PHE HE1  H N N 269 
PHE HE2  H N N 270 
PHE HZ   H N N 271 
PHE HXT  H N N 272 
PRO N    N N N 273 
PRO CA   C N S 274 
PRO C    C N N 275 
PRO O    O N N 276 
PRO CB   C N N 277 
PRO CG   C N N 278 
PRO CD   C N N 279 
PRO OXT  O N N 280 
PRO H    H N N 281 
PRO HA   H N N 282 
PRO HB2  H N N 283 
PRO HB3  H N N 284 
PRO HG2  H N N 285 
PRO HG3  H N N 286 
PRO HD2  H N N 287 
PRO HD3  H N N 288 
PRO HXT  H N N 289 
SER N    N N N 290 
SER CA   C N S 291 
SER C    C N N 292 
SER O    O N N 293 
SER CB   C N N 294 
SER OG   O N N 295 
SER OXT  O N N 296 
SER H    H N N 297 
SER H2   H N N 298 
SER HA   H N N 299 
SER HB2  H N N 300 
SER HB3  H N N 301 
SER HG   H N N 302 
SER HXT  H N N 303 
THR N    N N N 304 
THR CA   C N S 305 
THR C    C N N 306 
THR O    O N N 307 
THR CB   C N R 308 
THR OG1  O N N 309 
THR CG2  C N N 310 
THR OXT  O N N 311 
THR H    H N N 312 
THR H2   H N N 313 
THR HA   H N N 314 
THR HB   H N N 315 
THR HG1  H N N 316 
THR HG21 H N N 317 
THR HG22 H N N 318 
THR HG23 H N N 319 
THR HXT  H N N 320 
TYR N    N N N 321 
TYR CA   C N S 322 
TYR C    C N N 323 
TYR O    O N N 324 
TYR CB   C N N 325 
TYR CG   C Y N 326 
TYR CD1  C Y N 327 
TYR CD2  C Y N 328 
TYR CE1  C Y N 329 
TYR CE2  C Y N 330 
TYR CZ   C Y N 331 
TYR OH   O N N 332 
TYR OXT  O N N 333 
TYR H    H N N 334 
TYR H2   H N N 335 
TYR HA   H N N 336 
TYR HB2  H N N 337 
TYR HB3  H N N 338 
TYR HD1  H N N 339 
TYR HD2  H N N 340 
TYR HE1  H N N 341 
TYR HE2  H N N 342 
TYR HH   H N N 343 
TYR HXT  H N N 344 
VAL N    N N N 345 
VAL CA   C N S 346 
VAL C    C N N 347 
VAL O    O N N 348 
VAL CB   C N N 349 
VAL CG1  C N N 350 
VAL CG2  C N N 351 
VAL OXT  O N N 352 
VAL H    H N N 353 
VAL H2   H N N 354 
VAL HA   H N N 355 
VAL HB   H N N 356 
VAL HG11 H N N 357 
VAL HG12 H N N 358 
VAL HG13 H N N 359 
VAL HG21 H N N 360 
VAL HG22 H N N 361 
VAL HG23 H N N 362 
VAL HXT  H N N 363 
# 
loop_
_chem_comp_bond.comp_id 
_chem_comp_bond.atom_id_1 
_chem_comp_bond.atom_id_2 
_chem_comp_bond.value_order 
_chem_comp_bond.pdbx_aromatic_flag 
_chem_comp_bond.pdbx_stereo_config 
_chem_comp_bond.pdbx_ordinal 
ALA N   CA   sing N N 1   
ALA N   H    sing N N 2   
ALA N   H2   sing N N 3   
ALA CA  C    sing N N 4   
ALA CA  CB   sing N N 5   
ALA CA  HA   sing N N 6   
ALA C   O    doub N N 7   
ALA C   OXT  sing N N 8   
ALA CB  HB1  sing N N 9   
ALA CB  HB2  sing N N 10  
ALA CB  HB3  sing N N 11  
ALA OXT HXT  sing N N 12  
ARG N   CA   sing N N 13  
ARG N   H    sing N N 14  
ARG N   H2   sing N N 15  
ARG CA  C    sing N N 16  
ARG CA  CB   sing N N 17  
ARG CA  HA   sing N N 18  
ARG C   O    doub N N 19  
ARG C   OXT  sing N N 20  
ARG CB  CG   sing N N 21  
ARG CB  HB2  sing N N 22  
ARG CB  HB3  sing N N 23  
ARG CG  CD   sing N N 24  
ARG CG  HG2  sing N N 25  
ARG CG  HG3  sing N N 26  
ARG CD  NE   sing N N 27  
ARG CD  HD2  sing N N 28  
ARG CD  HD3  sing N N 29  
ARG NE  CZ   sing N N 30  
ARG NE  HE   sing N N 31  
ARG CZ  NH1  sing N N 32  
ARG CZ  NH2  doub N N 33  
ARG NH1 HH11 sing N N 34  
ARG NH1 HH12 sing N N 35  
ARG NH2 HH21 sing N N 36  
ARG NH2 HH22 sing N N 37  
ARG OXT HXT  sing N N 38  
ASN N   CA   sing N N 39  
ASN N   H    sing N N 40  
ASN N   H2   sing N N 41  
ASN CA  C    sing N N 42  
ASN CA  CB   sing N N 43  
ASN CA  HA   sing N N 44  
ASN C   O    doub N N 45  
ASN C   OXT  sing N N 46  
ASN CB  CG   sing N N 47  
ASN CB  HB2  sing N N 48  
ASN CB  HB3  sing N N 49  
ASN CG  OD1  doub N N 50  
ASN CG  ND2  sing N N 51  
ASN ND2 HD21 sing N N 52  
ASN ND2 HD22 sing N N 53  
ASN OXT HXT  sing N N 54  
ASP N   CA   sing N N 55  
ASP N   H    sing N N 56  
ASP N   H2   sing N N 57  
ASP CA  C    sing N N 58  
ASP CA  CB   sing N N 59  
ASP CA  HA   sing N N 60  
ASP C   O    doub N N 61  
ASP C   OXT  sing N N 62  
ASP CB  CG   sing N N 63  
ASP CB  HB2  sing N N 64  
ASP CB  HB3  sing N N 65  
ASP CG  OD1  doub N N 66  
ASP CG  OD2  sing N N 67  
ASP OD2 HD2  sing N N 68  
ASP OXT HXT  sing N N 69  
CYS N   CA   sing N N 70  
CYS N   H    sing N N 71  
CYS N   H2   sing N N 72  
CYS CA  C    sing N N 73  
CYS CA  CB   sing N N 74  
CYS CA  HA   sing N N 75  
CYS C   O    doub N N 76  
CYS C   OXT  sing N N 77  
CYS CB  SG   sing N N 78  
CYS CB  HB2  sing N N 79  
CYS CB  HB3  sing N N 80  
CYS SG  HG   sing N N 81  
CYS OXT HXT  sing N N 82  
GLN N   CA   sing N N 83  
GLN N   H    sing N N 84  
GLN N   H2   sing N N 85  
GLN CA  C    sing N N 86  
GLN CA  CB   sing N N 87  
GLN CA  HA   sing N N 88  
GLN C   O    doub N N 89  
GLN C   OXT  sing N N 90  
GLN CB  CG   sing N N 91  
GLN CB  HB2  sing N N 92  
GLN CB  HB3  sing N N 93  
GLN CG  CD   sing N N 94  
GLN CG  HG2  sing N N 95  
GLN CG  HG3  sing N N 96  
GLN CD  OE1  doub N N 97  
GLN CD  NE2  sing N N 98  
GLN NE2 HE21 sing N N 99  
GLN NE2 HE22 sing N N 100 
GLN OXT HXT  sing N N 101 
GLU N   CA   sing N N 102 
GLU N   H    sing N N 103 
GLU N   H2   sing N N 104 
GLU CA  C    sing N N 105 
GLU CA  CB   sing N N 106 
GLU CA  HA   sing N N 107 
GLU C   O    doub N N 108 
GLU C   OXT  sing N N 109 
GLU CB  CG   sing N N 110 
GLU CB  HB2  sing N N 111 
GLU CB  HB3  sing N N 112 
GLU CG  CD   sing N N 113 
GLU CG  HG2  sing N N 114 
GLU CG  HG3  sing N N 115 
GLU CD  OE1  doub N N 116 
GLU CD  OE2  sing N N 117 
GLU OE2 HE2  sing N N 118 
GLU OXT HXT  sing N N 119 
GLY N   CA   sing N N 120 
GLY N   H    sing N N 121 
GLY N   H2   sing N N 122 
GLY CA  C    sing N N 123 
GLY CA  HA2  sing N N 124 
GLY CA  HA3  sing N N 125 
GLY C   O    doub N N 126 
GLY C   OXT  sing N N 127 
GLY OXT HXT  sing N N 128 
HIS N   CA   sing N N 129 
HIS N   H    sing N N 130 
HIS N   H2   sing N N 131 
HIS CA  C    sing N N 132 
HIS CA  CB   sing N N 133 
HIS CA  HA   sing N N 134 
HIS C   O    doub N N 135 
HIS C   OXT  sing N N 136 
HIS CB  CG   sing N N 137 
HIS CB  HB2  sing N N 138 
HIS CB  HB3  sing N N 139 
HIS CG  ND1  sing Y N 140 
HIS CG  CD2  doub Y N 141 
HIS ND1 CE1  doub Y N 142 
HIS ND1 HD1  sing N N 143 
HIS CD2 NE2  sing Y N 144 
HIS CD2 HD2  sing N N 145 
HIS CE1 NE2  sing Y N 146 
HIS CE1 HE1  sing N N 147 
HIS NE2 HE2  sing N N 148 
HIS OXT HXT  sing N N 149 
HOH O   H1   sing N N 150 
HOH O   H2   sing N N 151 
ILE N   CA   sing N N 152 
ILE N   H    sing N N 153 
ILE N   H2   sing N N 154 
ILE CA  C    sing N N 155 
ILE CA  CB   sing N N 156 
ILE CA  HA   sing N N 157 
ILE C   O    doub N N 158 
ILE C   OXT  sing N N 159 
ILE CB  CG1  sing N N 160 
ILE CB  CG2  sing N N 161 
ILE CB  HB   sing N N 162 
ILE CG1 CD1  sing N N 163 
ILE CG1 HG12 sing N N 164 
ILE CG1 HG13 sing N N 165 
ILE CG2 HG21 sing N N 166 
ILE CG2 HG22 sing N N 167 
ILE CG2 HG23 sing N N 168 
ILE CD1 HD11 sing N N 169 
ILE CD1 HD12 sing N N 170 
ILE CD1 HD13 sing N N 171 
ILE OXT HXT  sing N N 172 
LEU N   CA   sing N N 173 
LEU N   H    sing N N 174 
LEU N   H2   sing N N 175 
LEU CA  C    sing N N 176 
LEU CA  CB   sing N N 177 
LEU CA  HA   sing N N 178 
LEU C   O    doub N N 179 
LEU C   OXT  sing N N 180 
LEU CB  CG   sing N N 181 
LEU CB  HB2  sing N N 182 
LEU CB  HB3  sing N N 183 
LEU CG  CD1  sing N N 184 
LEU CG  CD2  sing N N 185 
LEU CG  HG   sing N N 186 
LEU CD1 HD11 sing N N 187 
LEU CD1 HD12 sing N N 188 
LEU CD1 HD13 sing N N 189 
LEU CD2 HD21 sing N N 190 
LEU CD2 HD22 sing N N 191 
LEU CD2 HD23 sing N N 192 
LEU OXT HXT  sing N N 193 
LYS N   CA   sing N N 194 
LYS N   H    sing N N 195 
LYS N   H2   sing N N 196 
LYS CA  C    sing N N 197 
LYS CA  CB   sing N N 198 
LYS CA  HA   sing N N 199 
LYS C   O    doub N N 200 
LYS C   OXT  sing N N 201 
LYS CB  CG   sing N N 202 
LYS CB  HB2  sing N N 203 
LYS CB  HB3  sing N N 204 
LYS CG  CD   sing N N 205 
LYS CG  HG2  sing N N 206 
LYS CG  HG3  sing N N 207 
LYS CD  CE   sing N N 208 
LYS CD  HD2  sing N N 209 
LYS CD  HD3  sing N N 210 
LYS CE  NZ   sing N N 211 
LYS CE  HE2  sing N N 212 
LYS CE  HE3  sing N N 213 
LYS NZ  HZ1  sing N N 214 
LYS NZ  HZ2  sing N N 215 
LYS NZ  HZ3  sing N N 216 
LYS OXT HXT  sing N N 217 
MET N   CA   sing N N 218 
MET N   H    sing N N 219 
MET N   H2   sing N N 220 
MET CA  C    sing N N 221 
MET CA  CB   sing N N 222 
MET CA  HA   sing N N 223 
MET C   O    doub N N 224 
MET C   OXT  sing N N 225 
MET CB  CG   sing N N 226 
MET CB  HB2  sing N N 227 
MET CB  HB3  sing N N 228 
MET CG  SD   sing N N 229 
MET CG  HG2  sing N N 230 
MET CG  HG3  sing N N 231 
MET SD  CE   sing N N 232 
MET CE  HE1  sing N N 233 
MET CE  HE2  sing N N 234 
MET CE  HE3  sing N N 235 
MET OXT HXT  sing N N 236 
PHE N   CA   sing N N 237 
PHE N   H    sing N N 238 
PHE N   H2   sing N N 239 
PHE CA  C    sing N N 240 
PHE CA  CB   sing N N 241 
PHE CA  HA   sing N N 242 
PHE C   O    doub N N 243 
PHE C   OXT  sing N N 244 
PHE CB  CG   sing N N 245 
PHE CB  HB2  sing N N 246 
PHE CB  HB3  sing N N 247 
PHE CG  CD1  doub Y N 248 
PHE CG  CD2  sing Y N 249 
PHE CD1 CE1  sing Y N 250 
PHE CD1 HD1  sing N N 251 
PHE CD2 CE2  doub Y N 252 
PHE CD2 HD2  sing N N 253 
PHE CE1 CZ   doub Y N 254 
PHE CE1 HE1  sing N N 255 
PHE CE2 CZ   sing Y N 256 
PHE CE2 HE2  sing N N 257 
PHE CZ  HZ   sing N N 258 
PHE OXT HXT  sing N N 259 
PRO N   CA   sing N N 260 
PRO N   CD   sing N N 261 
PRO N   H    sing N N 262 
PRO CA  C    sing N N 263 
PRO CA  CB   sing N N 264 
PRO CA  HA   sing N N 265 
PRO C   O    doub N N 266 
PRO C   OXT  sing N N 267 
PRO CB  CG   sing N N 268 
PRO CB  HB2  sing N N 269 
PRO CB  HB3  sing N N 270 
PRO CG  CD   sing N N 271 
PRO CG  HG2  sing N N 272 
PRO CG  HG3  sing N N 273 
PRO CD  HD2  sing N N 274 
PRO CD  HD3  sing N N 275 
PRO OXT HXT  sing N N 276 
SER N   CA   sing N N 277 
SER N   H    sing N N 278 
SER N   H2   sing N N 279 
SER CA  C    sing N N 280 
SER CA  CB   sing N N 281 
SER CA  HA   sing N N 282 
SER C   O    doub N N 283 
SER C   OXT  sing N N 284 
SER CB  OG   sing N N 285 
SER CB  HB2  sing N N 286 
SER CB  HB3  sing N N 287 
SER OG  HG   sing N N 288 
SER OXT HXT  sing N N 289 
THR N   CA   sing N N 290 
THR N   H    sing N N 291 
THR N   H2   sing N N 292 
THR CA  C    sing N N 293 
THR CA  CB   sing N N 294 
THR CA  HA   sing N N 295 
THR C   O    doub N N 296 
THR C   OXT  sing N N 297 
THR CB  OG1  sing N N 298 
THR CB  CG2  sing N N 299 
THR CB  HB   sing N N 300 
THR OG1 HG1  sing N N 301 
THR CG2 HG21 sing N N 302 
THR CG2 HG22 sing N N 303 
THR CG2 HG23 sing N N 304 
THR OXT HXT  sing N N 305 
TYR N   CA   sing N N 306 
TYR N   H    sing N N 307 
TYR N   H2   sing N N 308 
TYR CA  C    sing N N 309 
TYR CA  CB   sing N N 310 
TYR CA  HA   sing N N 311 
TYR C   O    doub N N 312 
TYR C   OXT  sing N N 313 
TYR CB  CG   sing N N 314 
TYR CB  HB2  sing N N 315 
TYR CB  HB3  sing N N 316 
TYR CG  CD1  doub Y N 317 
TYR CG  CD2  sing Y N 318 
TYR CD1 CE1  sing Y N 319 
TYR CD1 HD1  sing N N 320 
TYR CD2 CE2  doub Y N 321 
TYR CD2 HD2  sing N N 322 
TYR CE1 CZ   doub Y N 323 
TYR CE1 HE1  sing N N 324 
TYR CE2 CZ   sing Y N 325 
TYR CE2 HE2  sing N N 326 
TYR CZ  OH   sing N N 327 
TYR OH  HH   sing N N 328 
TYR OXT HXT  sing N N 329 
VAL N   CA   sing N N 330 
VAL N   H    sing N N 331 
VAL N   H2   sing N N 332 
VAL CA  C    sing N N 333 
VAL CA  CB   sing N N 334 
VAL CA  HA   sing N N 335 
VAL C   O    doub N N 336 
VAL C   OXT  sing N N 337 
VAL CB  CG1  sing N N 338 
VAL CB  CG2  sing N N 339 
VAL CB  HB   sing N N 340 
VAL CG1 HG11 sing N N 341 
VAL CG1 HG12 sing N N 342 
VAL CG1 HG13 sing N N 343 
VAL CG2 HG21 sing N N 344 
VAL CG2 HG22 sing N N 345 
VAL CG2 HG23 sing N N 346 
VAL OXT HXT  sing N N 347 
# 
loop_
_pdbx_entity_nonpoly.entity_id 
_pdbx_entity_nonpoly.name 
_pdbx_entity_nonpoly.comp_id 
2 'UNKNOWN ATOM OR ION' UNX 
3 water                 HOH 
# 
loop_
_pdbx_initial_refinement_model.id 
_pdbx_initial_refinement_model.entity_id_list 
_pdbx_initial_refinement_model.type 
_pdbx_initial_refinement_model.source_name 
_pdbx_initial_refinement_model.accession_code 
_pdbx_initial_refinement_model.details 
1 ? 'experimental model' PDB 3LPY 'composite of pdb entries 3LPY and 2J8A' 
2 ? 'experimental model' PDB 2J8A 'composite of pdb entries 3LPY and 2J8A' 
# 
